data_4AM8
#
_entry.id   4AM8
#
_cell.length_a   103.690
_cell.length_b   130.600
_cell.length_c   164.157
_cell.angle_alpha   90.00
_cell.angle_beta   104.25
_cell.angle_gamma   90.00
#
_symmetry.space_group_name_H-M   'I 1 2 1'
#
loop_
_entity.id
_entity.type
_entity.pdbx_description
1 polymer 'PUTRESCINE CARBAMOYLTRANSFERASE'
2 non-polymer GLUTAMINE
3 non-polymer N-(PHOSPHONOACETYL)-L-ORNITHINE
4 non-polymer GUANIDINE
5 non-polymer 2-AMINO-2-HYDROXYMETHYL-PROPANE-1,3-DIOL
6 non-polymer 'NICKEL (II) ION'
7 non-polymer ISOLEUCINE
8 water water
#
_entity_poly.entity_id   1
_entity_poly.type   'polypeptide(L)'
_entity_poly.pdbx_seq_one_letter_code
;MKRDYVTTETYTKEEMHYLVDLSLKIKEAIKNGYYPQLLKNKSLGMIFQQSSTGTRVSFETAMEQLGGHGEYLAPGQIQL
GGHETIEDTSRVLSRLVDILMARVERHHSIVDLANCATIPVINGMSDYNHPTQELGDLCTMVEHLPEGKKLEDCKVVFVG
DATQVCFSLGLITTKMGMNFVHFGPEGFQLNEEHQAKLAKNCEVSGGSFLVTDDASSVEGADFLYTDVWYGLYEAELSEE
ERMKVFYPKYQVNQEMMDRAGANCKFMHCLPATRGEEVTDEVIDGKNSICFDEAENRLTSIRGLLVYLMNDYEAKNPYDL
IKQAEAKKELEVFLDTQSISAAKLAAALEHHHHHH
;
_entity_poly.pdbx_strand_id   A,B,C,D,E,F
#
# COMPACT_ATOMS: atom_id res chain seq x y z
N MET A 1 -46.87 3.05 -33.80
CA MET A 1 -47.06 1.70 -33.21
C MET A 1 -45.79 1.27 -32.48
N LYS A 2 -45.95 0.77 -31.26
CA LYS A 2 -44.86 0.26 -30.45
C LYS A 2 -45.17 -1.06 -29.74
N ARG A 3 -44.13 -1.64 -29.16
CA ARG A 3 -44.30 -2.73 -28.20
C ARG A 3 -43.70 -2.32 -26.87
N ASP A 4 -44.28 -2.80 -25.77
CA ASP A 4 -43.76 -2.55 -24.42
C ASP A 4 -43.20 -3.80 -23.76
N TYR A 5 -42.51 -3.60 -22.64
CA TYR A 5 -42.01 -4.68 -21.80
C TYR A 5 -42.37 -4.40 -20.35
N VAL A 6 -43.65 -4.63 -20.05
CA VAL A 6 -44.22 -4.38 -18.72
C VAL A 6 -44.32 -5.70 -17.93
N THR A 7 -44.70 -6.77 -18.63
CA THR A 7 -44.75 -8.11 -18.04
C THR A 7 -44.41 -9.16 -19.10
N THR A 8 -43.73 -10.23 -18.67
CA THR A 8 -43.45 -11.37 -19.55
C THR A 8 -44.71 -12.16 -19.90
N GLU A 9 -45.82 -11.83 -19.26
CA GLU A 9 -47.11 -12.44 -19.58
C GLU A 9 -47.56 -12.18 -21.04
N THR A 10 -47.06 -11.11 -21.66
CA THR A 10 -47.37 -10.80 -23.05
C THR A 10 -46.29 -11.32 -24.04
N TYR A 11 -45.37 -12.14 -23.55
CA TYR A 11 -44.30 -12.71 -24.37
C TYR A 11 -44.40 -14.25 -24.38
N THR A 12 -44.19 -14.87 -25.53
CA THR A 12 -44.16 -16.35 -25.64
C THR A 12 -42.79 -16.90 -25.29
N LYS A 13 -42.72 -18.21 -25.05
CA LYS A 13 -41.46 -18.91 -24.81
C LYS A 13 -40.46 -18.64 -25.94
N GLU A 14 -40.94 -18.71 -27.17
CA GLU A 14 -40.09 -18.48 -28.34
C GLU A 14 -39.53 -17.06 -28.38
N GLU A 15 -40.35 -16.07 -28.02
CA GLU A 15 -39.89 -14.67 -27.94
C GLU A 15 -38.86 -14.48 -26.83
N MET A 16 -39.04 -15.14 -25.69
CA MET A 16 -38.07 -15.03 -24.60
C MET A 16 -36.75 -15.68 -25.01
N HIS A 17 -36.80 -16.81 -25.71
CA HIS A 17 -35.59 -17.43 -26.27
C HIS A 17 -34.84 -16.52 -27.19
N TYR A 18 -35.57 -15.79 -28.05
CA TYR A 18 -34.97 -14.81 -28.95
C TYR A 18 -34.25 -13.71 -28.16
N LEU A 19 -34.90 -13.20 -27.12
CA LEU A 19 -34.30 -12.16 -26.28
C LEU A 19 -33.02 -12.62 -25.58
N VAL A 20 -33.04 -13.84 -25.08
CA VAL A 20 -31.85 -14.44 -24.47
C VAL A 20 -30.72 -14.55 -25.49
N ASP A 21 -31.03 -15.09 -26.68
CA ASP A 21 -30.01 -15.28 -27.71
C ASP A 21 -29.41 -13.94 -28.15
N LEU A 22 -30.27 -12.93 -28.35
CA LEU A 22 -29.81 -11.58 -28.72
C LEU A 22 -28.90 -10.98 -27.63
N SER A 23 -29.37 -11.06 -26.39
CA SER A 23 -28.60 -10.56 -25.24
C SER A 23 -27.24 -11.22 -25.13
N LEU A 24 -27.17 -12.54 -25.28
CA LEU A 24 -25.91 -13.25 -25.13
C LEU A 24 -24.93 -12.96 -26.29
N LYS A 25 -25.46 -12.74 -27.49
CA LYS A 25 -24.59 -12.42 -28.63
C LYS A 25 -24.00 -11.01 -28.51
N ILE A 26 -24.79 -10.07 -28.02
CA ILE A 26 -24.28 -8.73 -27.75
C ILE A 26 -23.23 -8.80 -26.63
N LYS A 27 -23.50 -9.61 -25.61
CA LYS A 27 -22.55 -9.80 -24.51
C LYS A 27 -21.20 -10.30 -24.98
N GLU A 28 -21.20 -11.29 -25.87
CA GLU A 28 -19.96 -11.87 -26.35
C GLU A 28 -19.17 -10.88 -27.23
N ALA A 29 -19.87 -10.05 -27.99
CA ALA A 29 -19.23 -9.00 -28.77
C ALA A 29 -18.49 -8.03 -27.85
N ILE A 30 -19.22 -7.49 -26.87
CA ILE A 30 -18.67 -6.49 -25.95
C ILE A 30 -17.56 -7.07 -25.07
N LYS A 31 -17.72 -8.31 -24.61
CA LYS A 31 -16.69 -9.00 -23.85
C LYS A 31 -15.35 -9.04 -24.59
N ASN A 32 -15.41 -9.17 -25.91
CA ASN A 32 -14.20 -9.21 -26.74
C ASN A 32 -13.86 -7.88 -27.38
N GLY A 33 -14.52 -6.81 -26.96
CA GLY A 33 -14.14 -5.46 -27.34
C GLY A 33 -14.79 -4.87 -28.58
N TYR A 34 -15.85 -5.51 -29.09
CA TYR A 34 -16.63 -4.91 -30.17
C TYR A 34 -17.95 -4.38 -29.61
N TYR A 35 -18.15 -3.06 -29.69
CA TYR A 35 -19.36 -2.42 -29.20
C TYR A 35 -20.28 -2.13 -30.39
N PRO A 36 -21.35 -2.91 -30.55
CA PRO A 36 -22.24 -2.67 -31.69
C PRO A 36 -23.09 -1.42 -31.47
N GLN A 37 -23.00 -0.47 -32.39
CA GLN A 37 -23.68 0.80 -32.25
C GLN A 37 -25.12 0.72 -32.78
N LEU A 38 -25.95 -0.04 -32.08
CA LEU A 38 -27.32 -0.36 -32.52
C LEU A 38 -28.36 0.69 -32.08
N LEU A 39 -27.98 1.60 -31.18
CA LEU A 39 -28.87 2.66 -30.70
C LEU A 39 -28.26 4.05 -30.91
N LYS A 40 -27.60 4.23 -32.06
CA LYS A 40 -26.86 5.46 -32.35
C LYS A 40 -27.75 6.71 -32.29
N ASN A 41 -27.36 7.67 -31.46
CA ASN A 41 -28.08 8.93 -31.26
C ASN A 41 -29.49 8.82 -30.64
N LYS A 42 -29.80 7.67 -30.07
CA LYS A 42 -31.10 7.46 -29.42
C LYS A 42 -31.06 7.84 -27.94
N SER A 43 -32.18 8.36 -27.44
CA SER A 43 -32.27 8.83 -26.06
C SER A 43 -33.29 8.03 -25.27
N LEU A 44 -32.89 7.60 -24.08
CA LEU A 44 -33.75 6.87 -23.15
C LEU A 44 -34.08 7.76 -21.97
N GLY A 45 -35.37 7.96 -21.70
CA GLY A 45 -35.80 8.60 -20.46
C GLY A 45 -35.87 7.56 -19.34
N MET A 46 -35.19 7.81 -18.23
CA MET A 46 -35.16 6.86 -17.09
C MET A 46 -35.84 7.44 -15.87
N ILE A 47 -37.08 7.04 -15.63
CA ILE A 47 -37.86 7.56 -14.52
C ILE A 47 -37.69 6.64 -13.32
N PHE A 48 -37.13 7.16 -12.24
CA PHE A 48 -37.00 6.39 -10.99
C PHE A 48 -37.79 7.02 -9.85
N GLN A 49 -38.83 6.33 -9.39
CA GLN A 49 -39.60 6.78 -8.22
C GLN A 49 -38.98 6.29 -6.91
N GLN A 50 -38.04 5.36 -7.01
CA GLN A 50 -37.35 4.79 -5.83
C GLN A 50 -35.88 4.66 -6.15
N SER A 51 -35.06 4.40 -5.13
CA SER A 51 -33.63 4.22 -5.33
C SER A 51 -33.32 2.95 -6.14
N SER A 52 -32.14 2.97 -6.78
CA SER A 52 -31.65 1.84 -7.55
C SER A 52 -30.16 2.00 -7.81
N THR A 53 -29.43 0.90 -7.74
CA THR A 53 -28.04 0.88 -8.20
C THR A 53 -27.91 0.04 -9.47
N GLY A 54 -28.23 -1.25 -9.37
CA GLY A 54 -28.07 -2.19 -10.49
C GLY A 54 -28.89 -1.84 -11.73
N THR A 55 -30.18 -1.59 -11.54
CA THR A 55 -31.05 -1.31 -12.66
C THR A 55 -30.68 0.02 -13.32
N ARG A 56 -30.50 1.04 -12.51
CA ARG A 56 -30.16 2.38 -13.02
C ARG A 56 -28.83 2.40 -13.78
N VAL A 57 -27.78 1.84 -13.18
CA VAL A 57 -26.46 1.84 -13.80
C VAL A 57 -26.47 0.98 -15.08
N SER A 58 -27.19 -0.15 -15.05
CA SER A 58 -27.32 -1.01 -16.24
C SER A 58 -27.91 -0.27 -17.44
N PHE A 59 -29.01 0.46 -17.21
CA PHE A 59 -29.64 1.22 -18.29
C PHE A 59 -28.72 2.32 -18.84
N GLU A 60 -28.05 3.04 -17.95
CA GLU A 60 -27.22 4.17 -18.35
C GLU A 60 -25.97 3.68 -19.12
N THR A 61 -25.36 2.61 -18.61
CA THR A 61 -24.21 1.99 -19.27
C THR A 61 -24.60 1.36 -20.62
N ALA A 62 -25.73 0.64 -20.64
CA ALA A 62 -26.22 0.00 -21.87
C ALA A 62 -26.37 1.02 -23.00
N MET A 63 -26.99 2.17 -22.71
CA MET A 63 -27.17 3.19 -23.73
C MET A 63 -25.82 3.68 -24.29
N GLU A 64 -24.85 3.97 -23.42
CA GLU A 64 -23.52 4.38 -23.86
C GLU A 64 -22.82 3.33 -24.72
N GLN A 65 -22.89 2.07 -24.31
CA GLN A 65 -22.25 0.99 -25.04
C GLN A 65 -22.82 0.81 -26.44
N LEU A 66 -24.11 1.11 -26.60
CA LEU A 66 -24.81 0.89 -27.86
C LEU A 66 -24.94 2.17 -28.70
N GLY A 67 -24.31 3.26 -28.27
CA GLY A 67 -24.20 4.49 -29.06
C GLY A 67 -25.21 5.58 -28.78
N GLY A 68 -26.03 5.38 -27.73
CA GLY A 68 -27.05 6.36 -27.34
C GLY A 68 -26.77 6.95 -25.98
N HIS A 69 -27.82 7.38 -25.29
CA HIS A 69 -27.69 8.07 -24.01
C HIS A 69 -28.91 7.91 -23.15
N GLY A 70 -28.69 7.69 -21.86
CA GLY A 70 -29.77 7.58 -20.87
C GLY A 70 -29.84 8.83 -20.03
N GLU A 71 -31.05 9.38 -19.85
CA GLU A 71 -31.29 10.55 -19.02
C GLU A 71 -31.93 10.14 -17.69
N TYR A 72 -31.26 10.44 -16.58
CA TYR A 72 -31.74 10.04 -15.25
C TYR A 72 -32.70 11.05 -14.68
N LEU A 73 -33.96 10.65 -14.53
CA LEU A 73 -34.99 11.51 -13.95
C LEU A 73 -35.29 11.01 -12.52
N ALA A 74 -34.73 11.70 -11.54
CA ALA A 74 -34.69 11.23 -10.16
C ALA A 74 -36.07 11.24 -9.47
N PRO A 75 -36.18 10.55 -8.32
CA PRO A 75 -37.41 10.56 -7.54
C PRO A 75 -37.91 11.97 -7.23
N GLY A 76 -39.16 12.25 -7.58
CA GLY A 76 -39.76 13.57 -7.35
C GLY A 76 -39.76 14.48 -8.56
N GLN A 77 -39.01 14.12 -9.61
CA GLN A 77 -39.02 14.87 -10.85
C GLN A 77 -40.29 14.61 -11.66
N ILE A 78 -40.77 13.37 -11.63
CA ILE A 78 -41.94 12.98 -12.41
C ILE A 78 -42.99 12.28 -11.55
N GLN A 79 -44.19 12.86 -11.46
CA GLN A 79 -45.32 12.28 -10.72
C GLN A 79 -46.11 11.32 -11.62
N LEU A 80 -46.29 10.09 -11.16
CA LEU A 80 -47.08 9.09 -11.88
C LEU A 80 -48.34 8.63 -11.16
N GLY A 81 -48.74 9.35 -10.11
CA GLY A 81 -49.91 8.94 -9.34
C GLY A 81 -51.27 8.95 -10.02
N GLY A 82 -51.57 10.01 -10.75
CA GLY A 82 -52.90 10.23 -11.27
C GLY A 82 -52.98 10.10 -12.77
N HIS A 83 -54.07 9.56 -13.29
CA HIS A 83 -54.15 9.33 -14.73
C HIS A 83 -53.96 10.57 -15.55
N GLU A 84 -54.57 11.67 -15.10
CA GLU A 84 -54.54 12.94 -15.86
C GLU A 84 -53.10 13.41 -16.00
N THR A 85 -52.32 13.36 -14.92
CA THR A 85 -50.95 13.84 -14.95
C THR A 85 -50.16 12.90 -15.82
N ILE A 86 -50.40 11.58 -15.71
CA ILE A 86 -49.67 10.59 -16.48
C ILE A 86 -49.90 10.72 -18.00
N GLU A 87 -51.12 10.99 -18.42
CA GLU A 87 -51.42 11.21 -19.85
C GLU A 87 -50.63 12.39 -20.44
N ASP A 88 -50.63 13.51 -19.73
CA ASP A 88 -49.93 14.71 -20.21
C ASP A 88 -48.41 14.48 -20.25
N THR A 89 -47.86 13.88 -19.21
CA THR A 89 -46.43 13.59 -19.15
C THR A 89 -46.02 12.61 -20.25
N SER A 90 -46.83 11.59 -20.47
CA SER A 90 -46.57 10.58 -21.49
C SER A 90 -46.52 11.23 -22.87
N ARG A 91 -47.44 12.13 -23.15
CA ARG A 91 -47.50 12.79 -24.46
C ARG A 91 -46.34 13.77 -24.68
N VAL A 92 -45.91 14.46 -23.62
CA VAL A 92 -44.73 15.34 -23.71
C VAL A 92 -43.46 14.49 -23.94
N LEU A 93 -43.22 13.51 -23.08
CA LEU A 93 -42.01 12.68 -23.18
C LEU A 93 -41.92 11.91 -24.49
N SER A 94 -43.06 11.45 -25.01
CA SER A 94 -43.10 10.70 -26.26
C SER A 94 -42.55 11.50 -27.43
N ARG A 95 -42.57 12.83 -27.34
CA ARG A 95 -42.02 13.69 -28.40
C ARG A 95 -40.55 14.02 -28.21
N LEU A 96 -40.02 13.71 -27.02
CA LEU A 96 -38.70 14.20 -26.62
C LEU A 96 -37.63 13.12 -26.45
N VAL A 97 -38.02 11.86 -26.22
CA VAL A 97 -37.10 10.74 -26.15
C VAL A 97 -37.59 9.63 -27.06
N ASP A 98 -36.74 8.64 -27.30
CA ASP A 98 -37.07 7.54 -28.20
C ASP A 98 -37.64 6.33 -27.50
N ILE A 99 -37.33 6.18 -26.22
CA ILE A 99 -37.73 5.02 -25.43
C ILE A 99 -37.72 5.42 -23.97
N LEU A 100 -38.53 4.75 -23.16
CA LEU A 100 -38.75 5.10 -21.77
C LEU A 100 -38.62 3.88 -20.86
N MET A 101 -38.06 4.07 -19.68
CA MET A 101 -38.22 3.08 -18.61
C MET A 101 -38.65 3.78 -17.34
N ALA A 102 -39.25 3.03 -16.42
CA ALA A 102 -39.65 3.56 -15.13
C ALA A 102 -39.64 2.49 -14.05
N ARG A 103 -39.09 2.83 -12.89
CA ARG A 103 -39.24 2.05 -11.67
C ARG A 103 -40.28 2.76 -10.84
N VAL A 104 -41.37 2.07 -10.50
CA VAL A 104 -42.54 2.73 -9.90
C VAL A 104 -42.91 2.11 -8.57
N GLU A 105 -43.55 2.90 -7.71
CA GLU A 105 -44.04 2.43 -6.43
C GLU A 105 -45.24 1.48 -6.60
N ARG A 106 -46.16 1.85 -7.49
CA ARG A 106 -47.40 1.08 -7.71
C ARG A 106 -47.51 0.65 -9.17
N HIS A 107 -47.81 -0.61 -9.40
CA HIS A 107 -47.81 -1.20 -10.74
C HIS A 107 -48.71 -0.46 -11.73
N HIS A 108 -49.86 0.04 -11.27
CA HIS A 108 -50.78 0.75 -12.19
C HIS A 108 -50.13 1.91 -12.89
N SER A 109 -49.14 2.53 -12.24
CA SER A 109 -48.41 3.64 -12.87
C SER A 109 -47.65 3.23 -14.12
N ILE A 110 -46.97 2.09 -14.09
CA ILE A 110 -46.20 1.63 -15.27
C ILE A 110 -47.16 1.14 -16.37
N VAL A 111 -48.25 0.49 -15.97
CA VAL A 111 -49.29 0.09 -16.92
C VAL A 111 -49.87 1.32 -17.65
N ASP A 112 -50.18 2.36 -16.90
CA ASP A 112 -50.75 3.58 -17.46
C ASP A 112 -49.73 4.30 -18.38
N LEU A 113 -48.49 4.41 -17.94
CA LEU A 113 -47.42 5.03 -18.74
C LEU A 113 -47.29 4.33 -20.10
N ALA A 114 -47.26 2.99 -20.08
CA ALA A 114 -47.14 2.19 -21.30
C ALA A 114 -48.36 2.38 -22.22
N ASN A 115 -49.54 2.45 -21.60
CA ASN A 115 -50.81 2.67 -22.34
C ASN A 115 -50.85 4.02 -23.04
N CYS A 116 -50.34 5.07 -22.39
CA CYS A 116 -50.43 6.45 -22.91
C CYS A 116 -49.27 6.83 -23.83
N ALA A 117 -48.06 6.34 -23.56
CA ALA A 117 -46.89 6.68 -24.38
C ALA A 117 -47.00 6.06 -25.78
N THR A 118 -46.54 6.78 -26.79
CA THR A 118 -46.50 6.24 -28.16
C THR A 118 -45.11 5.70 -28.53
N ILE A 119 -44.21 5.65 -27.54
CA ILE A 119 -42.89 5.03 -27.69
C ILE A 119 -42.79 3.82 -26.74
N PRO A 120 -41.83 2.91 -26.95
CA PRO A 120 -41.72 1.73 -26.08
C PRO A 120 -41.46 2.08 -24.61
N VAL A 121 -42.08 1.35 -23.69
CA VAL A 121 -41.95 1.54 -22.26
C VAL A 121 -41.54 0.24 -21.57
N ILE A 122 -40.52 0.34 -20.73
CA ILE A 122 -39.96 -0.79 -19.98
C ILE A 122 -40.17 -0.60 -18.49
N ASN A 123 -40.64 -1.66 -17.84
CA ASN A 123 -40.86 -1.70 -16.40
C ASN A 123 -39.55 -2.03 -15.70
N GLY A 124 -39.03 -1.09 -14.93
CA GLY A 124 -37.76 -1.26 -14.18
C GLY A 124 -37.94 -1.76 -12.75
N MET A 125 -39.14 -2.27 -12.46
CA MET A 125 -39.59 -2.89 -11.21
C MET A 125 -40.79 -2.12 -10.65
N SER A 126 -41.80 -2.87 -10.21
CA SER A 126 -42.93 -2.32 -9.50
C SER A 126 -43.15 -3.14 -8.23
N ASP A 127 -44.24 -2.86 -7.51
CA ASP A 127 -44.61 -3.71 -6.38
C ASP A 127 -45.18 -5.07 -6.82
N TYR A 128 -45.45 -5.25 -8.11
CA TYR A 128 -46.07 -6.48 -8.65
C TYR A 128 -45.05 -7.44 -9.29
N ASN A 129 -44.17 -6.93 -10.14
CA ASN A 129 -43.21 -7.79 -10.84
C ASN A 129 -41.90 -7.04 -11.15
N HIS A 130 -40.98 -7.74 -11.81
CA HIS A 130 -39.66 -7.20 -12.12
C HIS A 130 -39.14 -7.89 -13.35
N PRO A 131 -39.70 -7.55 -14.52
CA PRO A 131 -39.45 -8.35 -15.73
C PRO A 131 -38.04 -8.28 -16.34
N THR A 132 -37.28 -7.21 -16.09
CA THR A 132 -35.88 -7.15 -16.55
C THR A 132 -35.02 -8.10 -15.70
N GLN A 133 -35.35 -8.22 -14.42
CA GLN A 133 -34.73 -9.22 -13.55
C GLN A 133 -34.98 -10.64 -14.11
N GLU A 134 -36.21 -10.92 -14.54
CA GLU A 134 -36.57 -12.22 -15.13
C GLU A 134 -35.65 -12.60 -16.28
N LEU A 135 -35.48 -11.68 -17.22
CA LEU A 135 -34.66 -11.96 -18.39
C LEU A 135 -33.19 -12.15 -18.00
N GLY A 136 -32.69 -11.31 -17.10
CA GLY A 136 -31.32 -11.46 -16.59
C GLY A 136 -31.09 -12.77 -15.89
N ASP A 137 -32.05 -13.19 -15.08
CA ASP A 137 -31.96 -14.47 -14.38
C ASP A 137 -32.02 -15.65 -15.35
N LEU A 138 -32.84 -15.54 -16.38
CA LEU A 138 -32.92 -16.56 -17.41
C LEU A 138 -31.58 -16.70 -18.16
N CYS A 139 -30.99 -15.57 -18.55
CA CYS A 139 -29.68 -15.57 -19.17
C CYS A 139 -28.66 -16.30 -18.29
N THR A 140 -28.72 -16.03 -17.00
CA THR A 140 -27.78 -16.59 -16.02
C THR A 140 -27.96 -18.11 -15.89
N MET A 141 -29.21 -18.57 -15.83
CA MET A 141 -29.47 -20.01 -15.74
C MET A 141 -29.02 -20.74 -17.00
N VAL A 142 -29.23 -20.13 -18.16
CA VAL A 142 -28.77 -20.71 -19.43
C VAL A 142 -27.25 -20.85 -19.43
N GLU A 143 -26.55 -19.83 -18.92
CA GLU A 143 -25.08 -19.88 -18.86
C GLU A 143 -24.54 -20.87 -17.84
N HIS A 144 -25.36 -21.24 -16.86
CA HIS A 144 -24.93 -22.12 -15.79
C HIS A 144 -25.75 -23.40 -15.71
N LEU A 145 -26.22 -23.89 -16.86
CA LEU A 145 -26.96 -25.16 -16.90
C LEU A 145 -26.13 -26.31 -16.30
N PRO A 146 -26.76 -27.14 -15.45
CA PRO A 146 -26.09 -28.35 -14.98
C PRO A 146 -25.65 -29.25 -16.13
N GLU A 147 -24.54 -29.96 -15.94
CA GLU A 147 -24.02 -30.88 -16.94
C GLU A 147 -25.09 -31.83 -17.45
N GLY A 148 -25.35 -31.79 -18.75
CA GLY A 148 -26.25 -32.75 -19.40
C GLY A 148 -27.74 -32.53 -19.16
N LYS A 149 -28.11 -31.37 -18.63
CA LYS A 149 -29.52 -31.03 -18.43
C LYS A 149 -29.97 -29.93 -19.38
N LYS A 150 -31.20 -30.05 -19.86
CA LYS A 150 -31.84 -28.97 -20.59
C LYS A 150 -32.52 -28.03 -19.59
N LEU A 151 -32.79 -26.81 -20.02
CA LEU A 151 -33.45 -25.80 -19.20
C LEU A 151 -34.74 -26.34 -18.56
N GLU A 152 -35.58 -26.97 -19.37
CA GLU A 152 -36.88 -27.49 -18.91
C GLU A 152 -36.76 -28.68 -17.94
N ASP A 153 -35.58 -29.29 -17.84
CA ASP A 153 -35.35 -30.35 -16.85
C ASP A 153 -34.94 -29.81 -15.48
N CYS A 154 -34.75 -28.50 -15.36
CA CYS A 154 -34.22 -27.91 -14.11
C CYS A 154 -35.30 -27.59 -13.08
N LYS A 155 -34.90 -27.64 -11.81
CA LYS A 155 -35.74 -27.27 -10.68
C LYS A 155 -35.18 -26.00 -10.05
N VAL A 156 -36.04 -24.99 -9.89
CA VAL A 156 -35.67 -23.70 -9.33
C VAL A 156 -36.50 -23.47 -8.08
N VAL A 157 -35.84 -23.30 -6.94
CA VAL A 157 -36.54 -23.10 -5.67
C VAL A 157 -36.26 -21.69 -5.13
N PHE A 158 -37.31 -20.89 -4.98
CA PHE A 158 -37.19 -19.59 -4.33
C PHE A 158 -37.51 -19.78 -2.85
N VAL A 159 -36.64 -19.27 -1.98
CA VAL A 159 -36.77 -19.42 -0.53
C VAL A 159 -37.13 -18.07 0.09
N GLY A 160 -38.19 -18.05 0.90
CA GLY A 160 -38.49 -16.89 1.73
C GLY A 160 -39.78 -16.16 1.41
N ASP A 161 -39.70 -14.83 1.37
CA ASP A 161 -40.85 -13.93 1.18
C ASP A 161 -41.39 -13.93 -0.25
N ALA A 162 -42.69 -13.71 -0.41
CA ALA A 162 -43.29 -13.63 -1.73
C ALA A 162 -43.14 -12.24 -2.33
N THR A 163 -41.91 -11.87 -2.65
CA THR A 163 -41.59 -10.57 -3.24
C THR A 163 -41.95 -10.52 -4.72
N GLN A 164 -41.94 -9.33 -5.29
CA GLN A 164 -42.15 -9.19 -6.73
C GLN A 164 -41.14 -10.03 -7.52
N VAL A 165 -39.93 -10.15 -7.01
CA VAL A 165 -38.90 -10.99 -7.63
C VAL A 165 -39.25 -12.48 -7.54
N CYS A 166 -39.80 -12.91 -6.41
CA CYS A 166 -40.29 -14.29 -6.27
C CYS A 166 -41.33 -14.60 -7.34
N PHE A 167 -42.32 -13.73 -7.48
CA PHE A 167 -43.38 -13.93 -8.47
C PHE A 167 -42.82 -13.93 -9.88
N SER A 168 -41.98 -12.94 -10.19
CA SER A 168 -41.36 -12.85 -11.50
C SER A 168 -40.55 -14.11 -11.86
N LEU A 169 -39.81 -14.65 -10.89
CA LEU A 169 -39.06 -15.88 -11.11
C LEU A 169 -40.00 -17.03 -11.44
N GLY A 170 -41.11 -17.10 -10.71
CA GLY A 170 -42.16 -18.08 -11.00
C GLY A 170 -42.69 -17.92 -12.42
N LEU A 171 -42.96 -16.67 -12.82
CA LEU A 171 -43.49 -16.42 -14.16
C LEU A 171 -42.54 -16.86 -15.27
N ILE A 172 -41.26 -16.54 -15.15
CA ILE A 172 -40.33 -16.86 -16.24
C ILE A 172 -40.00 -18.35 -16.28
N THR A 173 -39.81 -18.98 -15.11
CA THR A 173 -39.46 -20.39 -15.07
C THR A 173 -40.60 -21.26 -15.63
N THR A 174 -41.83 -20.94 -15.25
CA THR A 174 -43.01 -21.67 -15.75
C THR A 174 -43.26 -21.38 -17.24
N LYS A 175 -43.01 -20.16 -17.68
CA LYS A 175 -43.07 -19.80 -19.12
C LYS A 175 -42.10 -20.65 -19.95
N MET A 176 -40.92 -20.93 -19.41
CA MET A 176 -39.89 -21.68 -20.14
C MET A 176 -39.99 -23.21 -19.97
N GLY A 177 -40.99 -23.67 -19.23
CA GLY A 177 -41.25 -25.11 -19.07
C GLY A 177 -40.46 -25.77 -17.96
N MET A 178 -39.99 -24.99 -16.99
CA MET A 178 -39.16 -25.50 -15.90
C MET A 178 -40.03 -25.90 -14.71
N ASN A 179 -39.39 -26.37 -13.65
CA ASN A 179 -40.08 -26.74 -12.42
C ASN A 179 -39.79 -25.72 -11.32
N PHE A 180 -40.81 -25.04 -10.85
CA PHE A 180 -40.65 -23.93 -9.88
C PHE A 180 -41.23 -24.29 -8.52
N VAL A 181 -40.53 -23.90 -7.46
CA VAL A 181 -41.05 -24.03 -6.10
C VAL A 181 -40.88 -22.71 -5.34
N HIS A 182 -41.93 -22.25 -4.67
CA HIS A 182 -41.79 -21.23 -3.64
C HIS A 182 -41.86 -21.89 -2.30
N PHE A 183 -40.71 -21.98 -1.63
CA PHE A 183 -40.62 -22.49 -0.26
C PHE A 183 -40.71 -21.27 0.64
N GLY A 184 -41.87 -21.08 1.26
CA GLY A 184 -42.10 -19.91 2.12
C GLY A 184 -43.12 -20.21 3.21
N PRO A 185 -43.12 -19.40 4.30
CA PRO A 185 -44.00 -19.65 5.42
C PRO A 185 -45.43 -19.18 5.18
N GLU A 186 -46.38 -19.80 5.86
CA GLU A 186 -47.78 -19.40 5.81
C GLU A 186 -47.90 -17.90 6.11
N GLY A 187 -48.67 -17.22 5.27
CA GLY A 187 -48.90 -15.79 5.33
C GLY A 187 -47.92 -14.98 4.51
N PHE A 188 -46.87 -15.64 4.02
CA PHE A 188 -45.90 -14.99 3.16
C PHE A 188 -45.66 -15.71 1.82
N GLN A 189 -46.55 -16.64 1.49
CA GLN A 189 -46.52 -17.36 0.21
C GLN A 189 -47.18 -16.62 -0.96
N LEU A 190 -46.82 -17.00 -2.18
CA LEU A 190 -47.50 -16.50 -3.37
C LEU A 190 -49.00 -16.78 -3.20
N ASN A 191 -49.83 -15.79 -3.51
CA ASN A 191 -51.27 -15.87 -3.26
C ASN A 191 -52.02 -16.59 -4.39
N GLU A 192 -53.33 -16.72 -4.22
CA GLU A 192 -54.18 -17.46 -5.15
C GLU A 192 -54.11 -16.91 -6.58
N GLU A 193 -54.15 -15.59 -6.71
CA GLU A 193 -54.04 -14.94 -8.04
C GLU A 193 -52.68 -15.23 -8.69
N HIS A 194 -51.59 -15.14 -7.90
CA HIS A 194 -50.25 -15.51 -8.38
C HIS A 194 -50.23 -16.92 -8.90
N GLN A 195 -50.76 -17.84 -8.11
CA GLN A 195 -50.71 -19.28 -8.45
C GLN A 195 -51.54 -19.62 -9.68
N ALA A 196 -52.69 -18.96 -9.85
CA ALA A 196 -53.50 -19.13 -11.07
C ALA A 196 -52.73 -18.73 -12.33
N LYS A 197 -51.94 -17.66 -12.24
CA LYS A 197 -51.09 -17.24 -13.37
C LYS A 197 -49.98 -18.25 -13.64
N LEU A 198 -49.37 -18.79 -12.59
CA LEU A 198 -48.38 -19.85 -12.74
C LEU A 198 -49.00 -21.11 -13.36
N ALA A 199 -50.21 -21.47 -12.91
CA ALA A 199 -50.94 -22.62 -13.46
C ALA A 199 -51.20 -22.44 -14.95
N LYS A 200 -51.65 -21.25 -15.34
CA LYS A 200 -51.91 -20.95 -16.76
C LYS A 200 -50.65 -21.14 -17.60
N ASN A 201 -49.51 -20.63 -17.11
CA ASN A 201 -48.23 -20.84 -17.78
C ASN A 201 -47.89 -22.32 -17.96
N CYS A 202 -48.08 -23.11 -16.90
CA CYS A 202 -47.74 -24.54 -16.94
C CYS A 202 -48.65 -25.34 -17.88
N GLU A 203 -49.91 -24.93 -18.01
CA GLU A 203 -50.86 -25.55 -18.94
C GLU A 203 -50.43 -25.40 -20.39
N VAL A 204 -49.64 -24.38 -20.68
CA VAL A 204 -49.05 -24.21 -22.01
C VAL A 204 -47.68 -24.88 -22.12
N SER A 205 -46.84 -24.73 -21.09
CA SER A 205 -45.41 -25.05 -21.21
C SER A 205 -45.02 -26.48 -20.84
N GLY A 206 -45.85 -27.16 -20.05
CA GLY A 206 -45.50 -28.47 -19.54
C GLY A 206 -44.61 -28.42 -18.31
N GLY A 207 -44.38 -27.22 -17.79
CA GLY A 207 -43.62 -27.06 -16.54
C GLY A 207 -44.49 -27.37 -15.33
N SER A 208 -43.98 -27.07 -14.14
CA SER A 208 -44.74 -27.28 -12.90
C SER A 208 -44.44 -26.18 -11.88
N PHE A 209 -45.32 -26.05 -10.90
CA PHE A 209 -45.10 -25.13 -9.79
C PHE A 209 -45.61 -25.74 -8.50
N LEU A 210 -45.00 -25.33 -7.40
CA LEU A 210 -45.44 -25.74 -6.06
C LEU A 210 -45.18 -24.60 -5.09
N VAL A 211 -46.14 -24.34 -4.22
CA VAL A 211 -45.99 -23.36 -3.14
C VAL A 211 -46.19 -24.11 -1.83
N THR A 212 -45.18 -24.09 -0.95
CA THR A 212 -45.16 -24.96 0.23
C THR A 212 -44.27 -24.42 1.35
N ASP A 213 -44.55 -24.85 2.59
CA ASP A 213 -43.68 -24.55 3.72
C ASP A 213 -42.92 -25.80 4.20
N ASP A 214 -42.81 -26.80 3.31
CA ASP A 214 -42.11 -28.06 3.61
C ASP A 214 -40.62 -27.92 3.28
N ALA A 215 -39.77 -28.05 4.30
CA ALA A 215 -38.32 -27.86 4.17
C ALA A 215 -37.66 -28.82 3.18
N SER A 216 -38.27 -29.99 2.96
CA SER A 216 -37.73 -30.99 2.04
C SER A 216 -37.86 -30.57 0.57
N SER A 217 -38.65 -29.53 0.30
CA SER A 217 -38.90 -29.08 -1.07
C SER A 217 -37.66 -28.53 -1.78
N VAL A 218 -36.61 -28.21 -1.01
CA VAL A 218 -35.35 -27.73 -1.60
C VAL A 218 -34.56 -28.88 -2.24
N GLU A 219 -34.85 -30.11 -1.84
CA GLU A 219 -34.09 -31.28 -2.33
C GLU A 219 -34.21 -31.43 -3.85
N GLY A 220 -33.06 -31.63 -4.51
CA GLY A 220 -33.02 -31.77 -5.97
C GLY A 220 -32.98 -30.45 -6.74
N ALA A 221 -32.93 -29.31 -6.04
CA ALA A 221 -32.91 -28.01 -6.71
C ALA A 221 -31.59 -27.82 -7.47
N ASP A 222 -31.68 -27.29 -8.68
CA ASP A 222 -30.51 -26.93 -9.49
C ASP A 222 -30.10 -25.48 -9.24
N PHE A 223 -31.09 -24.65 -8.96
CA PHE A 223 -30.87 -23.26 -8.59
C PHE A 223 -31.70 -22.97 -7.35
N LEU A 224 -31.05 -22.38 -6.35
CA LEU A 224 -31.71 -21.96 -5.13
C LEU A 224 -31.58 -20.44 -5.05
N TYR A 225 -32.72 -19.76 -4.97
CA TYR A 225 -32.79 -18.30 -5.13
C TYR A 225 -33.44 -17.70 -3.89
N THR A 226 -32.94 -16.55 -3.43
CA THR A 226 -33.59 -15.83 -2.34
C THR A 226 -33.56 -14.30 -2.53
N ASP A 227 -34.18 -13.59 -1.59
CA ASP A 227 -34.35 -12.14 -1.64
C ASP A 227 -34.47 -11.67 -0.19
N VAL A 228 -34.44 -10.36 0.03
CA VAL A 228 -34.56 -9.79 1.36
C VAL A 228 -35.93 -10.09 2.01
N TRP A 229 -35.99 -9.88 3.32
CA TRP A 229 -37.17 -10.17 4.12
C TRP A 229 -37.93 -8.95 4.54
N TYR A 230 -37.38 -7.76 4.28
CA TYR A 230 -37.99 -6.55 4.84
C TYR A 230 -39.15 -5.95 4.02
N GLY A 231 -39.55 -6.62 2.94
CA GLY A 231 -40.74 -6.23 2.21
C GLY A 231 -40.55 -5.02 1.30
N LEU A 232 -41.59 -4.20 1.17
CA LEU A 232 -41.62 -3.11 0.18
C LEU A 232 -40.86 -1.85 0.63
N TYR A 233 -40.26 -1.16 -0.34
CA TYR A 233 -39.50 0.08 -0.16
C TYR A 233 -40.22 1.07 0.77
N GLU A 234 -41.49 1.35 0.48
CA GLU A 234 -42.25 2.37 1.23
C GLU A 234 -42.69 1.93 2.63
N ALA A 235 -42.74 0.63 2.89
CA ALA A 235 -43.29 0.09 4.15
C ALA A 235 -42.56 -1.17 4.62
N GLU A 236 -41.31 -1.00 5.04
CA GLU A 236 -40.45 -2.13 5.43
C GLU A 236 -40.90 -2.81 6.74
N LEU A 237 -40.73 -4.13 6.84
CA LEU A 237 -40.87 -4.90 8.11
C LEU A 237 -39.63 -4.71 8.96
N SER A 238 -39.81 -4.52 10.27
CA SER A 238 -38.69 -4.31 11.19
C SER A 238 -37.84 -5.56 11.31
N GLU A 239 -36.62 -5.39 11.80
CA GLU A 239 -35.69 -6.51 11.98
C GLU A 239 -36.27 -7.58 12.91
N GLU A 240 -36.81 -7.14 14.05
CA GLU A 240 -37.40 -8.06 15.01
C GLU A 240 -38.57 -8.85 14.41
N GLU A 241 -39.45 -8.16 13.67
CA GLU A 241 -40.62 -8.79 13.08
C GLU A 241 -40.23 -9.83 12.02
N ARG A 242 -39.29 -9.46 11.15
CA ARG A 242 -38.94 -10.33 10.04
C ARG A 242 -38.10 -11.55 10.48
N MET A 243 -37.28 -11.37 11.51
CA MET A 243 -36.58 -12.50 12.11
C MET A 243 -37.58 -13.49 12.71
N LYS A 244 -38.60 -12.97 13.38
CA LYS A 244 -39.66 -13.82 13.94
C LYS A 244 -40.34 -14.67 12.88
N VAL A 245 -40.62 -14.07 11.74
CA VAL A 245 -41.28 -14.79 10.67
C VAL A 245 -40.40 -15.80 9.93
N PHE A 246 -39.15 -15.44 9.63
CA PHE A 246 -38.32 -16.20 8.68
C PHE A 246 -37.13 -16.96 9.27
N TYR A 247 -36.63 -16.54 10.44
CA TYR A 247 -35.38 -17.07 10.97
C TYR A 247 -35.61 -18.15 12.04
N PRO A 248 -34.86 -19.27 11.99
CA PRO A 248 -33.79 -19.63 11.06
C PRO A 248 -34.21 -20.50 9.86
N LYS A 249 -35.47 -20.93 9.81
CA LYS A 249 -35.93 -21.91 8.83
C LYS A 249 -35.68 -21.50 7.37
N TYR A 250 -35.86 -20.23 7.06
CA TYR A 250 -35.71 -19.75 5.68
C TYR A 250 -34.36 -19.09 5.38
N GLN A 251 -33.40 -19.19 6.30
CA GLN A 251 -32.05 -18.73 6.03
C GLN A 251 -31.36 -19.71 5.10
N VAL A 252 -30.87 -19.23 3.96
CA VAL A 252 -30.08 -20.06 3.07
C VAL A 252 -28.65 -20.16 3.62
N ASN A 253 -28.36 -21.28 4.26
CA ASN A 253 -27.05 -21.56 4.82
C ASN A 253 -26.45 -22.77 4.11
N GLN A 254 -25.23 -23.15 4.49
CA GLN A 254 -24.56 -24.26 3.82
C GLN A 254 -25.33 -25.58 3.99
N GLU A 255 -25.99 -25.75 5.13
CA GLU A 255 -26.82 -26.94 5.38
C GLU A 255 -27.93 -27.06 4.34
N MET A 256 -28.61 -25.94 4.05
CA MET A 256 -29.68 -25.93 3.05
C MET A 256 -29.14 -26.20 1.65
N MET A 257 -28.00 -25.60 1.32
CA MET A 257 -27.39 -25.83 0.01
C MET A 257 -27.02 -27.31 -0.16
N ASP A 258 -26.43 -27.90 0.88
CA ASP A 258 -26.08 -29.33 0.85
C ASP A 258 -27.32 -30.22 0.72
N ARG A 259 -28.41 -29.82 1.40
CA ARG A 259 -29.69 -30.53 1.27
C ARG A 259 -30.25 -30.44 -0.15
N ALA A 260 -30.07 -29.29 -0.80
CA ALA A 260 -30.49 -29.11 -2.19
C ALA A 260 -29.68 -30.03 -3.11
N GLY A 261 -28.36 -29.99 -2.95
CA GLY A 261 -27.46 -30.83 -3.71
C GLY A 261 -26.08 -30.20 -3.83
N ALA A 262 -25.05 -31.04 -4.00
CA ALA A 262 -23.66 -30.59 -4.08
C ALA A 262 -23.43 -29.60 -5.23
N ASN A 263 -24.19 -29.74 -6.31
CA ASN A 263 -24.03 -28.87 -7.49
C ASN A 263 -25.03 -27.71 -7.59
N CYS A 264 -25.93 -27.58 -6.62
CA CYS A 264 -26.93 -26.52 -6.65
C CYS A 264 -26.26 -25.14 -6.60
N LYS A 265 -26.68 -24.24 -7.50
CA LYS A 265 -26.14 -22.90 -7.55
C LYS A 265 -27.00 -21.93 -6.75
N PHE A 266 -26.36 -20.95 -6.11
CA PHE A 266 -27.07 -19.95 -5.32
C PHE A 266 -27.25 -18.63 -6.08
N MET A 267 -28.48 -18.12 -6.07
CA MET A 267 -28.85 -16.88 -6.75
C MET A 267 -29.54 -15.92 -5.78
N HIS A 268 -29.39 -14.63 -6.03
CA HIS A 268 -29.99 -13.58 -5.23
C HIS A 268 -30.01 -12.34 -6.08
N CYS A 269 -31.14 -11.63 -6.13
CA CYS A 269 -31.26 -10.43 -6.99
C CYS A 269 -30.40 -9.25 -6.53
N LEU A 270 -30.06 -9.23 -5.24
CA LEU A 270 -29.28 -8.16 -4.58
C LEU A 270 -30.06 -6.86 -4.49
N PRO A 271 -29.76 -6.01 -3.47
CA PRO A 271 -28.78 -6.21 -2.39
C PRO A 271 -29.24 -7.28 -1.41
N ALA A 272 -28.28 -7.93 -0.76
CA ALA A 272 -28.55 -8.99 0.21
C ALA A 272 -28.27 -8.50 1.64
N THR A 273 -29.07 -8.98 2.59
CA THR A 273 -28.80 -8.77 4.01
C THR A 273 -28.10 -10.00 4.57
N ARG A 274 -26.78 -9.94 4.63
CA ARG A 274 -25.97 -11.05 5.16
C ARG A 274 -26.31 -11.31 6.61
N GLY A 275 -26.45 -12.59 6.96
CA GLY A 275 -26.87 -12.99 8.28
C GLY A 275 -28.37 -13.10 8.44
N GLU A 276 -29.11 -12.77 7.39
CA GLU A 276 -30.56 -12.97 7.41
C GLU A 276 -31.02 -14.05 6.42
N GLU A 277 -31.33 -13.66 5.20
CA GLU A 277 -31.76 -14.60 4.16
C GLU A 277 -30.62 -15.53 3.71
N VAL A 278 -29.40 -15.05 3.78
CA VAL A 278 -28.23 -15.83 3.36
C VAL A 278 -27.03 -15.59 4.28
N THR A 279 -26.17 -16.61 4.44
CA THR A 279 -24.95 -16.48 5.22
C THR A 279 -23.77 -16.10 4.31
N ASP A 280 -22.74 -15.49 4.89
CA ASP A 280 -21.52 -15.14 4.18
C ASP A 280 -20.94 -16.34 3.44
N GLU A 281 -20.90 -17.48 4.13
CA GLU A 281 -20.37 -18.72 3.57
C GLU A 281 -20.99 -19.09 2.22
N VAL A 282 -22.31 -18.93 2.10
CA VAL A 282 -23.01 -19.31 0.87
C VAL A 282 -22.82 -18.27 -0.23
N ILE A 283 -23.09 -17.00 0.07
CA ILE A 283 -23.06 -15.95 -0.96
C ILE A 283 -21.65 -15.72 -1.54
N ASP A 284 -20.62 -15.94 -0.72
CA ASP A 284 -19.22 -15.84 -1.18
C ASP A 284 -18.60 -17.17 -1.59
N GLY A 285 -19.36 -18.26 -1.48
CA GLY A 285 -18.84 -19.61 -1.76
C GLY A 285 -18.70 -19.94 -3.25
N LYS A 286 -18.15 -21.12 -3.53
CA LYS A 286 -17.84 -21.55 -4.89
C LYS A 286 -19.08 -21.76 -5.79
N ASN A 287 -20.23 -22.05 -5.17
CA ASN A 287 -21.46 -22.29 -5.93
C ASN A 287 -22.40 -21.08 -6.00
N SER A 288 -21.94 -19.93 -5.52
CA SER A 288 -22.71 -18.69 -5.68
C SER A 288 -22.51 -18.14 -7.08
N ILE A 289 -23.61 -17.81 -7.77
CA ILE A 289 -23.51 -17.17 -9.08
C ILE A 289 -24.17 -15.80 -9.09
N CYS A 290 -24.38 -15.21 -7.90
CA CYS A 290 -25.19 -14.00 -7.84
C CYS A 290 -24.49 -12.76 -8.40
N PHE A 291 -23.16 -12.79 -8.51
CA PHE A 291 -22.46 -11.67 -9.15
C PHE A 291 -22.39 -11.78 -10.68
N ASP A 292 -22.35 -13.01 -11.20
CA ASP A 292 -22.64 -13.23 -12.63
C ASP A 292 -24.06 -12.79 -12.96
N GLU A 293 -24.98 -13.13 -12.07
CA GLU A 293 -26.40 -12.72 -12.20
C GLU A 293 -26.53 -11.18 -12.26
N ALA A 294 -25.80 -10.47 -11.40
CA ALA A 294 -25.82 -9.00 -11.38
C ALA A 294 -25.30 -8.44 -12.69
N GLU A 295 -24.21 -9.02 -13.20
CA GLU A 295 -23.71 -8.61 -14.50
C GLU A 295 -24.78 -8.79 -15.58
N ASN A 296 -25.58 -9.84 -15.46
CA ASN A 296 -26.57 -10.14 -16.49
C ASN A 296 -27.81 -9.26 -16.46
N ARG A 297 -27.91 -8.39 -15.46
CA ARG A 297 -28.87 -7.30 -15.52
C ARG A 297 -28.54 -6.38 -16.71
N LEU A 298 -27.25 -6.08 -16.90
CA LEU A 298 -26.80 -5.29 -18.04
C LEU A 298 -26.95 -6.08 -19.34
N THR A 299 -26.56 -7.34 -19.31
CA THR A 299 -26.74 -8.24 -20.47
C THR A 299 -28.16 -8.20 -21.04
N SER A 300 -29.15 -8.40 -20.17
CA SER A 300 -30.53 -8.49 -20.60
C SER A 300 -31.10 -7.13 -21.00
N ILE A 301 -30.70 -6.08 -20.28
CA ILE A 301 -31.16 -4.74 -20.60
C ILE A 301 -30.69 -4.30 -22.00
N ARG A 302 -29.45 -4.62 -22.37
CA ARG A 302 -28.97 -4.33 -23.72
C ARG A 302 -29.83 -5.03 -24.78
N GLY A 303 -30.12 -6.32 -24.57
CA GLY A 303 -30.93 -7.07 -25.52
C GLY A 303 -32.34 -6.53 -25.65
N LEU A 304 -32.95 -6.16 -24.54
CA LEU A 304 -34.30 -5.57 -24.53
C LEU A 304 -34.37 -4.25 -25.28
N LEU A 305 -33.42 -3.36 -25.01
CA LEU A 305 -33.37 -2.05 -25.65
C LEU A 305 -33.25 -2.20 -27.16
N VAL A 306 -32.34 -3.07 -27.60
CA VAL A 306 -32.16 -3.32 -29.02
C VAL A 306 -33.42 -3.94 -29.65
N TYR A 307 -33.99 -4.95 -29.01
CA TYR A 307 -35.19 -5.60 -29.51
C TYR A 307 -36.34 -4.59 -29.69
N LEU A 308 -36.61 -3.81 -28.65
CA LEU A 308 -37.73 -2.86 -28.69
C LEU A 308 -37.53 -1.75 -29.72
N MET A 309 -36.29 -1.27 -29.87
CA MET A 309 -36.02 -0.20 -30.83
C MET A 309 -35.99 -0.72 -32.27
N ASN A 310 -35.49 -1.94 -32.47
CA ASN A 310 -35.60 -2.62 -33.77
C ASN A 310 -37.07 -2.83 -34.16
N ASP A 311 -37.88 -3.25 -33.20
CA ASP A 311 -39.32 -3.40 -33.42
C ASP A 311 -39.97 -2.07 -33.81
N TYR A 312 -39.62 -1.01 -33.08
CA TYR A 312 -40.17 0.32 -33.35
C TYR A 312 -39.82 0.79 -34.77
N GLU A 313 -38.56 0.63 -35.16
CA GLU A 313 -38.12 1.04 -36.49
C GLU A 313 -38.75 0.19 -37.61
N ALA A 314 -38.94 -1.10 -37.36
CA ALA A 314 -39.61 -1.97 -38.34
C ALA A 314 -41.07 -1.52 -38.56
N LYS A 315 -41.76 -1.12 -37.48
CA LYS A 315 -43.14 -0.61 -37.58
C LYS A 315 -43.23 0.83 -38.07
N ASN A 316 -42.14 1.58 -37.94
CA ASN A 316 -42.11 3.00 -38.32
C ASN A 316 -40.87 3.31 -39.16
N PRO A 317 -40.78 2.70 -40.36
CA PRO A 317 -39.52 2.77 -41.12
C PRO A 317 -39.22 4.17 -41.66
N TYR A 318 -37.93 4.48 -41.79
CA TYR A 318 -37.51 5.73 -42.41
C TYR A 318 -37.59 5.65 -43.94
N ASP A 319 -38.06 6.73 -44.56
CA ASP A 319 -38.09 6.86 -46.01
C ASP A 319 -36.73 7.37 -46.46
N LEU A 320 -35.95 6.50 -47.11
CA LEU A 320 -34.56 6.84 -47.46
C LEU A 320 -34.43 7.94 -48.54
N ILE A 321 -35.44 8.08 -49.39
CA ILE A 321 -35.47 9.17 -50.38
C ILE A 321 -35.66 10.52 -49.68
N LYS A 322 -36.62 10.58 -48.76
CA LYS A 322 -36.85 11.81 -48.00
C LYS A 322 -35.70 12.13 -47.05
N GLN A 323 -35.05 11.08 -46.53
CA GLN A 323 -33.88 11.23 -45.69
C GLN A 323 -32.74 11.90 -46.47
N ALA A 324 -32.47 11.39 -47.67
CA ALA A 324 -31.44 11.96 -48.55
C ALA A 324 -31.75 13.41 -48.90
N GLU A 325 -33.01 13.70 -49.22
CA GLU A 325 -33.43 15.05 -49.56
C GLU A 325 -33.26 16.00 -48.38
N ALA A 326 -33.65 15.55 -47.18
CA ALA A 326 -33.57 16.37 -45.97
C ALA A 326 -32.11 16.68 -45.61
N LYS A 327 -31.23 15.68 -45.76
CA LYS A 327 -29.82 15.86 -45.51
C LYS A 327 -29.21 16.88 -46.46
N LYS A 328 -29.53 16.77 -47.75
CA LYS A 328 -29.03 17.70 -48.77
C LYS A 328 -29.52 19.13 -48.51
N GLU A 329 -30.81 19.29 -48.21
CA GLU A 329 -31.37 20.61 -47.92
C GLU A 329 -30.70 21.28 -46.70
N LEU A 330 -30.42 20.50 -45.66
CA LEU A 330 -29.75 21.04 -44.48
C LEU A 330 -28.33 21.48 -44.84
N GLU A 331 -27.60 20.64 -45.56
CA GLU A 331 -26.23 20.97 -45.97
C GLU A 331 -26.16 22.23 -46.86
N VAL A 332 -27.09 22.36 -47.79
CA VAL A 332 -27.17 23.54 -48.65
C VAL A 332 -27.46 24.80 -47.81
N PHE A 333 -28.37 24.67 -46.85
CA PHE A 333 -28.71 25.79 -45.97
C PHE A 333 -27.52 26.25 -45.16
N LEU A 334 -26.74 25.30 -44.62
CA LEU A 334 -25.60 25.62 -43.78
C LEU A 334 -24.39 26.13 -44.59
N ASP A 335 -24.35 25.81 -45.88
CA ASP A 335 -23.26 26.27 -46.76
C ASP A 335 -23.55 27.66 -47.29
N THR A 336 -24.80 27.90 -47.68
CA THR A 336 -25.18 29.13 -48.39
C THR A 336 -25.82 30.24 -47.53
N MET B 1 -6.75 -7.71 -13.41
CA MET B 1 -5.75 -6.85 -12.71
C MET B 1 -5.98 -5.40 -13.11
N LYS B 2 -5.91 -4.50 -12.12
CA LYS B 2 -6.01 -3.07 -12.36
C LYS B 2 -5.00 -2.25 -11.56
N ARG B 3 -4.94 -0.96 -11.88
CA ARG B 3 -4.25 0.01 -11.04
C ARG B 3 -5.25 1.06 -10.59
N ASP B 4 -5.04 1.60 -9.38
CA ASP B 4 -5.88 2.67 -8.85
C ASP B 4 -5.12 3.99 -8.73
N TYR B 5 -5.87 5.06 -8.48
CA TYR B 5 -5.31 6.38 -8.21
C TYR B 5 -6.00 6.93 -6.97
N VAL B 6 -5.59 6.41 -5.82
CA VAL B 6 -6.12 6.77 -4.51
C VAL B 6 -5.19 7.76 -3.81
N THR B 7 -3.89 7.54 -3.96
CA THR B 7 -2.87 8.45 -3.43
C THR B 7 -1.63 8.44 -4.34
N THR B 8 -1.01 9.61 -4.47
CA THR B 8 0.25 9.72 -5.21
C THR B 8 1.40 9.05 -4.49
N GLU B 9 1.16 8.59 -3.26
CA GLU B 9 2.16 7.81 -2.51
C GLU B 9 2.55 6.50 -3.20
N THR B 10 1.69 5.97 -4.06
CA THR B 10 2.00 4.75 -4.83
C THR B 10 2.54 5.04 -6.24
N TYR B 11 2.89 6.29 -6.51
CA TYR B 11 3.40 6.71 -7.82
C TYR B 11 4.80 7.32 -7.67
N THR B 12 5.70 6.98 -8.58
CA THR B 12 7.05 7.57 -8.59
C THR B 12 7.07 8.92 -9.31
N LYS B 13 8.15 9.68 -9.10
CA LYS B 13 8.36 10.95 -9.81
C LYS B 13 8.26 10.77 -11.32
N GLU B 14 8.87 9.70 -11.83
CA GLU B 14 8.87 9.40 -13.25
C GLU B 14 7.45 9.11 -13.77
N GLU B 15 6.65 8.41 -12.99
CA GLU B 15 5.25 8.14 -13.35
C GLU B 15 4.41 9.43 -13.35
N MET B 16 4.66 10.32 -12.40
CA MET B 16 3.93 11.59 -12.36
C MET B 16 4.31 12.46 -13.56
N HIS B 17 5.60 12.46 -13.94
CA HIS B 17 6.05 13.15 -15.16
C HIS B 17 5.36 12.64 -16.40
N TYR B 18 5.19 11.32 -16.50
CA TYR B 18 4.48 10.71 -17.62
C TYR B 18 3.01 11.18 -17.67
N LEU B 19 2.35 11.20 -16.53
CA LEU B 19 0.96 11.68 -16.45
C LEU B 19 0.81 13.15 -16.88
N VAL B 20 1.76 13.99 -16.45
CA VAL B 20 1.78 15.40 -16.86
C VAL B 20 1.94 15.51 -18.38
N ASP B 21 2.93 14.80 -18.93
CA ASP B 21 3.21 14.86 -20.37
C ASP B 21 2.00 14.38 -21.19
N LEU B 22 1.38 13.27 -20.77
CA LEU B 22 0.18 12.76 -21.43
C LEU B 22 -0.97 13.78 -21.37
N SER B 23 -1.22 14.31 -20.18
CA SER B 23 -2.27 15.30 -19.97
C SER B 23 -2.08 16.54 -20.86
N LEU B 24 -0.84 17.04 -20.93
CA LEU B 24 -0.58 18.26 -21.71
C LEU B 24 -0.68 18.02 -23.22
N LYS B 25 -0.33 16.83 -23.68
CA LYS B 25 -0.46 16.51 -25.09
C LYS B 25 -1.91 16.36 -25.52
N ILE B 26 -2.74 15.76 -24.67
CA ILE B 26 -4.18 15.71 -24.93
C ILE B 26 -4.76 17.11 -24.92
N LYS B 27 -4.32 17.94 -23.98
CA LYS B 27 -4.80 19.33 -23.90
C LYS B 27 -4.53 20.10 -25.18
N GLU B 28 -3.33 19.95 -25.74
CA GLU B 28 -2.96 20.67 -26.96
C GLU B 28 -3.74 20.17 -28.18
N ALA B 29 -4.05 18.87 -28.22
CA ALA B 29 -4.90 18.32 -29.29
C ALA B 29 -6.30 18.95 -29.24
N ILE B 30 -6.94 18.90 -28.07
CA ILE B 30 -8.29 19.44 -27.89
C ILE B 30 -8.36 20.95 -28.09
N LYS B 31 -7.36 21.66 -27.58
CA LYS B 31 -7.27 23.12 -27.77
C LYS B 31 -7.35 23.49 -29.25
N ASN B 32 -6.76 22.66 -30.11
CA ASN B 32 -6.73 22.92 -31.55
C ASN B 32 -7.79 22.15 -32.32
N GLY B 33 -8.73 21.55 -31.60
CA GLY B 33 -9.93 20.98 -32.21
C GLY B 33 -9.85 19.51 -32.62
N TYR B 34 -8.83 18.79 -32.17
CA TYR B 34 -8.81 17.34 -32.35
C TYR B 34 -9.13 16.64 -31.04
N TYR B 35 -10.24 15.89 -31.02
CA TYR B 35 -10.68 15.16 -29.83
C TYR B 35 -10.29 13.70 -29.98
N PRO B 36 -9.26 13.24 -29.27
CA PRO B 36 -8.85 11.84 -29.42
C PRO B 36 -9.84 10.91 -28.70
N GLN B 37 -10.38 9.97 -29.45
CA GLN B 37 -11.42 9.09 -28.92
C GLN B 37 -10.81 7.88 -28.25
N LEU B 38 -10.15 8.11 -27.12
CA LEU B 38 -9.38 7.09 -26.42
C LEU B 38 -10.19 6.27 -25.41
N LEU B 39 -11.41 6.72 -25.10
CA LEU B 39 -12.29 6.01 -24.17
C LEU B 39 -13.64 5.69 -24.87
N LYS B 40 -13.56 5.31 -26.14
CA LYS B 40 -14.79 5.08 -26.93
C LYS B 40 -15.69 4.00 -26.30
N ASN B 41 -16.96 4.39 -26.07
CA ASN B 41 -17.99 3.51 -25.48
C ASN B 41 -17.74 3.05 -24.03
N LYS B 42 -16.80 3.70 -23.35
CA LYS B 42 -16.50 3.35 -21.95
C LYS B 42 -17.36 4.17 -20.98
N SER B 43 -17.72 3.54 -19.86
CA SER B 43 -18.59 4.16 -18.86
C SER B 43 -17.86 4.36 -17.54
N LEU B 44 -17.97 5.57 -17.00
CA LEU B 44 -17.39 5.93 -15.70
C LEU B 44 -18.52 6.11 -14.69
N GLY B 45 -18.45 5.36 -13.59
CA GLY B 45 -19.37 5.58 -12.47
C GLY B 45 -18.79 6.68 -11.59
N MET B 46 -19.58 7.73 -11.33
CA MET B 46 -19.13 8.87 -10.52
C MET B 46 -19.91 8.93 -9.22
N ILE B 47 -19.32 8.43 -8.14
CA ILE B 47 -19.99 8.40 -6.83
C ILE B 47 -19.63 9.66 -6.04
N PHE B 48 -20.62 10.49 -5.73
CA PHE B 48 -20.37 11.69 -4.95
C PHE B 48 -21.13 11.63 -3.63
N GLN B 49 -20.40 11.54 -2.52
CA GLN B 49 -21.02 11.60 -1.19
C GLN B 49 -21.18 13.05 -0.70
N GLN B 50 -20.54 13.99 -1.40
CA GLN B 50 -20.60 15.42 -1.07
C GLN B 50 -20.72 16.24 -2.35
N SER B 51 -21.03 17.52 -2.22
CA SER B 51 -21.18 18.41 -3.38
C SER B 51 -19.85 18.64 -4.09
N SER B 52 -19.95 18.98 -5.37
CA SER B 52 -18.80 19.30 -6.20
C SER B 52 -19.24 20.03 -7.47
N THR B 53 -18.47 21.02 -7.91
CA THR B 53 -18.66 21.61 -9.22
C THR B 53 -17.51 21.24 -10.14
N GLY B 54 -16.30 21.66 -9.78
CA GLY B 54 -15.13 21.48 -10.63
C GLY B 54 -14.79 20.02 -10.91
N THR B 55 -14.74 19.20 -9.86
CA THR B 55 -14.36 17.81 -10.03
C THR B 55 -15.43 17.07 -10.83
N ARG B 56 -16.69 17.24 -10.43
CA ARG B 56 -17.80 16.58 -11.11
C ARG B 56 -17.88 16.94 -12.60
N VAL B 57 -17.85 18.24 -12.91
CA VAL B 57 -17.97 18.69 -14.31
C VAL B 57 -16.75 18.24 -15.12
N SER B 58 -15.56 18.27 -14.52
CA SER B 58 -14.34 17.80 -15.20
C SER B 58 -14.42 16.33 -15.62
N PHE B 59 -14.90 15.47 -14.72
CA PHE B 59 -15.06 14.06 -15.06
C PHE B 59 -16.09 13.85 -16.16
N GLU B 60 -17.21 14.55 -16.08
CA GLU B 60 -18.31 14.34 -17.02
C GLU B 60 -17.92 14.86 -18.41
N THR B 61 -17.28 16.03 -18.45
CA THR B 61 -16.76 16.60 -19.70
C THR B 61 -15.64 15.75 -20.30
N ALA B 62 -14.70 15.31 -19.47
CA ALA B 62 -13.58 14.49 -19.91
C ALA B 62 -14.06 13.23 -20.64
N MET B 63 -15.05 12.55 -20.06
CA MET B 63 -15.58 11.35 -20.69
C MET B 63 -16.18 11.64 -22.06
N GLU B 64 -17.00 12.69 -22.17
CA GLU B 64 -17.58 13.09 -23.46
C GLU B 64 -16.51 13.40 -24.52
N GLN B 65 -15.49 14.15 -24.13
CA GLN B 65 -14.43 14.56 -25.05
C GLN B 65 -13.63 13.38 -25.58
N LEU B 66 -13.50 12.34 -24.76
CA LEU B 66 -12.71 11.17 -25.12
C LEU B 66 -13.55 10.00 -25.67
N GLY B 67 -14.86 10.21 -25.85
CA GLY B 67 -15.72 9.26 -26.54
C GLY B 67 -16.54 8.33 -25.67
N GLY B 68 -16.52 8.57 -24.35
CA GLY B 68 -17.27 7.76 -23.40
C GLY B 68 -18.34 8.57 -22.69
N HIS B 69 -18.68 8.14 -21.48
CA HIS B 69 -19.78 8.76 -20.72
C HIS B 69 -19.60 8.59 -19.23
N GLY B 70 -19.90 9.65 -18.50
CA GLY B 70 -19.84 9.66 -17.03
C GLY B 70 -21.23 9.66 -16.43
N GLU B 71 -21.47 8.76 -15.48
CA GLU B 71 -22.77 8.61 -14.81
C GLU B 71 -22.67 9.22 -13.42
N TYR B 72 -23.47 10.25 -13.16
CA TYR B 72 -23.46 10.94 -11.88
C TYR B 72 -24.36 10.22 -10.86
N LEU B 73 -23.74 9.65 -9.83
CA LEU B 73 -24.46 8.97 -8.76
C LEU B 73 -24.46 9.80 -7.47
N ALA B 74 -25.63 10.37 -7.17
CA ALA B 74 -25.90 11.08 -5.89
C ALA B 74 -26.06 10.10 -4.72
N PRO B 75 -26.12 10.63 -3.48
CA PRO B 75 -26.26 9.81 -2.27
C PRO B 75 -27.48 8.89 -2.23
N GLN B 77 -28.94 7.95 -4.64
CA GLN B 77 -29.05 6.83 -5.58
C GLN B 77 -28.34 5.56 -5.07
N ILE B 78 -27.04 5.69 -4.81
CA ILE B 78 -26.21 4.57 -4.36
C ILE B 78 -25.46 4.92 -3.05
N GLN B 79 -25.75 4.18 -1.98
CA GLN B 79 -25.12 4.34 -0.65
C GLN B 79 -23.96 3.38 -0.38
N LEU B 80 -22.88 3.88 0.21
CA LEU B 80 -21.71 3.07 0.53
C LEU B 80 -21.79 2.66 2.00
N GLY B 82 -24.05 0.97 3.54
CA GLY B 82 -25.21 0.98 4.41
C GLY B 82 -25.68 -0.43 4.69
N HIS B 83 -26.89 -0.74 4.23
CA HIS B 83 -27.41 -2.10 4.30
C HIS B 83 -26.49 -3.07 3.61
N GLU B 84 -25.96 -2.68 2.45
CA GLU B 84 -25.11 -3.54 1.65
C GLU B 84 -23.65 -3.21 1.95
N THR B 85 -22.85 -4.26 2.04
CA THR B 85 -21.42 -4.11 2.33
C THR B 85 -20.67 -3.47 1.15
N ILE B 86 -19.52 -2.90 1.46
CA ILE B 86 -18.65 -2.31 0.45
C ILE B 86 -18.18 -3.37 -0.54
N GLU B 87 -17.91 -4.58 -0.07
CA GLU B 87 -17.52 -5.70 -0.93
C GLU B 87 -18.59 -6.00 -1.97
N ASP B 88 -19.85 -6.07 -1.53
CA ASP B 88 -20.95 -6.40 -2.44
C ASP B 88 -21.16 -5.29 -3.48
N THR B 89 -21.16 -4.04 -3.03
CA THR B 89 -21.33 -2.89 -3.94
C THR B 89 -20.19 -2.80 -4.97
N SER B 90 -18.98 -3.05 -4.50
CA SER B 90 -17.80 -3.03 -5.37
C SER B 90 -17.87 -4.10 -6.45
N ARG B 91 -18.30 -5.30 -6.06
CA ARG B 91 -18.41 -6.39 -7.01
C ARG B 91 -19.53 -6.15 -8.03
N VAL B 92 -20.63 -5.54 -7.60
CA VAL B 92 -21.72 -5.23 -8.53
C VAL B 92 -21.27 -4.16 -9.53
N LEU B 93 -20.76 -3.04 -9.03
CA LEU B 93 -20.35 -1.94 -9.90
C LEU B 93 -19.23 -2.34 -10.87
N SER B 94 -18.35 -3.23 -10.42
CA SER B 94 -17.25 -3.72 -11.27
C SER B 94 -17.73 -4.43 -12.53
N ARG B 95 -18.95 -4.96 -12.51
CA ARG B 95 -19.51 -5.63 -13.69
C ARG B 95 -20.31 -4.69 -14.58
N LEU B 96 -20.59 -3.48 -14.11
CA LEU B 96 -21.53 -2.58 -14.77
C LEU B 96 -20.91 -1.33 -15.38
N VAL B 97 -19.74 -0.90 -14.91
CA VAL B 97 -19.01 0.23 -15.49
C VAL B 97 -17.56 -0.21 -15.74
N ASP B 98 -16.81 0.61 -16.48
CA ASP B 98 -15.41 0.27 -16.80
C ASP B 98 -14.40 0.87 -15.86
N ILE B 99 -14.79 1.95 -15.19
CA ILE B 99 -13.90 2.67 -14.30
C ILE B 99 -14.77 3.46 -13.32
N LEU B 100 -14.23 3.73 -12.15
CA LEU B 100 -15.00 4.30 -11.04
C LEU B 100 -14.25 5.48 -10.44
N MET B 101 -14.98 6.52 -10.05
CA MET B 101 -14.42 7.52 -9.15
C MET B 101 -15.37 7.75 -8.00
N ALA B 102 -14.87 8.26 -6.88
CA ALA B 102 -15.71 8.58 -5.73
C ALA B 102 -15.11 9.73 -4.97
N ARG B 103 -15.96 10.69 -4.59
CA ARG B 103 -15.64 11.68 -3.59
C ARG B 103 -16.31 11.21 -2.30
N VAL B 104 -15.51 11.01 -1.25
CA VAL B 104 -16.00 10.38 -0.03
C VAL B 104 -15.81 11.26 1.21
N GLU B 105 -16.64 11.04 2.21
CA GLU B 105 -16.53 11.74 3.49
C GLU B 105 -15.32 11.26 4.28
N ARG B 106 -15.11 9.95 4.31
CA ARG B 106 -14.02 9.34 5.09
C ARG B 106 -13.11 8.54 4.16
N HIS B 107 -11.82 8.75 4.31
CA HIS B 107 -10.82 8.13 3.42
C HIS B 107 -10.92 6.62 3.33
N HIS B 108 -11.22 5.94 4.44
CA HIS B 108 -11.33 4.48 4.41
C HIS B 108 -12.31 3.98 3.38
N SER B 109 -13.35 4.76 3.09
CA SER B 109 -14.34 4.36 2.08
C SER B 109 -13.74 4.22 0.67
N ILE B 110 -12.88 5.15 0.26
CA ILE B 110 -12.26 5.09 -1.05
C ILE B 110 -11.18 3.99 -1.08
N VAL B 111 -10.46 3.82 0.03
CA VAL B 111 -9.50 2.72 0.14
C VAL B 111 -10.20 1.37 -0.02
N ASP B 112 -11.34 1.21 0.65
CA ASP B 112 -12.08 -0.07 0.60
C ASP B 112 -12.67 -0.32 -0.80
N LEU B 113 -13.23 0.72 -1.41
CA LEU B 113 -13.76 0.63 -2.77
C LEU B 113 -12.67 0.17 -3.76
N ALA B 114 -11.50 0.80 -3.67
CA ALA B 114 -10.36 0.45 -4.52
C ALA B 114 -9.87 -0.99 -4.28
N ASN B 115 -9.83 -1.39 -3.02
CA ASN B 115 -9.37 -2.73 -2.66
C ASN B 115 -10.30 -3.82 -3.18
N CYS B 116 -11.60 -3.56 -3.15
CA CYS B 116 -12.59 -4.57 -3.53
C CYS B 116 -12.96 -4.58 -5.01
N ALA B 117 -12.94 -3.41 -5.64
CA ALA B 117 -13.30 -3.31 -7.06
C ALA B 117 -12.23 -3.95 -7.93
N THR B 118 -12.64 -4.61 -9.01
CA THR B 118 -11.71 -5.21 -9.95
C THR B 118 -11.44 -4.31 -11.17
N ILE B 119 -11.99 -3.11 -11.13
CA ILE B 119 -11.75 -2.08 -12.15
C ILE B 119 -11.02 -0.91 -11.50
N PRO B 120 -10.40 -0.02 -12.29
CA PRO B 120 -9.67 1.10 -11.70
C PRO B 120 -10.57 2.04 -10.90
N VAL B 121 -10.07 2.53 -9.77
CA VAL B 121 -10.78 3.43 -8.89
C VAL B 121 -9.95 4.70 -8.68
N ILE B 122 -10.60 5.85 -8.84
CA ILE B 122 -10.00 7.17 -8.67
C ILE B 122 -10.63 7.90 -7.48
N ASN B 123 -9.78 8.45 -6.62
CA ASN B 123 -10.19 9.24 -5.47
C ASN B 123 -10.48 10.66 -5.93
N GLY B 124 -11.74 11.09 -5.81
CA GLY B 124 -12.17 12.45 -6.21
C GLY B 124 -12.18 13.46 -5.08
N MET B 125 -11.50 13.08 -3.99
CA MET B 125 -11.28 13.85 -2.75
C MET B 125 -11.86 13.12 -1.54
N SER B 126 -11.07 13.06 -0.47
CA SER B 126 -11.52 12.54 0.82
C SER B 126 -11.19 13.56 1.90
N ASP B 127 -11.39 13.20 3.16
CA ASP B 127 -10.91 14.03 4.27
C ASP B 127 -9.38 13.99 4.43
N TYR B 128 -8.72 13.07 3.75
CA TYR B 128 -7.27 12.86 3.91
C TYR B 128 -6.44 13.51 2.78
N ASN B 129 -6.84 13.30 1.53
CA ASN B 129 -6.08 13.84 0.40
C ASN B 129 -6.97 14.17 -0.82
N HIS B 130 -6.36 14.65 -1.90
CA HIS B 130 -7.07 15.09 -3.09
C HIS B 130 -6.15 14.93 -4.27
N PRO B 131 -5.89 13.68 -4.68
CA PRO B 131 -4.83 13.44 -5.66
C PRO B 131 -5.05 13.96 -7.10
N THR B 132 -6.30 14.14 -7.54
CA THR B 132 -6.52 14.70 -8.89
C THR B 132 -6.19 16.19 -8.87
N GLN B 133 -6.44 16.84 -7.72
CA GLN B 133 -6.00 18.21 -7.52
C GLN B 133 -4.48 18.31 -7.64
N GLU B 134 -3.76 17.34 -7.05
CA GLU B 134 -2.29 17.31 -7.11
C GLU B 134 -1.78 17.35 -8.55
N LEU B 135 -2.33 16.47 -9.38
CA LEU B 135 -1.88 16.36 -10.76
C LEU B 135 -2.22 17.62 -11.56
N GLY B 136 -3.41 18.16 -11.35
CA GLY B 136 -3.79 19.42 -11.99
C GLY B 136 -2.90 20.59 -11.57
N ASP B 137 -2.57 20.66 -10.29
CA ASP B 137 -1.67 21.70 -9.79
C ASP B 137 -0.25 21.55 -10.33
N LEU B 138 0.21 20.31 -10.46
CA LEU B 138 1.52 20.05 -11.05
C LEU B 138 1.57 20.49 -12.51
N CYS B 139 0.53 20.14 -13.29
CA CYS B 139 0.44 20.58 -14.68
C CYS B 139 0.51 22.10 -14.76
N THR B 140 -0.17 22.77 -13.84
CA THR B 140 -0.23 24.23 -13.81
C THR B 140 1.13 24.86 -13.50
N MET B 141 1.83 24.29 -12.52
CA MET B 141 3.17 24.79 -12.16
C MET B 141 4.17 24.58 -13.30
N VAL B 142 4.07 23.45 -14.00
CA VAL B 142 4.91 23.19 -15.16
C VAL B 142 4.66 24.23 -16.26
N GLU B 143 3.40 24.57 -16.49
CA GLU B 143 3.06 25.57 -17.50
C GLU B 143 3.46 26.98 -17.11
N HIS B 144 3.63 27.24 -15.82
CA HIS B 144 3.97 28.58 -15.32
C HIS B 144 5.29 28.65 -14.59
N LEU B 145 6.26 27.83 -15.01
CA LEU B 145 7.61 27.87 -14.41
C LEU B 145 8.23 29.26 -14.50
N PRO B 146 8.84 29.75 -13.40
CA PRO B 146 9.59 31.00 -13.49
C PRO B 146 10.71 30.93 -14.54
N GLU B 147 10.99 32.07 -15.17
CA GLU B 147 12.04 32.16 -16.19
C GLU B 147 13.36 31.58 -15.69
N GLY B 148 13.84 30.55 -16.38
CA GLY B 148 15.16 29.98 -16.10
C GLY B 148 15.26 29.09 -14.87
N LYS B 149 14.12 28.69 -14.31
CA LYS B 149 14.10 27.78 -13.16
C LYS B 149 13.58 26.41 -13.55
N LYS B 150 14.17 25.37 -12.98
CA LYS B 150 13.64 24.03 -13.08
C LYS B 150 12.58 23.84 -11.99
N LEU B 151 11.68 22.88 -12.20
CA LEU B 151 10.65 22.56 -11.23
C LEU B 151 11.22 22.37 -9.82
N GLU B 152 12.29 21.59 -9.73
CA GLU B 152 12.89 21.25 -8.42
C GLU B 152 13.59 22.44 -7.75
N ASP B 153 13.83 23.53 -8.48
CA ASP B 153 14.37 24.75 -7.89
C ASP B 153 13.28 25.64 -7.26
N CYS B 154 12.01 25.29 -7.42
CA CYS B 154 10.91 26.17 -7.01
C CYS B 154 10.51 25.98 -5.55
N LYS B 155 10.00 27.07 -4.96
CA LYS B 155 9.46 27.05 -3.60
C LYS B 155 7.94 27.27 -3.67
N VAL B 156 7.20 26.39 -3.01
CA VAL B 156 5.75 26.44 -2.97
C VAL B 156 5.30 26.59 -1.54
N VAL B 157 4.57 27.66 -1.24
CA VAL B 157 4.12 27.92 0.12
C VAL B 157 2.61 27.86 0.17
N PHE B 158 2.09 26.95 1.00
CA PHE B 158 0.67 26.90 1.28
C PHE B 158 0.39 27.70 2.55
N VAL B 159 -0.60 28.58 2.48
CA VAL B 159 -0.97 29.46 3.59
C VAL B 159 -2.31 29.05 4.17
N GLY B 160 -2.36 28.87 5.49
CA GLY B 160 -3.62 28.74 6.20
C GLY B 160 -3.85 27.40 6.88
N ASP B 161 -5.05 26.86 6.70
CA ASP B 161 -5.49 25.60 7.33
C ASP B 161 -4.83 24.36 6.73
N ALA B 162 -4.64 23.33 7.55
CA ALA B 162 -4.07 22.07 7.09
C ALA B 162 -5.15 21.18 6.48
N THR B 163 -5.70 21.62 5.35
CA THR B 163 -6.74 20.90 4.64
C THR B 163 -6.15 19.73 3.87
N GLN B 164 -7.01 18.85 3.38
CA GLN B 164 -6.56 17.74 2.55
C GLN B 164 -5.79 18.24 1.31
N VAL B 165 -6.18 19.41 0.80
CA VAL B 165 -5.46 20.03 -0.34
C VAL B 165 -4.06 20.50 0.08
N CYS B 166 -3.94 21.04 1.29
CA CYS B 166 -2.63 21.40 1.85
C CYS B 166 -1.68 20.18 1.88
N PHE B 167 -2.17 19.09 2.47
CA PHE B 167 -1.36 17.89 2.55
C PHE B 167 -1.02 17.34 1.17
N SER B 168 -2.01 17.26 0.29
CA SER B 168 -1.79 16.80 -1.08
C SER B 168 -0.75 17.63 -1.83
N LEU B 169 -0.80 18.94 -1.66
CA LEU B 169 0.20 19.82 -2.29
C LEU B 169 1.59 19.48 -1.74
N GLY B 170 1.67 19.26 -0.44
CA GLY B 170 2.91 18.82 0.19
C GLY B 170 3.42 17.51 -0.41
N LEU B 171 2.51 16.56 -0.57
CA LEU B 171 2.88 15.25 -1.13
C LEU B 171 3.42 15.35 -2.55
N ILE B 172 2.77 16.10 -3.42
CA ILE B 172 3.20 16.17 -4.83
C ILE B 172 4.47 17.00 -5.00
N THR B 173 4.57 18.11 -4.28
CA THR B 173 5.75 18.98 -4.40
C THR B 173 7.01 18.27 -3.91
N THR B 174 6.90 17.58 -2.78
CA THR B 174 8.04 16.82 -2.24
C THR B 174 8.38 15.61 -3.10
N LYS B 175 7.36 14.97 -3.69
CA LYS B 175 7.58 13.87 -4.63
C LYS B 175 8.39 14.33 -5.86
N MET B 176 8.14 15.55 -6.32
CA MET B 176 8.81 16.07 -7.52
C MET B 176 10.15 16.76 -7.22
N GLY B 177 10.55 16.77 -5.95
CA GLY B 177 11.85 17.32 -5.57
C GLY B 177 11.86 18.83 -5.33
N MET B 178 10.70 19.40 -5.05
CA MET B 178 10.55 20.84 -4.86
C MET B 178 10.67 21.19 -3.38
N ASN B 179 10.56 22.48 -3.06
CA ASN B 179 10.64 22.95 -1.68
C ASN B 179 9.28 23.42 -1.21
N PHE B 180 8.76 22.77 -0.17
CA PHE B 180 7.40 22.99 0.29
C PHE B 180 7.36 23.63 1.68
N VAL B 181 6.46 24.57 1.87
CA VAL B 181 6.22 25.15 3.18
C VAL B 181 4.72 25.18 3.46
N HIS B 182 4.34 24.74 4.66
CA HIS B 182 3.03 25.06 5.20
C HIS B 182 3.17 26.15 6.22
N PHE B 183 2.72 27.34 5.86
CA PHE B 183 2.64 28.46 6.78
C PHE B 183 1.23 28.45 7.37
N GLY B 184 1.12 28.03 8.63
CA GLY B 184 -0.16 27.95 9.33
C GLY B 184 -0.03 28.11 10.83
N PRO B 185 -1.14 28.47 11.51
CA PRO B 185 -1.11 28.70 12.95
C PRO B 185 -1.10 27.42 13.78
N GLU B 186 -0.55 27.51 14.99
CA GLU B 186 -0.55 26.41 15.94
C GLU B 186 -1.96 25.87 16.12
N GLY B 187 -2.07 24.54 16.06
CA GLY B 187 -3.31 23.81 16.17
C GLY B 187 -3.98 23.56 14.82
N PHE B 188 -3.48 24.22 13.78
CA PHE B 188 -3.99 24.02 12.43
C PHE B 188 -2.92 23.65 11.40
N GLN B 189 -1.75 23.25 11.88
CA GLN B 189 -0.63 22.79 11.05
C GLN B 189 -0.71 21.31 10.64
N LEU B 190 -0.02 20.93 9.58
CA LEU B 190 0.17 19.52 9.24
C LEU B 190 0.75 18.79 10.46
N ASN B 191 0.20 17.63 10.76
CA ASN B 191 0.57 16.89 11.98
C ASN B 191 1.83 16.02 11.80
N GLU B 192 2.23 15.33 12.87
CA GLU B 192 3.44 14.50 12.88
C GLU B 192 3.42 13.40 11.81
N GLU B 193 2.27 12.73 11.64
CA GLU B 193 2.13 11.69 10.59
C GLU B 193 2.28 12.29 9.19
N HIS B 194 1.64 13.44 8.95
CA HIS B 194 1.79 14.16 7.68
C HIS B 194 3.24 14.44 7.39
N GLN B 195 3.94 14.98 8.40
CA GLN B 195 5.32 15.42 8.23
C GLN B 195 6.28 14.26 7.99
N ALA B 196 6.02 13.12 8.64
CA ALA B 196 6.82 11.91 8.41
C ALA B 196 6.72 11.44 6.97
N LYS B 197 5.52 11.55 6.37
CA LYS B 197 5.33 11.19 4.97
C LYS B 197 6.04 12.18 4.03
N LEU B 198 6.01 13.46 4.36
CA LEU B 198 6.75 14.47 3.59
C LEU B 198 8.26 14.21 3.70
N ALA B 199 8.73 13.90 4.91
CA ALA B 199 10.15 13.59 5.13
C ALA B 199 10.60 12.40 4.29
N LYS B 200 9.79 11.34 4.28
CA LYS B 200 10.11 10.18 3.47
C LYS B 200 10.23 10.54 1.99
N ASN B 201 9.29 11.33 1.48
CA ASN B 201 9.36 11.81 0.08
C ASN B 201 10.68 12.58 -0.19
N CYS B 202 11.07 13.45 0.74
CA CYS B 202 12.27 14.28 0.57
C CYS B 202 13.57 13.49 0.62
N GLU B 203 13.59 12.41 1.41
CA GLU B 203 14.74 11.50 1.43
C GLU B 203 15.01 10.83 0.10
N VAL B 204 13.96 10.64 -0.70
CA VAL B 204 14.08 10.07 -2.04
C VAL B 204 14.34 11.16 -3.08
N SER B 205 13.67 12.30 -2.96
CA SER B 205 13.63 13.31 -4.04
C SER B 205 14.69 14.41 -3.97
N GLY B 206 15.23 14.67 -2.79
CA GLY B 206 16.14 15.79 -2.58
C GLY B 206 15.41 17.11 -2.38
N GLY B 207 14.08 17.06 -2.26
CA GLY B 207 13.30 18.26 -1.96
C GLY B 207 13.36 18.60 -0.48
N SER B 208 12.54 19.55 -0.04
CA SER B 208 12.50 19.93 1.37
C SER B 208 11.08 20.28 1.79
N PHE B 209 10.84 20.29 3.10
CA PHE B 209 9.56 20.73 3.65
C PHE B 209 9.77 21.48 4.96
N LEU B 210 8.82 22.36 5.27
CA LEU B 210 8.82 23.10 6.55
C LEU B 210 7.38 23.37 6.93
N VAL B 211 7.05 23.18 8.20
CA VAL B 211 5.75 23.55 8.75
C VAL B 211 5.99 24.56 9.88
N THR B 212 5.41 25.76 9.76
CA THR B 212 5.78 26.88 10.63
C THR B 212 4.69 27.95 10.71
N ASP B 213 4.70 28.74 11.78
CA ASP B 213 3.82 29.90 11.91
C ASP B 213 4.59 31.23 11.76
N ASP B 214 5.77 31.15 11.16
CA ASP B 214 6.63 32.31 10.94
C ASP B 214 6.25 32.99 9.62
N ALA B 215 5.79 34.24 9.71
CA ALA B 215 5.33 35.00 8.55
C ALA B 215 6.39 35.21 7.48
N SER B 216 7.68 35.16 7.86
CA SER B 216 8.78 35.34 6.91
C SER B 216 8.98 34.15 5.97
N SER B 217 8.33 33.02 6.29
CA SER B 217 8.46 31.80 5.49
C SER B 217 7.91 31.92 4.06
N VAL B 218 7.08 32.93 3.81
CA VAL B 218 6.55 33.18 2.46
C VAL B 218 7.62 33.75 1.53
N GLU B 219 8.66 34.36 2.10
CA GLU B 219 9.69 35.04 1.31
C GLU B 219 10.40 34.08 0.35
N GLY B 220 10.54 34.50 -0.91
CA GLY B 220 11.16 33.67 -1.95
C GLY B 220 10.24 32.66 -2.62
N ALA B 221 8.95 32.64 -2.27
CA ALA B 221 8.00 31.70 -2.87
C ALA B 221 7.81 31.98 -4.35
N ASP B 222 7.78 30.93 -5.15
CA ASP B 222 7.45 31.05 -6.59
C ASP B 222 5.95 30.85 -6.82
N PHE B 223 5.34 30.03 -5.98
CA PHE B 223 3.91 29.80 -5.98
C PHE B 223 3.41 29.94 -4.55
N LEU B 224 2.36 30.72 -4.37
CA LEU B 224 1.72 30.90 -3.08
C LEU B 224 0.28 30.40 -3.23
N TYR B 225 -0.08 29.43 -2.40
CA TYR B 225 -1.31 28.65 -2.54
C TYR B 225 -2.13 28.79 -1.26
N THR B 226 -3.45 28.89 -1.39
CA THR B 226 -4.32 28.86 -0.21
C THR B 226 -5.64 28.14 -0.48
N ASP B 227 -6.46 28.02 0.57
CA ASP B 227 -7.70 27.25 0.55
C ASP B 227 -8.60 27.88 1.60
N VAL B 228 -9.86 27.47 1.62
CA VAL B 228 -10.83 27.99 2.59
C VAL B 228 -10.46 27.67 4.03
N TRP B 229 -11.11 28.36 4.97
CA TRP B 229 -10.85 28.22 6.39
C TRP B 229 -11.92 27.47 7.14
N TYR B 230 -13.04 27.14 6.48
CA TYR B 230 -14.18 26.58 7.20
C TYR B 230 -14.12 25.08 7.44
N GLY B 231 -13.03 24.42 7.04
CA GLY B 231 -12.79 23.03 7.40
C GLY B 231 -13.58 22.03 6.57
N LEU B 232 -14.00 20.94 7.22
CA LEU B 232 -14.61 19.81 6.52
C LEU B 232 -16.09 20.02 6.23
N TYR B 233 -16.51 19.48 5.08
CA TYR B 233 -17.88 19.56 4.60
C TYR B 233 -18.94 19.24 5.65
N GLU B 234 -18.74 18.14 6.37
CA GLU B 234 -19.70 17.66 7.36
C GLU B 234 -19.70 18.45 8.68
N ALA B 235 -18.63 19.19 8.95
CA ALA B 235 -18.49 19.89 10.24
C ALA B 235 -17.73 21.22 10.09
N GLU B 236 -18.36 22.18 9.42
CA GLU B 236 -17.73 23.46 9.12
C GLU B 236 -17.50 24.30 10.37
N LEU B 237 -16.39 25.05 10.38
CA LEU B 237 -16.15 26.10 11.39
C LEU B 237 -16.96 27.34 11.05
N SER B 238 -17.57 27.96 12.06
CA SER B 238 -18.35 29.18 11.84
C SER B 238 -17.46 30.33 11.39
N GLU B 239 -18.10 31.37 10.83
CA GLU B 239 -17.38 32.56 10.39
C GLU B 239 -16.63 33.22 11.54
N GLU B 240 -17.29 33.40 12.67
CA GLU B 240 -16.70 34.01 13.86
C GLU B 240 -15.47 33.23 14.34
N GLU B 241 -15.62 31.91 14.43
CA GLU B 241 -14.54 31.06 14.92
C GLU B 241 -13.32 31.07 13.99
N ARG B 242 -13.56 30.96 12.69
CA ARG B 242 -12.44 30.86 11.75
C ARG B 242 -11.73 32.20 11.55
N MET B 243 -12.45 33.30 11.62
CA MET B 243 -11.82 34.63 11.62
C MET B 243 -10.90 34.78 12.82
N LYS B 244 -11.37 34.34 13.99
CA LYS B 244 -10.55 34.37 15.22
C LYS B 244 -9.23 33.58 15.05
N VAL B 245 -9.29 32.43 14.39
CA VAL B 245 -8.09 31.59 14.17
C VAL B 245 -7.12 32.17 13.14
N PHE B 246 -7.63 32.64 12.00
CA PHE B 246 -6.81 32.92 10.82
C PHE B 246 -6.61 34.39 10.44
N TYR B 247 -7.54 35.26 10.84
CA TYR B 247 -7.55 36.64 10.34
C TYR B 247 -6.92 37.61 11.32
N PRO B 248 -6.08 38.55 10.83
CA PRO B 248 -5.68 38.81 9.44
C PRO B 248 -4.37 38.16 8.98
N LYS B 249 -3.66 37.50 9.89
CA LYS B 249 -2.31 37.01 9.61
C LYS B 249 -2.21 36.09 8.39
N TYR B 250 -3.20 35.22 8.21
CA TYR B 250 -3.17 34.23 7.13
C TYR B 250 -3.99 34.64 5.91
N GLN B 251 -4.45 35.89 5.86
CA GLN B 251 -5.11 36.38 4.65
C GLN B 251 -4.05 36.66 3.59
N VAL B 252 -4.20 36.04 2.42
CA VAL B 252 -3.32 36.33 1.31
C VAL B 252 -3.76 37.64 0.65
N ASN B 253 -3.05 38.72 0.97
CA ASN B 253 -3.31 40.04 0.41
C ASN B 253 -2.10 40.49 -0.43
N GLN B 254 -2.19 41.68 -1.02
CA GLN B 254 -1.11 42.16 -1.89
C GLN B 254 0.21 42.33 -1.11
N GLU B 255 0.12 42.71 0.16
CA GLU B 255 1.31 42.83 1.01
C GLU B 255 2.04 41.49 1.11
N MET B 256 1.29 40.40 1.32
CA MET B 256 1.89 39.07 1.40
C MET B 256 2.50 38.63 0.06
N MET B 257 1.81 38.91 -1.03
CA MET B 257 2.34 38.56 -2.35
C MET B 257 3.64 39.33 -2.63
N ASP B 258 3.67 40.62 -2.30
CA ASP B 258 4.89 41.42 -2.45
C ASP B 258 6.02 40.89 -1.57
N ARG B 259 5.69 40.47 -0.35
CA ARG B 259 6.68 39.86 0.55
C ARG B 259 7.23 38.54 -0.02
N ALA B 260 6.37 37.77 -0.68
CA ALA B 260 6.81 36.54 -1.36
C ALA B 260 7.76 36.88 -2.51
N GLY B 261 7.35 37.81 -3.35
CA GLY B 261 8.17 38.26 -4.49
C GLY B 261 7.31 38.81 -5.61
N ALA B 262 7.89 39.72 -6.40
CA ALA B 262 7.18 40.38 -7.51
C ALA B 262 6.63 39.40 -8.55
N ASN B 263 7.33 38.27 -8.74
CA ASN B 263 6.94 37.27 -9.73
C ASN B 263 6.16 36.07 -9.17
N CYS B 264 5.90 36.07 -7.86
CA CYS B 264 5.20 34.95 -7.24
C CYS B 264 3.78 34.82 -7.81
N LYS B 265 3.40 33.60 -8.21
CA LYS B 265 2.07 33.33 -8.73
C LYS B 265 1.12 32.88 -7.62
N PHE B 266 -0.15 33.29 -7.72
CA PHE B 266 -1.15 32.91 -6.72
C PHE B 266 -2.03 31.75 -7.20
N MET B 267 -2.19 30.74 -6.34
CA MET B 267 -2.98 29.55 -6.62
C MET B 267 -4.02 29.32 -5.51
N HIS B 268 -5.14 28.71 -5.89
CA HIS B 268 -6.23 28.39 -4.97
C HIS B 268 -7.03 27.30 -5.64
N CYS B 269 -7.38 26.25 -4.89
CA CYS B 269 -8.10 25.11 -5.47
C CYS B 269 -9.54 25.44 -5.87
N LEU B 270 -10.11 26.48 -5.22
CA LEU B 270 -11.49 26.95 -5.42
C LEU B 270 -12.51 25.94 -4.86
N PRO B 271 -13.69 26.42 -4.46
CA PRO B 271 -14.15 27.80 -4.43
C PRO B 271 -13.41 28.61 -3.36
N ALA B 272 -13.29 29.91 -3.58
CA ALA B 272 -12.61 30.82 -2.65
C ALA B 272 -13.64 31.67 -1.90
N THR B 273 -13.35 31.97 -0.63
CA THR B 273 -14.12 32.96 0.13
C THR B 273 -13.38 34.30 0.10
N ARG B 274 -13.76 35.16 -0.83
CA ARG B 274 -13.15 36.47 -0.97
C ARG B 274 -13.36 37.30 0.29
N GLY B 275 -12.30 37.97 0.72
CA GLY B 275 -12.29 38.73 1.95
C GLY B 275 -11.88 37.94 3.17
N GLU B 276 -11.65 36.63 3.00
CA GLU B 276 -11.10 35.82 4.08
C GLU B 276 -9.67 35.37 3.79
N GLU B 277 -9.53 34.21 3.16
CA GLU B 277 -8.21 33.66 2.85
C GLU B 277 -7.48 34.49 1.80
N VAL B 278 -8.23 35.12 0.90
CA VAL B 278 -7.65 35.92 -0.17
C VAL B 278 -8.49 37.17 -0.43
N THR B 279 -7.83 38.23 -0.87
CA THR B 279 -8.52 39.46 -1.25
C THR B 279 -8.82 39.48 -2.75
N ASP B 280 -9.83 40.27 -3.12
CA ASP B 280 -10.19 40.45 -4.53
C ASP B 280 -8.97 40.85 -5.35
N GLU B 281 -8.19 41.79 -4.82
CA GLU B 281 -7.01 42.31 -5.49
C GLU B 281 -6.06 41.22 -5.96
N VAL B 282 -5.84 40.22 -5.10
CA VAL B 282 -4.89 39.14 -5.40
C VAL B 282 -5.48 38.12 -6.37
N ILE B 283 -6.67 37.61 -6.07
CA ILE B 283 -7.28 36.56 -6.89
C ILE B 283 -7.62 37.01 -8.31
N ASP B 284 -7.95 38.29 -8.49
CA ASP B 284 -8.22 38.86 -9.82
C ASP B 284 -7.01 39.57 -10.45
N GLY B 285 -5.88 39.60 -9.74
CA GLY B 285 -4.70 40.34 -10.20
C GLY B 285 -3.92 39.62 -11.30
N LYS B 286 -2.89 40.31 -11.82
CA LYS B 286 -2.12 39.83 -12.97
C LYS B 286 -1.32 38.55 -12.67
N ASN B 287 -0.99 38.31 -11.41
CA ASN B 287 -0.20 37.14 -11.02
C ASN B 287 -1.03 35.97 -10.48
N SER B 288 -2.36 36.07 -10.57
CA SER B 288 -3.23 34.95 -10.22
C SER B 288 -3.27 33.96 -11.36
N ILE B 289 -3.08 32.68 -11.05
CA ILE B 289 -3.21 31.64 -12.07
C ILE B 289 -4.27 30.62 -11.69
N CYS B 290 -5.16 30.98 -10.77
CA CYS B 290 -6.09 30.00 -10.23
C CYS B 290 -7.18 29.55 -11.22
N PHE B 291 -7.44 30.35 -12.25
CA PHE B 291 -8.41 29.94 -13.27
C PHE B 291 -7.78 29.05 -14.35
N ASP B 292 -6.50 29.26 -14.66
CA ASP B 292 -5.73 28.26 -15.42
C ASP B 292 -5.66 26.96 -14.64
N GLU B 293 -5.45 27.07 -13.33
CA GLU B 293 -5.41 25.92 -12.44
C GLU B 293 -6.74 25.14 -12.48
N ALA B 294 -7.86 25.85 -12.45
CA ALA B 294 -9.18 25.23 -12.52
C ALA B 294 -9.36 24.49 -13.83
N GLU B 295 -8.94 25.12 -14.93
CA GLU B 295 -8.98 24.43 -16.23
C GLU B 295 -8.18 23.14 -16.18
N ASN B 296 -7.06 23.15 -15.46
CA ASN B 296 -6.19 21.99 -15.44
C ASN B 296 -6.70 20.83 -14.57
N ARG B 297 -7.80 21.03 -13.85
CA ARG B 297 -8.52 19.91 -13.26
C ARG B 297 -9.03 18.99 -14.36
N LEU B 298 -9.55 19.56 -15.44
CA LEU B 298 -9.99 18.78 -16.60
C LEU B 298 -8.78 18.19 -17.33
N THR B 299 -7.74 19.01 -17.55
CA THR B 299 -6.50 18.54 -18.16
C THR B 299 -5.99 17.25 -17.52
N SER B 300 -5.83 17.26 -16.20
CA SER B 300 -5.25 16.15 -15.47
C SER B 300 -6.19 14.94 -15.42
N ILE B 301 -7.49 15.20 -15.27
CA ILE B 301 -8.47 14.11 -15.24
C ILE B 301 -8.49 13.34 -16.58
N ARG B 302 -8.39 14.04 -17.71
CA ARG B 302 -8.30 13.37 -19.02
C ARG B 302 -7.09 12.45 -19.10
N GLY B 303 -5.93 12.95 -18.66
CA GLY B 303 -4.71 12.13 -18.67
C GLY B 303 -4.79 10.91 -17.76
N LEU B 304 -5.36 11.08 -16.57
CA LEU B 304 -5.54 9.98 -15.63
C LEU B 304 -6.44 8.88 -16.18
N LEU B 305 -7.59 9.28 -16.72
CA LEU B 305 -8.55 8.34 -17.27
C LEU B 305 -7.93 7.50 -18.39
N VAL B 306 -7.23 8.17 -19.30
CA VAL B 306 -6.54 7.48 -20.39
C VAL B 306 -5.45 6.55 -19.88
N TYR B 307 -4.63 7.03 -18.94
CA TYR B 307 -3.56 6.20 -18.38
C TYR B 307 -4.12 4.93 -17.74
N LEU B 308 -5.11 5.08 -16.85
CA LEU B 308 -5.65 3.94 -16.11
C LEU B 308 -6.36 2.93 -17.04
N MET B 309 -7.04 3.43 -18.06
CA MET B 309 -7.74 2.53 -18.99
C MET B 309 -6.77 1.85 -19.95
N ASN B 310 -5.73 2.56 -20.39
CA ASN B 310 -4.64 1.93 -21.17
C ASN B 310 -3.95 0.84 -20.36
N ASP B 311 -3.69 1.11 -19.08
CA ASP B 311 -3.11 0.11 -18.18
C ASP B 311 -4.04 -1.11 -18.05
N TYR B 312 -5.33 -0.87 -17.86
CA TYR B 312 -6.31 -1.95 -17.73
C TYR B 312 -6.34 -2.83 -18.98
N GLU B 313 -6.39 -2.21 -20.16
CA GLU B 313 -6.43 -2.95 -21.42
C GLU B 313 -5.12 -3.73 -21.67
N ALA B 314 -3.98 -3.17 -21.29
CA ALA B 314 -2.69 -3.88 -21.42
C ALA B 314 -2.66 -5.13 -20.56
N LYS B 315 -3.23 -5.06 -19.36
CA LYS B 315 -3.32 -6.21 -18.46
C LYS B 315 -4.45 -7.17 -18.80
N ASN B 316 -5.45 -6.70 -19.54
CA ASN B 316 -6.62 -7.51 -19.90
C ASN B 316 -6.91 -7.36 -21.40
N PRO B 317 -5.99 -7.80 -22.26
CA PRO B 317 -6.12 -7.55 -23.70
C PRO B 317 -7.29 -8.28 -24.37
N TYR B 318 -7.85 -7.68 -25.42
CA TYR B 318 -8.89 -8.33 -26.22
C TYR B 318 -8.27 -9.33 -27.19
N ASP B 319 -8.93 -10.48 -27.33
CA ASP B 319 -8.55 -11.50 -28.28
C ASP B 319 -9.21 -11.17 -29.62
N LEU B 320 -8.41 -10.74 -30.59
CA LEU B 320 -8.94 -10.24 -31.87
C LEU B 320 -9.61 -11.32 -32.73
N ILE B 321 -9.20 -12.58 -32.58
CA ILE B 321 -9.85 -13.71 -33.27
C ILE B 321 -11.27 -13.93 -32.72
N LYS B 322 -11.40 -13.95 -31.40
CA LYS B 322 -12.70 -14.10 -30.75
C LYS B 322 -13.59 -12.88 -30.97
N GLN B 323 -12.98 -11.71 -31.05
CA GLN B 323 -13.70 -10.47 -31.37
C GLN B 323 -14.33 -10.57 -32.77
N ALA B 324 -13.53 -10.98 -33.75
CA ALA B 324 -14.01 -11.15 -35.13
C ALA B 324 -15.14 -12.18 -35.22
N GLU B 325 -15.00 -13.29 -34.50
CA GLU B 325 -16.03 -14.32 -34.46
C GLU B 325 -17.32 -13.79 -33.83
N ALA B 326 -17.20 -13.05 -32.73
CA ALA B 326 -18.38 -12.52 -32.02
C ALA B 326 -19.13 -11.50 -32.87
N LYS B 327 -18.37 -10.65 -33.57
CA LYS B 327 -18.96 -9.65 -34.47
C LYS B 327 -19.74 -10.33 -35.61
N LYS B 328 -19.14 -11.35 -36.22
CA LYS B 328 -19.78 -12.09 -37.30
C LYS B 328 -21.06 -12.77 -36.83
N GLU B 329 -21.00 -13.45 -35.69
CA GLU B 329 -22.17 -14.16 -35.16
C GLU B 329 -23.32 -13.18 -34.86
N LEU B 330 -23.00 -12.01 -34.32
CA LEU B 330 -24.04 -11.01 -34.03
C LEU B 330 -24.68 -10.53 -35.34
N GLU B 331 -23.85 -10.21 -36.33
CA GLU B 331 -24.36 -9.72 -37.62
C GLU B 331 -25.24 -10.73 -38.33
N VAL B 332 -24.84 -12.00 -38.30
CA VAL B 332 -25.65 -13.08 -38.88
C VAL B 332 -26.98 -13.22 -38.15
N PHE B 333 -26.95 -13.13 -36.82
CA PHE B 333 -28.16 -13.23 -36.02
C PHE B 333 -29.14 -12.11 -36.35
N LEU B 334 -28.63 -10.89 -36.49
CA LEU B 334 -29.48 -9.72 -36.77
C LEU B 334 -29.98 -9.68 -38.20
N ASP B 335 -29.28 -10.36 -39.11
CA ASP B 335 -29.67 -10.41 -40.51
C ASP B 335 -30.70 -11.51 -40.75
N THR B 336 -30.49 -12.67 -40.14
CA THR B 336 -31.28 -13.87 -40.42
C THR B 336 -32.43 -14.17 -39.44
N GLN B 337 -32.29 -13.82 -38.15
CA GLN B 337 -33.28 -14.20 -37.13
C GLN B 337 -34.38 -13.13 -36.86
N SER B 338 -35.44 -13.52 -36.14
CA SER B 338 -36.56 -12.62 -35.81
C SER B 338 -37.42 -13.16 -34.66
N MET C 1 -14.41 35.71 -28.08
CA MET C 1 -15.71 36.37 -28.36
C MET C 1 -16.83 35.33 -28.53
N LYS C 2 -17.98 35.64 -27.96
CA LYS C 2 -19.19 34.82 -28.07
C LYS C 2 -20.45 35.63 -28.31
N ARG C 3 -21.55 34.94 -28.59
CA ARG C 3 -22.87 35.54 -28.55
C ARG C 3 -23.74 34.75 -27.58
N ASP C 4 -24.66 35.44 -26.91
CA ASP C 4 -25.59 34.80 -25.98
C ASP C 4 -27.03 34.82 -26.50
N TYR C 5 -27.88 34.04 -25.83
CA TYR C 5 -29.32 34.03 -26.11
C TYR C 5 -30.06 34.18 -24.79
N VAL C 6 -30.09 35.43 -24.32
CA VAL C 6 -30.71 35.81 -23.05
C VAL C 6 -32.08 36.42 -23.28
N THR C 7 -32.19 37.24 -24.34
CA THR C 7 -33.45 37.82 -24.75
C THR C 7 -33.49 37.99 -26.27
N THR C 8 -34.67 37.81 -26.87
CA THR C 8 -34.87 38.05 -28.30
C THR C 8 -34.78 39.54 -28.65
N GLU C 9 -34.72 40.39 -27.62
CA GLU C 9 -34.51 41.84 -27.83
C GLU C 9 -33.20 42.17 -28.54
N THR C 10 -32.21 41.29 -28.44
CA THR C 10 -30.92 41.49 -29.10
C THR C 10 -30.84 40.77 -30.46
N TYR C 11 -31.97 40.27 -30.95
CA TYR C 11 -32.05 39.58 -32.24
C TYR C 11 -33.01 40.32 -33.19
N THR C 12 -32.63 40.44 -34.46
CA THR C 12 -33.52 41.04 -35.49
C THR C 12 -34.53 40.02 -36.03
N LYS C 13 -35.55 40.51 -36.72
CA LYS C 13 -36.53 39.66 -37.40
C LYS C 13 -35.84 38.68 -38.34
N GLU C 14 -34.86 39.18 -39.10
CA GLU C 14 -34.11 38.34 -40.04
C GLU C 14 -33.32 37.23 -39.33
N GLU C 15 -32.73 37.53 -38.19
CA GLU C 15 -32.00 36.54 -37.40
C GLU C 15 -32.96 35.48 -36.82
N MET C 16 -34.15 35.90 -36.39
CA MET C 16 -35.14 34.94 -35.89
C MET C 16 -35.64 34.04 -37.01
N HIS C 17 -35.86 34.60 -38.21
CA HIS C 17 -36.20 33.79 -39.39
C HIS C 17 -35.15 32.75 -39.70
N TYR C 18 -33.88 33.12 -39.59
CA TYR C 18 -32.77 32.18 -39.81
C TYR C 18 -32.82 31.03 -38.79
N LEU C 19 -33.03 31.37 -37.52
CA LEU C 19 -33.13 30.35 -36.46
C LEU C 19 -34.30 29.38 -36.70
N VAL C 20 -35.44 29.91 -37.12
CA VAL C 20 -36.59 29.08 -37.47
C VAL C 20 -36.25 28.13 -38.62
N ASP C 21 -35.67 28.67 -39.69
CA ASP C 21 -35.34 27.88 -40.88
C ASP C 21 -34.33 26.78 -40.54
N LEU C 22 -33.30 27.12 -39.76
CA LEU C 22 -32.30 26.14 -39.31
C LEU C 22 -32.95 25.04 -38.46
N SER C 23 -33.76 25.45 -37.50
CA SER C 23 -34.45 24.50 -36.62
C SER C 23 -35.33 23.54 -37.41
N LEU C 24 -36.09 24.06 -38.37
CA LEU C 24 -37.02 23.21 -39.14
C LEU C 24 -36.29 22.25 -40.09
N LYS C 25 -35.14 22.67 -40.61
CA LYS C 25 -34.37 21.79 -41.48
C LYS C 25 -33.71 20.65 -40.71
N ILE C 26 -33.21 20.94 -39.51
CA ILE C 26 -32.70 19.90 -38.62
C ILE C 26 -33.84 18.95 -38.25
N LYS C 27 -35.01 19.49 -37.96
CA LYS C 27 -36.19 18.68 -37.59
C LYS C 27 -36.54 17.68 -38.69
N GLU C 28 -36.55 18.15 -39.93
CA GLU C 28 -36.91 17.28 -41.06
C GLU C 28 -35.85 16.21 -41.31
N ALA C 29 -34.58 16.52 -41.07
CA ALA C 29 -33.52 15.51 -41.16
C ALA C 29 -33.75 14.40 -40.14
N ILE C 30 -33.91 14.78 -38.87
CA ILE C 30 -34.05 13.82 -37.78
C ILE C 30 -35.36 13.02 -37.90
N LYS C 31 -36.44 13.68 -38.31
CA LYS C 31 -37.71 13.00 -38.56
C LYS C 31 -37.55 11.84 -39.53
N ASN C 32 -36.67 12.00 -40.53
CA ASN C 32 -36.45 10.97 -41.54
C ASN C 32 -35.21 10.12 -41.27
N GLY C 33 -34.65 10.24 -40.06
CA GLY C 33 -33.62 9.32 -39.59
C GLY C 33 -32.18 9.71 -39.89
N TYR C 34 -31.94 10.96 -40.30
CA TYR C 34 -30.57 11.46 -40.39
C TYR C 34 -30.29 12.42 -39.24
N TYR C 35 -29.32 12.04 -38.39
CA TYR C 35 -28.92 12.86 -37.26
C TYR C 35 -27.64 13.62 -37.61
N PRO C 36 -27.74 14.93 -37.86
CA PRO C 36 -26.52 15.67 -38.21
C PRO C 36 -25.63 15.90 -36.99
N GLN C 37 -24.38 15.43 -37.08
CA GLN C 37 -23.48 15.48 -35.94
C GLN C 37 -22.75 16.83 -35.91
N LEU C 38 -23.50 17.88 -35.62
CA LEU C 38 -23.00 19.25 -35.68
C LEU C 38 -22.34 19.72 -34.36
N LEU C 39 -22.51 18.96 -33.28
CA LEU C 39 -21.92 19.30 -31.97
C LEU C 39 -21.05 18.15 -31.44
N LYS C 40 -20.30 17.52 -32.32
CA LYS C 40 -19.53 16.32 -31.99
C LYS C 40 -18.51 16.61 -30.85
N ASN C 41 -18.61 15.81 -29.79
CA ASN C 41 -17.74 15.92 -28.60
C ASN C 41 -17.87 17.21 -27.78
N LYS C 42 -18.93 17.98 -28.00
CA LYS C 42 -19.15 19.23 -27.26
C LYS C 42 -19.96 18.97 -26.01
N SER C 43 -19.69 19.74 -24.95
CA SER C 43 -20.35 19.59 -23.66
C SER C 43 -21.15 20.83 -23.29
N LEU C 44 -22.40 20.61 -22.88
CA LEU C 44 -23.30 21.67 -22.41
C LEU C 44 -23.49 21.54 -20.91
N GLY C 45 -23.21 22.62 -20.17
CA GLY C 45 -23.53 22.68 -18.75
C GLY C 45 -24.97 23.15 -18.61
N MET C 46 -25.80 22.40 -17.89
CA MET C 46 -27.22 22.73 -17.72
C MET C 46 -27.52 23.06 -16.26
N ILE C 47 -27.58 24.34 -15.94
CA ILE C 47 -27.80 24.79 -14.56
C ILE C 47 -29.30 25.03 -14.34
N PHE C 48 -29.89 24.24 -13.46
CA PHE C 48 -31.30 24.43 -13.12
C PHE C 48 -31.46 24.83 -11.66
N GLN C 49 -31.90 26.08 -11.41
CA GLN C 49 -32.22 26.55 -10.05
C GLN C 49 -33.64 26.18 -9.65
N GLN C 50 -34.46 25.76 -10.62
CA GLN C 50 -35.84 25.36 -10.39
C GLN C 50 -36.13 24.10 -11.19
N SER C 51 -37.25 23.46 -10.90
CA SER C 51 -37.62 22.22 -11.61
C SER C 51 -37.93 22.48 -13.08
N SER C 52 -37.80 21.44 -13.89
CA SER C 52 -38.14 21.48 -15.29
C SER C 52 -38.26 20.04 -15.85
N THR C 53 -39.23 19.82 -16.73
CA THR C 53 -39.28 18.58 -17.49
C THR C 53 -38.97 18.87 -18.96
N GLY C 54 -39.80 19.67 -19.60
CA GLY C 54 -39.67 19.94 -21.05
C GLY C 54 -38.35 20.57 -21.46
N THR C 55 -37.97 21.63 -20.77
CA THR C 55 -36.76 22.35 -21.12
C THR C 55 -35.54 21.46 -20.86
N ARG C 56 -35.49 20.85 -19.70
CA ARG C 56 -34.37 19.99 -19.33
C ARG C 56 -34.20 18.80 -20.30
N VAL C 57 -35.28 18.06 -20.55
CA VAL C 57 -35.20 16.89 -21.43
C VAL C 57 -34.84 17.32 -22.87
N SER C 58 -35.39 18.44 -23.31
CA SER C 58 -35.08 18.97 -24.66
C SER C 58 -33.57 19.24 -24.85
N PHE C 59 -32.96 19.90 -23.86
CA PHE C 59 -31.52 20.19 -23.94
C PHE C 59 -30.68 18.91 -23.93
N GLU C 60 -31.04 17.97 -23.07
CA GLU C 60 -30.27 16.74 -22.91
C GLU C 60 -30.38 15.85 -24.17
N THR C 61 -31.60 15.75 -24.69
CA THR C 61 -31.84 15.01 -25.94
C THR C 61 -31.17 15.68 -27.14
N ALA C 62 -31.31 17.00 -27.24
CA ALA C 62 -30.71 17.75 -28.34
C ALA C 62 -29.20 17.48 -28.44
N MET C 63 -28.49 17.52 -27.31
CA MET C 63 -27.05 17.29 -27.32
C MET C 63 -26.71 15.89 -27.83
N GLU C 64 -27.44 14.87 -27.36
CA GLU C 64 -27.21 13.50 -27.83
C GLU C 64 -27.45 13.37 -29.34
N GLN C 65 -28.53 13.96 -29.82
CA GLN C 65 -28.89 13.86 -31.24
C GLN C 65 -27.85 14.51 -32.15
N LEU C 66 -27.19 15.55 -31.64
CA LEU C 66 -26.23 16.32 -32.43
C LEU C 66 -24.77 15.91 -32.17
N GLY C 67 -24.56 14.87 -31.36
CA GLY C 67 -23.24 14.27 -31.19
C GLY C 67 -22.45 14.70 -29.97
N GLY C 68 -23.09 15.48 -29.09
CA GLY C 68 -22.46 15.97 -27.86
C GLY C 68 -23.14 15.42 -26.62
N HIS C 69 -23.05 16.16 -25.52
CA HIS C 69 -23.58 15.71 -24.23
C HIS C 69 -23.97 16.86 -23.36
N GLY C 70 -25.11 16.71 -22.66
CA GLY C 70 -25.59 17.68 -21.70
C GLY C 70 -25.41 17.19 -20.28
N GLU C 71 -24.86 18.05 -19.41
CA GLU C 71 -24.62 17.73 -18.02
C GLU C 71 -25.65 18.42 -17.16
N TYR C 72 -26.47 17.65 -16.45
CA TYR C 72 -27.54 18.20 -15.62
C TYR C 72 -27.02 18.59 -14.25
N LEU C 73 -26.99 19.89 -13.98
CA LEU C 73 -26.57 20.40 -12.69
C LEU C 73 -27.83 20.83 -11.92
N ALA C 74 -28.27 19.97 -11.01
CA ALA C 74 -29.57 20.12 -10.34
C ALA C 74 -29.64 21.31 -9.37
N PRO C 75 -30.86 21.70 -8.96
CA PRO C 75 -31.01 22.78 -7.97
C PRO C 75 -30.20 22.50 -6.70
N GLY C 76 -29.37 23.47 -6.32
CA GLY C 76 -28.53 23.34 -5.13
C GLY C 76 -27.11 22.85 -5.41
N GLN C 77 -26.86 22.34 -6.61
CA GLN C 77 -25.54 21.82 -6.96
C GLN C 77 -24.53 22.93 -7.27
N ILE C 78 -25.01 23.99 -7.92
CA ILE C 78 -24.22 25.18 -8.20
C ILE C 78 -24.84 26.37 -7.50
N GLN C 79 -24.13 26.99 -6.57
CA GLN C 79 -24.61 28.23 -5.95
C GLN C 79 -24.35 29.36 -6.95
N LEU C 80 -25.36 30.19 -7.19
CA LEU C 80 -25.23 31.36 -8.05
C LEU C 80 -25.76 32.63 -7.36
N THR C 85 -19.04 33.71 -5.78
CA THR C 85 -19.56 34.74 -6.68
C THR C 85 -19.88 34.21 -8.09
N ILE C 86 -20.76 34.91 -8.77
CA ILE C 86 -21.13 34.62 -10.14
C ILE C 86 -19.91 34.73 -11.09
N GLU C 87 -19.04 35.71 -10.84
CA GLU C 87 -17.83 35.89 -11.62
C GLU C 87 -16.94 34.63 -11.52
N ASP C 88 -16.77 34.12 -10.31
CA ASP C 88 -15.87 32.97 -10.11
C ASP C 88 -16.46 31.72 -10.76
N THR C 89 -17.75 31.49 -10.57
CA THR C 89 -18.43 30.34 -11.17
C THR C 89 -18.41 30.38 -12.69
N SER C 90 -18.63 31.57 -13.25
CA SER C 90 -18.61 31.77 -14.69
C SER C 90 -17.24 31.45 -15.28
N ARG C 91 -16.19 31.91 -14.61
CA ARG C 91 -14.83 31.69 -15.10
C ARG C 91 -14.43 30.22 -15.00
N VAL C 92 -14.89 29.52 -13.96
CA VAL C 92 -14.59 28.10 -13.83
C VAL C 92 -15.31 27.32 -14.92
N LEU C 93 -16.61 27.52 -15.04
CA LEU C 93 -17.39 26.75 -16.00
C LEU C 93 -16.96 27.01 -17.45
N SER C 94 -16.54 28.24 -17.72
CA SER C 94 -16.07 28.61 -19.06
C SER C 94 -14.88 27.78 -19.52
N ARG C 95 -14.10 27.25 -18.58
CA ARG C 95 -12.95 26.41 -18.91
C ARG C 95 -13.31 24.92 -19.01
N LEU C 96 -14.50 24.54 -18.57
CA LEU C 96 -14.84 23.14 -18.38
C LEU C 96 -15.94 22.60 -19.32
N VAL C 97 -16.76 23.50 -19.89
CA VAL C 97 -17.76 23.12 -20.90
C VAL C 97 -17.66 24.07 -22.09
N ASP C 98 -18.36 23.74 -23.18
CA ASP C 98 -18.33 24.54 -24.41
C ASP C 98 -19.46 25.56 -24.50
N ILE C 99 -20.54 25.29 -23.81
CA ILE C 99 -21.74 26.15 -23.87
C ILE C 99 -22.53 25.91 -22.59
N LEU C 100 -23.31 26.91 -22.18
CA LEU C 100 -23.99 26.90 -20.90
C LEU C 100 -25.45 27.30 -21.08
N MET C 101 -26.34 26.65 -20.32
CA MET C 101 -27.68 27.17 -20.15
C MET C 101 -28.02 27.21 -18.69
N ALA C 102 -28.99 28.05 -18.33
CA ALA C 102 -29.41 28.15 -16.96
C ALA C 102 -30.87 28.60 -16.88
N ARG C 103 -31.62 27.91 -16.04
CA ARG C 103 -32.95 28.34 -15.63
C ARG C 103 -32.77 28.97 -14.25
N VAL C 104 -33.15 30.24 -14.10
CA VAL C 104 -32.82 31.00 -12.89
C VAL C 104 -34.05 31.62 -12.25
N GLU C 105 -33.97 31.84 -10.94
CA GLU C 105 -35.04 32.44 -10.18
C GLU C 105 -35.20 33.92 -10.53
N ARG C 106 -34.06 34.63 -10.62
CA ARG C 106 -34.04 36.07 -10.89
C ARG C 106 -33.26 36.37 -12.15
N HIS C 107 -33.83 37.19 -13.02
CA HIS C 107 -33.24 37.48 -14.33
C HIS C 107 -31.82 38.00 -14.26
N HIS C 108 -31.49 38.82 -13.26
CA HIS C 108 -30.12 39.37 -13.16
C HIS C 108 -29.07 38.28 -13.12
N SER C 109 -29.40 37.11 -12.57
CA SER C 109 -28.46 35.99 -12.53
C SER C 109 -28.05 35.52 -13.93
N ILE C 110 -28.99 35.41 -14.86
CA ILE C 110 -28.67 34.97 -16.21
C ILE C 110 -27.92 36.08 -16.98
N VAL C 111 -28.30 37.34 -16.75
CA VAL C 111 -27.57 38.48 -17.32
C VAL C 111 -26.10 38.48 -16.85
N ASP C 112 -25.88 38.24 -15.56
CA ASP C 112 -24.53 38.24 -14.98
C ASP C 112 -23.71 37.06 -15.50
N LEU C 113 -24.33 35.89 -15.56
CA LEU C 113 -23.68 34.69 -16.09
C LEU C 113 -23.21 34.92 -17.52
N ALA C 114 -24.08 35.48 -18.36
CA ALA C 114 -23.75 35.77 -19.75
C ALA C 114 -22.64 36.81 -19.86
N ASN C 115 -22.68 37.82 -19.02
CA ASN C 115 -21.65 38.86 -19.03
C ASN C 115 -20.26 38.34 -18.65
N CYS C 116 -20.21 37.43 -17.68
CA CYS C 116 -18.94 36.96 -17.14
C CYS C 116 -18.37 35.75 -17.89
N ALA C 117 -19.23 34.89 -18.41
CA ALA C 117 -18.78 33.71 -19.14
C ALA C 117 -18.16 34.11 -20.48
N THR C 118 -17.13 33.38 -20.88
CA THR C 118 -16.49 33.60 -22.18
C THR C 118 -17.01 32.62 -23.24
N ILE C 119 -18.00 31.82 -22.87
CA ILE C 119 -18.67 30.88 -23.77
C ILE C 119 -20.14 31.29 -23.90
N PRO C 120 -20.83 30.84 -24.95
CA PRO C 120 -22.25 31.21 -25.12
C PRO C 120 -23.14 30.75 -23.96
N VAL C 121 -24.08 31.60 -23.58
CA VAL C 121 -25.00 31.33 -22.50
C VAL C 121 -26.44 31.48 -23.00
N ILE C 122 -27.27 30.48 -22.66
CA ILE C 122 -28.68 30.43 -23.03
C ILE C 122 -29.57 30.50 -21.80
N ASN C 123 -30.56 31.38 -21.85
CA ASN C 123 -31.57 31.55 -20.80
C ASN C 123 -32.63 30.46 -20.96
N GLY C 124 -32.71 29.55 -19.97
CA GLY C 124 -33.71 28.48 -19.96
C GLY C 124 -34.99 28.82 -19.20
N MET C 125 -35.18 30.10 -18.92
CA MET C 125 -36.35 30.75 -18.30
C MET C 125 -35.93 31.48 -17.04
N SER C 126 -36.43 32.70 -16.89
CA SER C 126 -36.26 33.49 -15.69
C SER C 126 -37.61 33.99 -15.23
N ASP C 127 -37.64 34.84 -14.21
CA ASP C 127 -38.88 35.52 -13.84
C ASP C 127 -39.29 36.60 -14.84
N TYR C 128 -38.40 36.95 -15.77
CA TYR C 128 -38.65 38.05 -16.73
C TYR C 128 -39.10 37.57 -18.12
N ASN C 129 -38.42 36.57 -18.67
CA ASN C 129 -38.74 36.09 -20.00
C ASN C 129 -38.44 34.59 -20.17
N HIS C 130 -38.67 34.07 -21.37
CA HIS C 130 -38.47 32.64 -21.66
C HIS C 130 -38.19 32.51 -23.13
N PRO C 131 -36.98 32.90 -23.56
CA PRO C 131 -36.73 33.05 -24.99
C PRO C 131 -36.65 31.76 -25.83
N THR C 132 -36.35 30.61 -25.23
CA THR C 132 -36.38 29.34 -25.98
C THR C 132 -37.84 28.95 -26.27
N GLN C 133 -38.72 29.27 -25.34
CA GLN C 133 -40.17 29.11 -25.56
C GLN C 133 -40.62 29.96 -26.76
N GLU C 134 -40.13 31.19 -26.84
CA GLU C 134 -40.45 32.09 -27.96
C GLU C 134 -40.15 31.45 -29.30
N LEU C 135 -38.94 30.92 -29.45
CA LEU C 135 -38.51 30.35 -30.72
C LEU C 135 -39.33 29.09 -31.05
N GLY C 136 -39.57 28.26 -30.04
CA GLY C 136 -40.40 27.06 -30.23
C GLY C 136 -41.83 27.42 -30.66
N ASP C 137 -42.40 28.43 -30.01
CA ASP C 137 -43.75 28.90 -30.35
C ASP C 137 -43.81 29.50 -31.75
N LEU C 138 -42.75 30.21 -32.15
CA LEU C 138 -42.67 30.77 -33.50
C LEU C 138 -42.62 29.66 -34.54
N CYS C 139 -41.79 28.64 -34.30
CA CYS C 139 -41.72 27.48 -35.18
C CYS C 139 -43.10 26.86 -35.34
N THR C 140 -43.83 26.78 -34.23
CA THR C 140 -45.14 26.14 -34.21
C THR C 140 -46.17 26.95 -35.01
N MET C 141 -46.17 28.27 -34.85
CA MET C 141 -47.07 29.15 -35.59
C MET C 141 -46.79 29.10 -37.10
N VAL C 142 -45.51 29.06 -37.47
CA VAL C 142 -45.11 28.93 -38.87
C VAL C 142 -45.65 27.62 -39.45
N GLU C 143 -45.54 26.52 -38.70
CA GLU C 143 -46.03 25.22 -39.16
C GLU C 143 -47.55 25.15 -39.24
N HIS C 144 -48.24 26.01 -38.49
CA HIS C 144 -49.71 25.98 -38.43
C HIS C 144 -50.35 27.26 -38.93
N LEU C 145 -49.73 27.94 -39.88
CA LEU C 145 -50.31 29.16 -40.47
C LEU C 145 -51.71 28.91 -41.03
N PRO C 146 -52.67 29.82 -40.78
CA PRO C 146 -53.98 29.70 -41.41
C PRO C 146 -53.89 29.73 -42.93
N GLU C 147 -54.80 29.02 -43.60
CA GLU C 147 -54.84 28.95 -45.07
C GLU C 147 -54.83 30.35 -45.68
N GLY C 148 -53.81 30.62 -46.51
CA GLY C 148 -53.73 31.87 -47.25
C GLY C 148 -53.33 33.11 -46.47
N LYS C 149 -52.84 32.94 -45.24
CA LYS C 149 -52.37 34.07 -44.43
C LYS C 149 -50.85 34.04 -44.28
N LYS C 150 -50.25 35.23 -44.29
CA LYS C 150 -48.84 35.39 -43.94
C LYS C 150 -48.74 35.54 -42.42
N LEU C 151 -47.57 35.24 -41.88
CA LEU C 151 -47.30 35.35 -40.45
C LEU C 151 -47.73 36.72 -39.91
N GLU C 152 -47.34 37.77 -40.61
CA GLU C 152 -47.60 39.15 -40.15
C GLU C 152 -49.08 39.54 -40.25
N ASP C 153 -49.89 38.76 -40.95
CA ASP C 153 -51.34 38.98 -40.98
C ASP C 153 -52.07 38.34 -39.78
N CYS C 154 -51.37 37.60 -38.94
CA CYS C 154 -52.02 36.82 -37.87
C CYS C 154 -52.22 37.61 -36.58
N LYS C 155 -53.26 37.24 -35.85
CA LYS C 155 -53.55 37.79 -34.53
C LYS C 155 -53.34 36.71 -33.46
N VAL C 156 -52.56 37.05 -32.45
CA VAL C 156 -52.22 36.14 -31.37
C VAL C 156 -52.71 36.75 -30.06
N VAL C 157 -53.60 36.05 -29.36
CA VAL C 157 -54.14 36.56 -28.11
C VAL C 157 -53.68 35.67 -26.95
N PHE C 158 -52.99 36.26 -25.99
CA PHE C 158 -52.66 35.57 -24.75
C PHE C 158 -53.73 35.90 -23.71
N VAL C 159 -54.25 34.87 -23.05
CA VAL C 159 -55.31 35.01 -22.06
C VAL C 159 -54.77 34.72 -20.66
N GLY C 160 -55.02 35.64 -19.73
CA GLY C 160 -54.79 35.38 -18.31
C GLY C 160 -53.72 36.24 -17.68
N ASP C 161 -52.85 35.60 -16.90
CA ASP C 161 -51.80 36.25 -16.13
C ASP C 161 -50.64 36.76 -16.98
N ALA C 162 -50.02 37.85 -16.53
CA ALA C 162 -48.88 38.42 -17.24
C ALA C 162 -47.61 37.67 -16.83
N THR C 163 -47.52 36.42 -17.25
CA THR C 163 -46.38 35.56 -16.95
C THR C 163 -45.18 35.93 -17.82
N GLN C 164 -44.00 35.43 -17.46
CA GLN C 164 -42.84 35.62 -18.31
C GLN C 164 -43.10 35.08 -19.73
N VAL C 165 -43.89 34.01 -19.84
CA VAL C 165 -44.29 33.47 -21.14
C VAL C 165 -45.22 34.41 -21.90
N CYS C 166 -46.14 35.07 -21.19
CA CYS C 166 -46.97 36.12 -21.80
C CYS C 166 -46.12 37.22 -22.43
N PHE C 167 -45.18 37.75 -21.65
CA PHE C 167 -44.32 38.81 -22.14
C PHE C 167 -43.46 38.34 -23.32
N SER C 168 -42.86 37.17 -23.18
CA SER C 168 -42.07 36.59 -24.25
C SER C 168 -42.86 36.40 -25.56
N LEU C 169 -44.10 35.95 -25.45
CA LEU C 169 -44.95 35.82 -26.63
C LEU C 169 -45.20 37.19 -27.28
N GLY C 170 -45.44 38.20 -26.45
CA GLY C 170 -45.55 39.56 -26.91
C GLY C 170 -44.30 40.03 -27.64
N LEU C 171 -43.13 39.74 -27.07
CA LEU C 171 -41.86 40.13 -27.69
C LEU C 171 -41.65 39.49 -29.06
N ILE C 172 -41.90 38.19 -29.20
CA ILE C 172 -41.59 37.51 -30.45
C ILE C 172 -42.62 37.87 -31.52
N THR C 173 -43.90 37.94 -31.15
CA THR C 173 -44.94 38.25 -32.13
C THR C 173 -44.77 39.65 -32.71
N THR C 174 -44.47 40.63 -31.83
CA THR C 174 -44.26 42.01 -32.28
C THR C 174 -42.96 42.14 -33.08
N LYS C 175 -41.94 41.39 -32.70
CA LYS C 175 -40.68 41.34 -33.45
C LYS C 175 -40.90 40.85 -34.88
N MET C 176 -41.81 39.89 -35.06
CA MET C 176 -42.08 39.30 -36.38
C MET C 176 -43.16 40.05 -37.18
N GLY C 177 -43.68 41.13 -36.62
CA GLY C 177 -44.65 41.98 -37.34
C GLY C 177 -46.10 41.53 -37.24
N MET C 178 -46.41 40.75 -36.20
CA MET C 178 -47.76 40.20 -36.01
C MET C 178 -48.58 41.13 -35.11
N ASN C 179 -49.83 40.73 -34.86
CA ASN C 179 -50.73 41.49 -34.00
C ASN C 179 -50.96 40.77 -32.68
N PHE C 180 -50.56 41.38 -31.59
CA PHE C 180 -50.56 40.74 -30.27
C PHE C 180 -51.58 41.38 -29.34
N VAL C 181 -52.25 40.55 -28.55
CA VAL C 181 -53.16 41.04 -27.51
C VAL C 181 -52.91 40.29 -26.22
N HIS C 182 -52.78 41.02 -25.11
CA HIS C 182 -52.88 40.41 -23.80
C HIS C 182 -54.24 40.74 -23.25
N PHE C 183 -55.09 39.71 -23.19
CA PHE C 183 -56.39 39.79 -22.54
C PHE C 183 -56.21 39.31 -21.10
N GLY C 184 -56.18 40.25 -20.15
CA GLY C 184 -55.98 39.95 -18.74
C GLY C 184 -56.65 40.96 -17.82
N PRO C 185 -56.89 40.56 -16.55
CA PRO C 185 -57.58 41.45 -15.61
C PRO C 185 -56.67 42.52 -15.02
N GLU C 186 -57.29 43.63 -14.61
CA GLU C 186 -56.58 44.72 -13.94
C GLU C 186 -55.77 44.17 -12.77
N GLY C 187 -54.53 44.62 -12.69
CA GLY C 187 -53.58 44.21 -11.67
C GLY C 187 -52.78 42.99 -12.07
N PHE C 188 -53.15 42.39 -13.20
CA PHE C 188 -52.40 41.26 -13.74
C PHE C 188 -52.02 41.40 -15.22
N GLN C 189 -52.06 42.63 -15.72
CA GLN C 189 -51.68 42.93 -17.10
C GLN C 189 -50.19 43.22 -17.26
N LEU C 190 -49.68 43.06 -18.49
CA LEU C 190 -48.33 43.53 -18.81
C LEU C 190 -48.20 45.00 -18.37
N ASN C 191 -47.09 45.33 -17.72
CA ASN C 191 -46.90 46.66 -17.12
C ASN C 191 -46.37 47.68 -18.14
N GLU C 192 -46.17 48.91 -17.68
CA GLU C 192 -45.73 50.03 -18.53
C GLU C 192 -44.40 49.76 -19.22
N GLU C 193 -43.44 49.20 -18.48
CA GLU C 193 -42.14 48.85 -19.06
C GLU C 193 -42.28 47.78 -20.14
N HIS C 194 -43.08 46.74 -19.88
CA HIS C 194 -43.38 45.71 -20.88
C HIS C 194 -43.92 46.32 -22.14
N GLN C 195 -44.92 47.20 -21.98
CA GLN C 195 -45.62 47.78 -23.13
C GLN C 195 -44.73 48.70 -23.96
N ALA C 196 -43.84 49.44 -23.30
CA ALA C 196 -42.86 50.29 -24.00
C ALA C 196 -41.94 49.45 -24.90
N LYS C 197 -41.55 48.27 -24.43
CA LYS C 197 -40.72 47.36 -25.23
C LYS C 197 -41.50 46.78 -26.41
N LEU C 198 -42.78 46.46 -26.19
CA LEU C 198 -43.64 46.02 -27.30
C LEU C 198 -43.84 47.15 -28.32
N ALA C 199 -44.05 48.37 -27.83
CA ALA C 199 -44.20 49.54 -28.72
C ALA C 199 -42.97 49.75 -29.59
N LYS C 200 -41.78 49.66 -28.98
CA LYS C 200 -40.53 49.78 -29.73
C LYS C 200 -40.43 48.74 -30.84
N ASN C 201 -40.76 47.48 -30.52
CA ASN C 201 -40.79 46.42 -31.54
C ASN C 201 -41.73 46.76 -32.70
N CYS C 202 -42.94 47.25 -32.37
CA CYS C 202 -43.94 47.55 -33.40
C CYS C 202 -43.56 48.73 -34.30
N GLU C 203 -42.85 49.71 -33.75
CA GLU C 203 -42.34 50.84 -34.54
C GLU C 203 -41.37 50.39 -35.63
N VAL C 204 -40.69 49.27 -35.41
CA VAL C 204 -39.79 48.71 -36.40
C VAL C 204 -40.50 47.72 -37.33
N SER C 205 -41.38 46.89 -36.77
CA SER C 205 -41.94 45.75 -37.49
C SER C 205 -43.23 46.01 -38.26
N GLY C 206 -43.98 47.04 -37.88
CA GLY C 206 -45.30 47.28 -38.44
C GLY C 206 -46.39 46.40 -37.81
N GLY C 207 -46.05 45.67 -36.76
CA GLY C 207 -47.03 44.90 -36.00
C GLY C 207 -47.83 45.78 -35.06
N SER C 208 -48.62 45.17 -34.19
CA SER C 208 -49.40 45.91 -33.20
C SER C 208 -49.49 45.16 -31.88
N PHE C 209 -49.85 45.87 -30.82
CA PHE C 209 -50.11 45.25 -29.53
C PHE C 209 -51.25 45.95 -28.82
N LEU C 210 -51.95 45.21 -27.96
CA LEU C 210 -53.02 45.75 -27.12
C LEU C 210 -53.05 44.99 -25.81
N VAL C 211 -53.22 45.71 -24.70
CA VAL C 211 -53.40 45.10 -23.39
C VAL C 211 -54.73 45.58 -22.85
N THR C 212 -55.62 44.63 -22.52
CA THR C 212 -57.02 44.96 -22.22
C THR C 212 -57.72 43.88 -21.38
N ASP C 213 -58.79 44.28 -20.68
CA ASP C 213 -59.65 43.34 -19.97
C ASP C 213 -61.01 43.17 -20.66
N ASP C 214 -61.07 43.54 -21.94
CA ASP C 214 -62.28 43.45 -22.74
C ASP C 214 -62.39 42.06 -23.38
N ALA C 215 -63.43 41.32 -23.01
CA ALA C 215 -63.64 39.95 -23.47
C ALA C 215 -63.77 39.81 -24.99
N SER C 216 -64.19 40.88 -25.68
CA SER C 216 -64.34 40.87 -27.13
C SER C 216 -63.00 40.88 -27.88
N SER C 217 -61.90 41.15 -27.16
CA SER C 217 -60.57 41.22 -27.77
C SER C 217 -60.09 39.88 -28.35
N VAL C 218 -60.70 38.77 -27.94
CA VAL C 218 -60.36 37.45 -28.47
C VAL C 218 -60.85 37.26 -29.90
N GLU C 219 -61.85 38.05 -30.32
CA GLU C 219 -62.48 37.89 -31.62
C GLU C 219 -61.49 38.11 -32.77
N GLY C 220 -61.49 37.18 -33.73
CA GLY C 220 -60.55 37.24 -34.87
C GLY C 220 -59.17 36.64 -34.61
N ALA C 221 -58.96 36.06 -33.43
CA ALA C 221 -57.66 35.47 -33.10
C ALA C 221 -57.38 34.24 -33.98
N ASP C 222 -56.15 34.12 -34.47
CA ASP C 222 -55.70 32.92 -35.19
C ASP C 222 -55.06 31.92 -34.24
N PHE C 223 -54.42 32.43 -33.18
CA PHE C 223 -53.84 31.63 -32.12
C PHE C 223 -54.28 32.19 -30.79
N LEU C 224 -54.77 31.32 -29.91
CA LEU C 224 -55.18 31.69 -28.56
C LEU C 224 -54.31 30.91 -27.59
N TYR C 225 -53.59 31.63 -26.73
CA TYR C 225 -52.52 31.08 -25.92
C TYR C 225 -52.83 31.35 -24.45
N THR C 226 -52.55 30.39 -23.58
CA THR C 226 -52.66 30.63 -22.14
C THR C 226 -51.55 29.95 -21.33
N ASP C 227 -51.57 30.17 -20.02
CA ASP C 227 -50.55 29.68 -19.09
C ASP C 227 -51.23 29.54 -17.74
N VAL C 228 -50.53 28.93 -16.78
CA VAL C 228 -51.06 28.75 -15.43
C VAL C 228 -51.32 30.09 -14.72
N TRP C 229 -52.06 30.01 -13.63
CA TRP C 229 -52.46 31.19 -12.87
C TRP C 229 -51.73 31.31 -11.53
N TYR C 230 -50.94 30.31 -11.16
CA TYR C 230 -50.36 30.31 -9.81
C TYR C 230 -49.05 31.12 -9.67
N GLY C 231 -48.61 31.79 -10.73
CA GLY C 231 -47.53 32.77 -10.60
C GLY C 231 -46.14 32.15 -10.55
N LEU C 232 -45.25 32.78 -9.78
CA LEU C 232 -43.84 32.42 -9.76
C LEU C 232 -43.54 31.20 -8.87
N TYR C 233 -42.59 30.39 -9.33
CA TYR C 233 -42.15 29.17 -8.64
C TYR C 233 -41.94 29.36 -7.13
N GLU C 234 -41.20 30.40 -6.76
CA GLU C 234 -40.84 30.64 -5.37
C GLU C 234 -41.96 31.22 -4.50
N ALA C 235 -43.01 31.77 -5.13
CA ALA C 235 -44.10 32.43 -4.39
C ALA C 235 -45.45 32.25 -5.08
N GLU C 236 -45.95 31.02 -5.09
CA GLU C 236 -47.19 30.70 -5.81
C GLU C 236 -48.43 31.33 -5.16
N LEU C 237 -49.39 31.71 -6.00
CA LEU C 237 -50.72 32.12 -5.52
C LEU C 237 -51.53 30.87 -5.18
N SER C 238 -52.26 30.91 -4.08
CA SER C 238 -53.09 29.79 -3.65
C SER C 238 -54.24 29.57 -4.63
N GLU C 239 -54.84 28.38 -4.55
CA GLU C 239 -55.99 28.02 -5.41
C GLU C 239 -57.14 29.01 -5.21
N GLU C 240 -57.48 29.27 -3.96
CA GLU C 240 -58.57 30.19 -3.62
C GLU C 240 -58.32 31.59 -4.19
N GLU C 241 -57.11 32.10 -4.00
CA GLU C 241 -56.76 33.44 -4.45
C GLU C 241 -56.79 33.57 -5.97
N ARG C 242 -56.19 32.61 -6.67
CA ARG C 242 -56.15 32.68 -8.13
C ARG C 242 -57.51 32.47 -8.80
N MET C 243 -58.34 31.59 -8.25
CA MET C 243 -59.70 31.43 -8.75
C MET C 243 -60.47 32.75 -8.62
N LYS C 244 -60.31 33.42 -7.49
CA LYS C 244 -60.95 34.73 -7.27
C LYS C 244 -60.56 35.74 -8.34
N VAL C 245 -59.28 35.77 -8.72
CA VAL C 245 -58.83 36.73 -9.70
C VAL C 245 -59.22 36.39 -11.14
N PHE C 246 -59.13 35.11 -11.53
CA PHE C 246 -59.22 34.73 -12.94
C PHE C 246 -60.49 33.98 -13.37
N TYR C 247 -61.16 33.30 -12.44
CA TYR C 247 -62.25 32.39 -12.80
C TYR C 247 -63.61 33.05 -12.63
N PRO C 248 -64.54 32.86 -13.60
CA PRO C 248 -64.44 32.07 -14.85
C PRO C 248 -64.04 32.86 -16.10
N LYS C 249 -63.94 34.18 -15.99
CA LYS C 249 -63.76 35.05 -17.18
C LYS C 249 -62.56 34.67 -18.05
N TYR C 250 -61.44 34.30 -17.41
CA TYR C 250 -60.20 34.01 -18.14
C TYR C 250 -59.97 32.51 -18.40
N GLN C 251 -60.96 31.68 -18.11
CA GLN C 251 -60.84 30.27 -18.45
C GLN C 251 -61.07 30.08 -19.95
N VAL C 252 -60.09 29.50 -20.63
CA VAL C 252 -60.24 29.20 -22.05
C VAL C 252 -61.10 27.97 -22.20
N ASN C 253 -62.37 28.18 -22.54
CA ASN C 253 -63.32 27.10 -22.77
C ASN C 253 -63.76 27.11 -24.25
N GLN C 254 -64.62 26.18 -24.62
CA GLN C 254 -65.07 26.09 -26.01
C GLN C 254 -65.82 27.35 -26.46
N GLU C 255 -66.56 27.97 -25.55
CA GLU C 255 -67.25 29.24 -25.85
C GLU C 255 -66.26 30.31 -26.28
N MET C 256 -65.15 30.44 -25.57
CA MET C 256 -64.11 31.43 -25.92
C MET C 256 -63.46 31.10 -27.25
N MET C 257 -63.17 29.83 -27.49
CA MET C 257 -62.56 29.43 -28.77
C MET C 257 -63.51 29.75 -29.94
N ASP C 258 -64.80 29.44 -29.76
CA ASP C 258 -65.81 29.76 -30.78
C ASP C 258 -65.92 31.27 -31.02
N ARG C 259 -65.83 32.04 -29.94
CA ARG C 259 -65.83 33.50 -30.06
C ARG C 259 -64.59 34.00 -30.82
N ALA C 260 -63.45 33.37 -30.61
CA ALA C 260 -62.24 33.71 -31.36
C ALA C 260 -62.42 33.40 -32.85
N GLY C 261 -62.89 32.20 -33.15
CA GLY C 261 -63.14 31.78 -34.52
C GLY C 261 -63.05 30.28 -34.67
N ALA C 262 -63.77 29.74 -35.65
CA ALA C 262 -63.83 28.30 -35.89
C ALA C 262 -62.46 27.66 -36.13
N ASN C 263 -61.56 28.41 -36.74
CA ASN C 263 -60.23 27.92 -37.09
C ASN C 263 -59.11 28.31 -36.10
N CYS C 264 -59.45 29.04 -35.05
CA CYS C 264 -58.44 29.48 -34.08
C CYS C 264 -57.78 28.27 -33.41
N LYS C 265 -56.45 28.28 -33.34
CA LYS C 265 -55.68 27.20 -32.71
C LYS C 265 -55.38 27.52 -31.26
N PHE C 266 -55.41 26.51 -30.40
CA PHE C 266 -55.12 26.68 -28.97
C PHE C 266 -53.67 26.28 -28.62
N MET C 267 -52.99 27.16 -27.88
CA MET C 267 -51.60 26.97 -27.47
C MET C 267 -51.48 27.13 -25.95
N HIS C 268 -50.51 26.44 -25.37
CA HIS C 268 -50.22 26.48 -23.93
C HIS C 268 -48.81 25.99 -23.76
N CYS C 269 -47.99 26.70 -22.99
CA CYS C 269 -46.57 26.32 -22.81
C CYS C 269 -46.37 25.02 -22.02
N LEU C 270 -47.35 24.66 -21.19
CA LEU C 270 -47.34 23.47 -20.33
C LEU C 270 -46.34 23.61 -19.18
N PRO C 271 -46.59 22.92 -18.05
CA PRO C 271 -47.76 22.09 -17.73
C PRO C 271 -49.01 22.93 -17.55
N ALA C 272 -50.17 22.34 -17.84
CA ALA C 272 -51.46 23.01 -17.73
C ALA C 272 -52.22 22.52 -16.50
N THR C 273 -53.01 23.40 -15.90
CA THR C 273 -53.92 23.03 -14.84
C THR C 273 -55.33 22.90 -15.42
N ARG C 274 -55.69 21.69 -15.82
CA ARG C 274 -57.01 21.42 -16.39
C ARG C 274 -58.11 21.79 -15.40
N GLY C 275 -59.08 22.55 -15.86
CA GLY C 275 -60.16 22.99 -15.00
C GLY C 275 -59.93 24.39 -14.45
N GLU C 276 -58.79 24.98 -14.80
CA GLU C 276 -58.52 26.35 -14.40
C GLU C 276 -58.39 27.25 -15.63
N GLU C 277 -57.19 27.37 -16.19
CA GLU C 277 -56.97 28.26 -17.33
C GLU C 277 -57.51 27.67 -18.63
N VAL C 278 -57.75 26.36 -18.64
CA VAL C 278 -58.26 25.69 -19.83
C VAL C 278 -59.08 24.46 -19.45
N THR C 279 -60.09 24.15 -20.26
CA THR C 279 -60.91 22.98 -20.04
C THR C 279 -60.37 21.79 -20.83
N ASP C 280 -60.68 20.58 -20.37
CA ASP C 280 -60.32 19.35 -21.08
C ASP C 280 -60.76 19.39 -22.53
N GLU C 281 -61.99 19.86 -22.75
CA GLU C 281 -62.57 19.93 -24.10
C GLU C 281 -61.67 20.68 -25.09
N VAL C 282 -61.09 21.80 -24.64
CA VAL C 282 -60.26 22.61 -25.52
C VAL C 282 -58.87 22.01 -25.73
N ILE C 283 -58.19 21.68 -24.64
CA ILE C 283 -56.80 21.22 -24.72
C ILE C 283 -56.67 19.88 -25.46
N ASP C 284 -57.69 19.03 -25.35
CA ASP C 284 -57.72 17.74 -26.07
C ASP C 284 -58.50 17.80 -27.41
N GLY C 285 -59.03 18.97 -27.76
CA GLY C 285 -59.86 19.12 -28.96
C GLY C 285 -59.08 19.20 -30.26
N LYS C 286 -59.82 19.23 -31.38
CA LYS C 286 -59.23 19.17 -32.72
C LYS C 286 -58.35 20.38 -33.07
N ASN C 287 -58.61 21.51 -32.43
CA ASN C 287 -57.85 22.74 -32.72
C ASN C 287 -56.72 23.03 -31.71
N SER C 288 -56.45 22.10 -30.81
CA SER C 288 -55.33 22.23 -29.89
C SER C 288 -54.04 21.85 -30.60
N ILE C 289 -53.01 22.70 -30.51
CA ILE C 289 -51.69 22.36 -31.07
C ILE C 289 -50.62 22.37 -29.99
N CYS C 290 -51.02 22.28 -28.72
CA CYS C 290 -50.04 22.46 -27.65
C CYS C 290 -49.05 21.31 -27.49
N PHE C 291 -49.37 20.13 -28.01
CA PHE C 291 -48.40 19.02 -27.97
C PHE C 291 -47.40 19.06 -29.15
N ASP C 292 -47.83 19.57 -30.31
CA ASP C 292 -46.89 19.95 -31.36
C ASP C 292 -45.96 21.05 -30.86
N GLU C 293 -46.54 22.01 -30.15
CA GLU C 293 -45.78 23.10 -29.53
C GLU C 293 -44.70 22.57 -28.57
N ALA C 294 -45.06 21.59 -27.74
CA ALA C 294 -44.12 20.98 -26.80
C ALA C 294 -42.99 20.27 -27.53
N GLU C 295 -43.30 19.56 -28.61
CA GLU C 295 -42.27 18.96 -29.42
C GLU C 295 -41.31 20.02 -29.96
N ASN C 296 -41.84 21.19 -30.28
CA ASN C 296 -41.01 22.23 -30.89
C ASN C 296 -40.09 22.96 -29.90
N ARG C 297 -40.22 22.64 -28.61
CA ARG C 297 -39.19 23.04 -27.64
C ARG C 297 -37.86 22.38 -27.99
N LEU C 298 -37.89 21.11 -28.36
CA LEU C 298 -36.70 20.40 -28.81
C LEU C 298 -36.24 20.90 -30.17
N THR C 299 -37.18 21.09 -31.09
CA THR C 299 -36.89 21.67 -32.40
C THR C 299 -36.06 22.95 -32.32
N SER C 300 -36.53 23.90 -31.52
CA SER C 300 -35.90 25.21 -31.42
C SER C 300 -34.56 25.15 -30.66
N ILE C 301 -34.49 24.33 -29.63
CA ILE C 301 -33.27 24.19 -28.86
C ILE C 301 -32.12 23.61 -29.71
N ARG C 302 -32.42 22.63 -30.58
CA ARG C 302 -31.41 22.13 -31.51
C ARG C 302 -30.87 23.24 -32.42
N GLY C 303 -31.76 24.04 -32.98
CA GLY C 303 -31.35 25.15 -33.84
C GLY C 303 -30.50 26.19 -33.13
N LEU C 304 -30.90 26.55 -31.91
CA LEU C 304 -30.15 27.51 -31.09
C LEU C 304 -28.75 27.04 -30.77
N LEU C 305 -28.63 25.80 -30.31
CA LEU C 305 -27.34 25.22 -29.95
C LEU C 305 -26.37 25.25 -31.15
N VAL C 306 -26.86 24.83 -32.31
CA VAL C 306 -26.05 24.82 -33.52
C VAL C 306 -25.66 26.25 -33.93
N TYR C 307 -26.63 27.17 -33.92
CA TYR C 307 -26.34 28.56 -34.29
C TYR C 307 -25.25 29.17 -33.39
N LEU C 308 -25.41 29.03 -32.09
CA LEU C 308 -24.48 29.64 -31.14
C LEU C 308 -23.09 29.02 -31.21
N MET C 309 -23.01 27.71 -31.41
CA MET C 309 -21.70 27.05 -31.51
C MET C 309 -21.02 27.35 -32.85
N ASN C 310 -21.80 27.42 -33.93
CA ASN C 310 -21.26 27.85 -35.23
C ASN C 310 -20.70 29.28 -35.13
N ASP C 311 -21.43 30.15 -34.46
CA ASP C 311 -20.98 31.52 -34.24
C ASP C 311 -19.67 31.55 -33.44
N TYR C 312 -19.62 30.75 -32.37
CA TYR C 312 -18.42 30.67 -31.54
C TYR C 312 -17.20 30.20 -32.34
N GLU C 313 -17.37 29.15 -33.13
CA GLU C 313 -16.28 28.62 -33.93
C GLU C 313 -15.80 29.61 -35.01
N ALA C 314 -16.74 30.35 -35.60
CA ALA C 314 -16.39 31.38 -36.61
C ALA C 314 -15.53 32.47 -35.98
N LYS C 315 -15.86 32.85 -34.77
CA LYS C 315 -15.08 33.87 -34.03
C LYS C 315 -13.81 33.32 -33.38
N ASN C 316 -13.74 32.00 -33.18
CA ASN C 316 -12.58 31.37 -32.55
C ASN C 316 -12.15 30.14 -33.37
N PRO C 317 -11.69 30.36 -34.61
CA PRO C 317 -11.42 29.23 -35.51
C PRO C 317 -10.24 28.35 -35.07
N TYR C 318 -10.31 27.07 -35.40
CA TYR C 318 -9.18 26.16 -35.16
C TYR C 318 -8.09 26.33 -36.22
N ASP C 319 -6.85 26.33 -35.77
CA ASP C 319 -5.70 26.39 -36.65
C ASP C 319 -5.35 24.96 -37.09
N LEU C 320 -5.62 24.64 -38.35
CA LEU C 320 -5.50 23.27 -38.84
C LEU C 320 -4.06 22.74 -38.89
N ILE C 321 -3.08 23.64 -39.03
CA ILE C 321 -1.65 23.27 -38.99
C ILE C 321 -1.27 22.85 -37.58
N LYS C 322 -1.67 23.64 -36.59
CA LYS C 322 -1.40 23.30 -35.18
C LYS C 322 -2.18 22.08 -34.74
N GLN C 323 -3.38 21.90 -35.29
CA GLN C 323 -4.19 20.72 -35.01
C GLN C 323 -3.48 19.45 -35.49
N ALA C 324 -2.99 19.48 -36.72
CA ALA C 324 -2.24 18.35 -37.30
C ALA C 324 -0.98 18.03 -36.49
N GLU C 325 -0.26 19.08 -36.08
CA GLU C 325 0.94 18.90 -35.27
C GLU C 325 0.61 18.28 -33.90
N ALA C 326 -0.44 18.77 -33.26
CA ALA C 326 -0.84 18.28 -31.95
C ALA C 326 -1.27 16.81 -32.01
N LYS C 327 -2.00 16.46 -33.05
CA LYS C 327 -2.45 15.08 -33.25
C LYS C 327 -1.26 14.14 -33.42
N LYS C 328 -0.29 14.55 -34.25
CA LYS C 328 0.90 13.75 -34.49
C LYS C 328 1.69 13.55 -33.21
N GLU C 329 1.91 14.63 -32.46
CA GLU C 329 2.68 14.55 -31.22
C GLU C 329 2.02 13.62 -30.21
N LEU C 330 0.70 13.66 -30.11
CA LEU C 330 -0.01 12.76 -29.20
C LEU C 330 0.17 11.31 -29.63
N GLU C 331 -0.01 11.05 -30.93
CA GLU C 331 0.13 9.69 -31.47
C GLU C 331 1.54 9.12 -31.25
N VAL C 332 2.56 9.94 -31.47
CA VAL C 332 3.94 9.53 -31.23
C VAL C 332 4.18 9.23 -29.75
N PHE C 333 3.64 10.07 -28.88
CA PHE C 333 3.77 9.85 -27.44
C PHE C 333 3.13 8.53 -27.00
N LEU C 334 1.95 8.24 -27.54
CA LEU C 334 1.22 7.02 -27.14
C LEU C 334 1.82 5.76 -27.77
N ASP C 335 2.55 5.91 -28.86
CA ASP C 335 3.19 4.79 -29.54
C ASP C 335 4.53 4.45 -28.89
N THR C 336 5.31 5.50 -28.55
CA THR C 336 6.69 5.33 -28.10
C THR C 336 6.90 5.38 -26.57
N MET D 1 3.53 6.49 10.28
CA MET D 1 4.70 6.41 9.37
C MET D 1 6.01 6.65 10.16
N LYS D 2 6.91 5.66 10.11
CA LYS D 2 8.18 5.63 10.87
C LYS D 2 8.95 6.86 10.47
N ARG D 3 10.06 7.10 11.13
CA ARG D 3 11.02 8.06 10.65
C ARG D 3 12.35 7.36 10.34
N ASP D 4 13.06 7.84 9.33
CA ASP D 4 14.36 7.30 8.94
C ASP D 4 15.49 8.29 9.24
N TYR D 5 16.71 7.78 9.14
CA TYR D 5 17.91 8.61 9.23
C TYR D 5 18.83 8.25 8.07
N VAL D 6 18.43 8.72 6.90
CA VAL D 6 19.12 8.48 5.63
C VAL D 6 20.02 9.69 5.29
N THR D 7 19.51 10.89 5.57
CA THR D 7 20.26 12.12 5.39
C THR D 7 19.82 13.17 6.44
N THR D 8 20.77 13.98 6.90
CA THR D 8 20.47 15.11 7.78
C THR D 8 19.69 16.23 7.07
N GLU D 9 19.57 16.12 5.74
CA GLU D 9 18.78 17.07 4.97
C GLU D 9 17.30 17.11 5.37
N THR D 10 16.79 16.02 5.96
CA THR D 10 15.40 15.97 6.46
C THR D 10 15.29 16.30 7.96
N TYR D 11 16.36 16.81 8.56
CA TYR D 11 16.38 17.17 9.97
C TYR D 11 16.69 18.66 10.12
N THR D 12 15.99 19.34 11.03
CA THR D 12 16.25 20.75 11.30
C THR D 12 17.42 20.92 12.29
N LYS D 13 17.93 22.15 12.38
CA LYS D 13 18.94 22.49 13.38
C LYS D 13 18.48 22.12 14.80
N GLU D 14 17.23 22.41 15.11
CA GLU D 14 16.67 22.12 16.43
C GLU D 14 16.61 20.60 16.71
N GLU D 15 16.26 19.82 15.69
CA GLU D 15 16.24 18.36 15.82
C GLU D 15 17.65 17.78 16.00
N MET D 16 18.63 18.34 15.29
CA MET D 16 20.01 17.90 15.47
C MET D 16 20.51 18.23 16.88
N HIS D 17 20.17 19.41 17.39
CA HIS D 17 20.49 19.77 18.79
C HIS D 17 19.90 18.80 19.78
N TYR D 18 18.66 18.37 19.55
CA TYR D 18 18.01 17.37 20.41
C TYR D 18 18.77 16.04 20.39
N LEU D 19 19.18 15.61 19.20
CA LEU D 19 19.95 14.37 19.07
C LEU D 19 21.29 14.43 19.80
N VAL D 20 21.97 15.57 19.69
CA VAL D 20 23.21 15.77 20.43
C VAL D 20 22.98 15.69 21.93
N ASP D 21 21.97 16.42 22.43
CA ASP D 21 21.69 16.47 23.86
C ASP D 21 21.34 15.07 24.40
N LEU D 22 20.51 14.33 23.66
CA LEU D 22 20.15 12.95 24.03
C LEU D 22 21.38 12.05 24.07
N SER D 23 22.18 12.12 23.01
CA SER D 23 23.40 11.32 22.92
C SER D 23 24.36 11.61 24.07
N LEU D 24 24.56 12.89 24.40
CA LEU D 24 25.49 13.24 25.48
C LEU D 24 24.98 12.85 26.87
N LYS D 25 23.67 12.87 27.08
CA LYS D 25 23.11 12.47 28.37
C LYS D 25 23.20 10.95 28.57
N ILE D 26 22.98 10.18 27.51
CA ILE D 26 23.20 8.72 27.57
C ILE D 26 24.68 8.43 27.82
N LYS D 27 25.57 9.18 27.15
CA LYS D 27 27.00 9.01 27.33
C LYS D 27 27.43 9.21 28.79
N GLU D 28 26.91 10.25 29.43
CA GLU D 28 27.26 10.55 30.82
C GLU D 28 26.70 9.49 31.79
N ALA D 29 25.53 8.93 31.49
CA ALA D 29 24.97 7.83 32.29
C ALA D 29 25.89 6.60 32.23
N ILE D 30 26.21 6.16 31.02
CA ILE D 30 27.04 4.96 30.81
C ILE D 30 28.47 5.16 31.33
N LYS D 31 29.04 6.34 31.12
CA LYS D 31 30.36 6.68 31.66
C LYS D 31 30.43 6.45 33.17
N ASN D 32 29.33 6.73 33.88
CA ASN D 32 29.27 6.58 35.32
C ASN D 32 28.60 5.29 35.78
N GLY D 33 28.39 4.36 34.84
CA GLY D 33 28.00 2.99 35.18
C GLY D 33 26.50 2.73 35.25
N TYR D 34 25.67 3.65 34.75
CA TYR D 34 24.25 3.38 34.59
C TYR D 34 23.92 3.14 33.12
N TYR D 35 23.46 1.93 32.81
CA TYR D 35 23.09 1.56 31.46
C TYR D 35 21.57 1.62 31.31
N PRO D 36 21.05 2.65 30.63
CA PRO D 36 19.59 2.76 30.52
C PRO D 36 19.04 1.74 29.52
N GLN D 37 18.11 0.90 29.97
CA GLN D 37 17.61 -0.20 29.13
C GLN D 37 16.44 0.28 28.29
N LEU D 38 16.75 1.15 27.33
CA LEU D 38 15.73 1.82 26.53
C LEU D 38 15.32 1.04 25.27
N LEU D 39 16.07 -0.01 24.92
CA LEU D 39 15.77 -0.84 23.76
C LEU D 39 15.61 -2.33 24.15
N LYS D 40 14.98 -2.55 25.30
CA LYS D 40 14.88 -3.90 25.87
C LYS D 40 14.18 -4.88 24.91
N ASN D 41 14.87 -5.99 24.60
CA ASN D 41 14.39 -7.04 23.69
C ASN D 41 14.20 -6.63 22.22
N LYS D 42 14.77 -5.50 21.82
CA LYS D 42 14.65 -5.03 20.44
C LYS D 42 15.81 -5.54 19.59
N SER D 43 15.54 -5.80 18.32
CA SER D 43 16.51 -6.39 17.40
C SER D 43 16.79 -5.43 16.25
N LEU D 44 18.08 -5.22 16.00
CA LEU D 44 18.57 -4.39 14.90
C LEU D 44 19.20 -5.29 13.84
N GLY D 45 18.72 -5.19 12.61
CA GLY D 45 19.36 -5.85 11.48
C GLY D 45 20.46 -4.94 10.95
N MET D 46 21.69 -5.47 10.86
CA MET D 46 22.85 -4.68 10.41
C MET D 46 23.38 -5.21 9.07
N ILE D 47 23.00 -4.56 7.98
CA ILE D 47 23.43 -5.00 6.65
C ILE D 47 24.69 -4.28 6.23
N PHE D 48 25.76 -5.02 6.01
CA PHE D 48 27.02 -4.44 5.56
C PHE D 48 27.41 -4.98 4.20
N GLN D 49 27.38 -4.12 3.18
CA GLN D 49 27.85 -4.50 1.84
C GLN D 49 29.35 -4.26 1.68
N GLN D 50 29.96 -3.55 2.63
CA GLN D 50 31.40 -3.28 2.65
C GLN D 50 31.94 -3.45 4.06
N SER D 51 33.27 -3.49 4.19
CA SER D 51 33.90 -3.67 5.49
C SER D 51 33.67 -2.45 6.39
N SER D 52 33.76 -2.69 7.70
CA SER D 52 33.64 -1.65 8.71
C SER D 52 34.17 -2.13 10.04
N THR D 53 34.84 -1.25 10.77
CA THR D 53 35.19 -1.52 12.17
C THR D 53 34.38 -0.62 13.09
N GLY D 54 34.57 0.69 12.97
CA GLY D 54 33.96 1.66 13.87
C GLY D 54 32.44 1.66 13.85
N THR D 55 31.86 1.69 12.66
CA THR D 55 30.41 1.75 12.53
C THR D 55 29.78 0.44 13.01
N ARG D 56 30.32 -0.68 12.55
CA ARG D 56 29.80 -1.99 12.92
C ARG D 56 29.86 -2.23 14.44
N VAL D 57 31.02 -2.02 15.04
CA VAL D 57 31.19 -2.27 16.47
C VAL D 57 30.31 -1.32 17.29
N SER D 58 30.20 -0.05 16.85
CA SER D 58 29.37 0.92 17.54
C SER D 58 27.89 0.48 17.61
N PHE D 59 27.35 0.00 16.48
CA PHE D 59 25.96 -0.47 16.45
C PHE D 59 25.75 -1.69 17.34
N GLU D 60 26.68 -2.63 17.28
CA GLU D 60 26.53 -3.87 18.02
C GLU D 60 26.65 -3.63 19.52
N THR D 61 27.63 -2.80 19.91
CA THR D 61 27.80 -2.42 21.31
C THR D 61 26.63 -1.59 21.82
N ALA D 62 26.17 -0.63 21.02
CA ALA D 62 25.05 0.22 21.40
C ALA D 62 23.81 -0.61 21.77
N MET D 63 23.48 -1.60 20.94
CA MET D 63 22.31 -2.43 21.18
C MET D 63 22.45 -3.19 22.51
N GLU D 64 23.62 -3.78 22.77
CA GLU D 64 23.86 -4.47 24.04
C GLU D 64 23.71 -3.54 25.26
N GLN D 65 24.29 -2.37 25.16
CA GLN D 65 24.26 -1.42 26.28
C GLN D 65 22.85 -0.97 26.61
N LEU D 66 21.99 -0.90 25.59
CA LEU D 66 20.63 -0.41 25.76
C LEU D 66 19.59 -1.53 25.93
N GLY D 67 20.05 -2.78 26.00
CA GLY D 67 19.17 -3.90 26.35
C GLY D 67 18.64 -4.73 25.19
N GLY D 68 19.11 -4.44 23.98
CA GLY D 68 18.70 -5.16 22.78
C GLY D 68 19.85 -5.94 22.16
N HIS D 69 19.77 -6.15 20.85
CA HIS D 69 20.76 -6.97 20.15
C HIS D 69 20.87 -6.56 18.70
N GLY D 70 22.10 -6.52 18.21
CA GLY D 70 22.39 -6.27 16.80
C GLY D 70 22.80 -7.53 16.07
N GLU D 71 22.21 -7.77 14.90
CA GLU D 71 22.51 -8.94 14.08
C GLU D 71 23.37 -8.51 12.91
N TYR D 72 24.59 -9.05 12.82
CA TYR D 72 25.53 -8.69 11.76
C TYR D 72 25.29 -9.52 10.52
N LEU D 73 24.81 -8.88 9.46
CA LEU D 73 24.58 -9.54 8.18
C LEU D 73 25.71 -9.12 7.22
N ALA D 74 26.68 -10.02 7.08
CA ALA D 74 27.98 -9.71 6.42
C ALA D 74 27.84 -9.52 4.92
N PRO D 75 28.88 -8.94 4.26
CA PRO D 75 28.85 -8.75 2.80
C PRO D 75 28.59 -10.08 2.08
N GLY D 76 27.55 -10.10 1.25
CA GLY D 76 27.19 -11.31 0.50
C GLY D 76 26.16 -12.21 1.17
N GLN D 77 25.91 -12.02 2.47
CA GLN D 77 25.00 -12.89 3.21
C GLN D 77 23.53 -12.56 2.97
N ILE D 78 23.24 -11.27 2.75
CA ILE D 78 21.91 -10.84 2.35
C ILE D 78 22.10 -9.97 1.12
N GLN D 79 21.85 -10.53 -0.06
CA GLN D 79 22.12 -9.83 -1.30
C GLN D 79 20.98 -8.84 -1.53
N LEU D 80 21.33 -7.59 -1.80
CA LEU D 80 20.33 -6.54 -2.00
C LEU D 80 20.18 -6.32 -3.49
N GLY D 81 18.98 -6.57 -4.02
CA GLY D 81 18.76 -6.55 -5.45
C GLY D 81 19.50 -7.62 -6.24
N GLY D 82 19.60 -8.81 -5.68
CA GLY D 82 20.06 -9.96 -6.42
C GLY D 82 18.89 -10.77 -6.95
N HIS D 83 18.69 -11.96 -6.41
CA HIS D 83 17.58 -12.82 -6.82
C HIS D 83 16.26 -12.11 -6.50
N GLU D 84 16.22 -11.49 -5.33
CA GLU D 84 15.04 -10.86 -4.77
C GLU D 84 15.12 -9.34 -4.85
N THR D 85 13.97 -8.72 -5.13
CA THR D 85 13.88 -7.26 -5.24
C THR D 85 14.05 -6.59 -3.87
N ILE D 86 14.42 -5.33 -3.90
CA ILE D 86 14.52 -4.52 -2.70
C ILE D 86 13.17 -4.39 -1.95
N GLU D 87 12.08 -4.28 -2.72
CA GLU D 87 10.75 -4.23 -2.15
C GLU D 87 10.45 -5.50 -1.33
N ASP D 88 10.78 -6.66 -1.90
CA ASP D 88 10.50 -7.93 -1.23
C ASP D 88 11.35 -8.07 0.03
N THR D 89 12.63 -7.75 -0.07
CA THR D 89 13.56 -7.84 1.07
C THR D 89 13.15 -6.89 2.20
N SER D 90 12.75 -5.67 1.83
CA SER D 90 12.27 -4.67 2.79
C SER D 90 11.03 -5.14 3.55
N ARG D 91 10.09 -5.72 2.83
CA ARG D 91 8.87 -6.21 3.45
C ARG D 91 9.13 -7.40 4.36
N VAL D 92 10.06 -8.27 3.97
CA VAL D 92 10.41 -9.41 4.81
C VAL D 92 11.10 -8.95 6.10
N LEU D 93 12.14 -8.13 5.96
CA LEU D 93 12.91 -7.68 7.12
C LEU D 93 12.08 -6.84 8.08
N SER D 94 11.13 -6.07 7.54
CA SER D 94 10.23 -5.27 8.36
C SER D 94 9.40 -6.09 9.34
N ARG D 95 9.18 -7.37 9.05
CA ARG D 95 8.43 -8.25 9.94
C ARG D 95 9.31 -8.99 10.93
N LEU D 96 10.63 -8.95 10.72
CA LEU D 96 11.57 -9.80 11.45
C LEU D 96 12.53 -9.08 12.40
N VAL D 97 12.75 -7.78 12.21
CA VAL D 97 13.52 -6.97 13.15
C VAL D 97 12.74 -5.69 13.47
N ASP D 98 13.20 -4.93 14.46
CA ASP D 98 12.53 -3.71 14.88
C ASP D 98 13.07 -2.46 14.20
N ILE D 99 14.32 -2.53 13.76
CA ILE D 99 15.00 -1.39 13.20
C ILE D 99 16.14 -1.93 12.33
N LEU D 100 16.53 -1.15 11.33
CA LEU D 100 17.46 -1.62 10.32
C LEU D 100 18.55 -0.58 10.09
N MET D 101 19.78 -1.03 9.88
CA MET D 101 20.80 -0.15 9.30
C MET D 101 21.48 -0.86 8.14
N ALA D 102 22.08 -0.10 7.24
CA ALA D 102 22.80 -0.66 6.11
C ALA D 102 23.91 0.27 5.68
N ARG D 103 25.09 -0.30 5.46
CA ARG D 103 26.19 0.35 4.75
C ARG D 103 26.18 -0.19 3.33
N VAL D 104 26.02 0.70 2.36
CA VAL D 104 25.78 0.30 0.98
C VAL D 104 26.80 0.87 0.02
N GLU D 105 27.00 0.18 -1.09
CA GLU D 105 27.89 0.64 -2.14
C GLU D 105 27.29 1.85 -2.87
N ARG D 106 26.00 1.78 -3.17
CA ARG D 106 25.31 2.83 -3.92
C ARG D 106 24.16 3.39 -3.12
N HIS D 107 24.08 4.73 -3.06
CA HIS D 107 23.07 5.41 -2.24
C HIS D 107 21.65 5.00 -2.55
N HIS D 108 21.32 4.74 -3.81
CA HIS D 108 19.94 4.35 -4.14
C HIS D 108 19.47 3.14 -3.37
N SER D 109 20.38 2.24 -3.00
CA SER D 109 20.03 1.06 -2.21
C SER D 109 19.48 1.40 -0.82
N ILE D 110 20.09 2.36 -0.12
CA ILE D 110 19.60 2.75 1.21
C ILE D 110 18.32 3.59 1.07
N VAL D 111 18.24 4.41 0.02
CA VAL D 111 17.00 5.17 -0.23
C VAL D 111 15.84 4.21 -0.45
N ASP D 112 16.06 3.18 -1.25
CA ASP D 112 15.00 2.23 -1.60
C ASP D 112 14.59 1.42 -0.36
N LEU D 113 15.57 0.98 0.42
CA LEU D 113 15.30 0.25 1.67
C LEU D 113 14.43 1.11 2.62
N ALA D 114 14.79 2.37 2.80
CA ALA D 114 14.02 3.29 3.64
C ALA D 114 12.59 3.54 3.11
N ASN D 115 12.48 3.69 1.79
CA ASN D 115 11.19 3.96 1.16
C ASN D 115 10.22 2.77 1.30
N CYS D 116 10.75 1.56 1.22
CA CYS D 116 9.92 0.36 1.24
C CYS D 116 9.67 -0.23 2.63
N ALA D 117 10.64 -0.10 3.53
CA ALA D 117 10.53 -0.67 4.87
C ALA D 117 9.51 0.11 5.71
N THR D 118 8.77 -0.61 6.56
CA THR D 118 7.81 0.02 7.45
C THR D 118 8.42 0.26 8.85
N ILE D 119 9.70 -0.05 9.02
CA ILE D 119 10.42 0.18 10.27
C ILE D 119 11.51 1.23 10.00
N PRO D 120 12.05 1.87 11.04
CA PRO D 120 13.09 2.87 10.83
C PRO D 120 14.35 2.29 10.18
N VAL D 121 14.93 3.06 9.25
CA VAL D 121 16.13 2.67 8.52
C VAL D 121 17.22 3.73 8.71
N ILE D 122 18.43 3.28 9.03
CA ILE D 122 19.58 4.14 9.24
C ILE D 122 20.67 3.85 8.20
N ASN D 123 21.18 4.93 7.61
CA ASN D 123 22.26 4.86 6.62
C ASN D 123 23.59 4.79 7.36
N GLY D 124 24.29 3.67 7.22
CA GLY D 124 25.60 3.45 7.84
C GLY D 124 26.80 3.83 6.97
N MET D 125 26.50 4.57 5.90
CA MET D 125 27.43 5.14 4.91
C MET D 125 27.08 4.62 3.51
N SER D 126 27.05 5.55 2.56
CA SER D 126 26.91 5.24 1.16
C SER D 126 28.01 5.97 0.37
N ASP D 127 27.96 5.90 -0.95
CA ASP D 127 28.86 6.70 -1.79
C ASP D 127 28.47 8.19 -1.79
N TYR D 128 27.30 8.53 -1.25
CA TYR D 128 26.80 9.92 -1.27
C TYR D 128 27.01 10.66 0.06
N ASN D 129 26.69 10.04 1.18
CA ASN D 129 26.83 10.69 2.48
C ASN D 129 27.13 9.70 3.61
N HIS D 130 27.24 10.22 4.83
CA HIS D 130 27.60 9.40 6.00
C HIS D 130 27.02 10.07 7.22
N PRO D 131 25.69 9.98 7.40
CA PRO D 131 25.03 10.83 8.39
C PRO D 131 25.26 10.49 9.87
N THR D 132 25.62 9.25 10.20
CA THR D 132 25.95 8.91 11.59
C THR D 132 27.32 9.53 11.94
N GLN D 133 28.22 9.59 10.97
CA GLN D 133 29.47 10.33 11.12
C GLN D 133 29.20 11.80 11.44
N GLU D 134 28.25 12.41 10.72
CA GLU D 134 27.87 13.81 10.94
C GLU D 134 27.50 14.08 12.38
N LEU D 135 26.62 13.24 12.94
CA LEU D 135 26.14 13.43 14.30
C LEU D 135 27.27 13.23 15.32
N GLY D 136 28.10 12.21 15.10
CA GLY D 136 29.26 11.98 15.96
C GLY D 136 30.25 13.14 15.92
N ASP D 137 30.50 13.66 14.73
CA ASP D 137 31.40 14.81 14.58
C ASP D 137 30.82 16.06 15.22
N LEU D 138 29.51 16.25 15.12
CA LEU D 138 28.86 17.37 15.79
C LEU D 138 28.98 17.26 17.31
N CYS D 139 28.74 16.08 17.87
CA CYS D 139 28.91 15.84 19.30
C CYS D 139 30.33 16.20 19.72
N THR D 140 31.30 15.82 18.89
CA THR D 140 32.71 16.06 19.19
C THR D 140 33.04 17.56 19.18
N MET D 141 32.55 18.28 18.17
CA MET D 141 32.80 19.73 18.08
C MET D 141 32.15 20.46 19.27
N VAL D 142 30.96 20.03 19.68
CA VAL D 142 30.29 20.60 20.85
C VAL D 142 31.13 20.39 22.10
N GLU D 143 31.70 19.19 22.26
CA GLU D 143 32.55 18.90 23.42
C GLU D 143 33.89 19.64 23.39
N HIS D 144 34.34 20.07 22.22
CA HIS D 144 35.64 20.73 22.06
C HIS D 144 35.52 22.14 21.52
N LEU D 145 34.43 22.84 21.86
CA LEU D 145 34.26 24.23 21.45
C LEU D 145 35.42 25.10 21.95
N PRO D 146 35.96 25.98 21.09
CA PRO D 146 36.97 26.92 21.57
C PRO D 146 36.42 27.78 22.71
N GLU D 147 37.30 28.16 23.64
CA GLU D 147 36.90 28.94 24.82
C GLU D 147 36.12 30.20 24.40
N GLY D 148 34.88 30.31 24.88
CA GLY D 148 34.05 31.48 24.65
C GLY D 148 33.44 31.64 23.27
N LYS D 149 33.47 30.59 22.45
CA LYS D 149 32.87 30.64 21.12
C LYS D 149 31.61 29.79 21.09
N LYS D 150 30.60 30.26 20.38
CA LYS D 150 29.43 29.44 20.09
C LYS D 150 29.72 28.63 18.83
N LEU D 151 28.97 27.54 18.67
CA LEU D 151 29.11 26.66 17.52
C LEU D 151 29.08 27.44 16.19
N GLU D 152 28.12 28.34 16.07
CA GLU D 152 27.95 29.11 14.83
C GLU D 152 29.05 30.14 14.56
N ASP D 153 29.87 30.44 15.56
CA ASP D 153 31.04 31.30 15.37
C ASP D 153 32.27 30.55 14.83
N CYS D 154 32.18 29.23 14.71
CA CYS D 154 33.36 28.43 14.35
C CYS D 154 33.55 28.25 12.84
N LYS D 155 34.81 28.06 12.45
CA LYS D 155 35.19 27.75 11.08
C LYS D 155 35.72 26.32 11.00
N VAL D 156 35.17 25.53 10.08
CA VAL D 156 35.58 24.14 9.86
C VAL D 156 36.10 23.97 8.44
N VAL D 157 37.34 23.52 8.31
CA VAL D 157 37.94 23.32 7.00
C VAL D 157 38.20 21.84 6.77
N PHE D 158 37.62 21.30 5.70
CA PHE D 158 37.96 19.96 5.24
C PHE D 158 39.04 20.05 4.15
N VAL D 159 40.09 19.23 4.30
CA VAL D 159 41.22 19.24 3.36
C VAL D 159 41.25 17.95 2.55
N GLY D 160 41.33 18.08 1.22
CA GLY D 160 41.60 16.94 0.35
C GLY D 160 40.48 16.58 -0.61
N ASP D 161 40.20 15.28 -0.71
CA ASP D 161 39.23 14.71 -1.64
C ASP D 161 37.77 15.01 -1.26
N ALA D 162 36.91 15.11 -2.26
CA ALA D 162 35.49 15.35 -2.01
C ALA D 162 34.77 14.03 -1.70
N THR D 163 35.10 13.43 -0.57
CA THR D 163 34.53 12.16 -0.14
C THR D 163 33.12 12.36 0.40
N GLN D 164 32.39 11.27 0.57
CA GLN D 164 31.07 11.35 1.18
C GLN D 164 31.15 12.00 2.58
N VAL D 165 32.25 11.77 3.30
CA VAL D 165 32.48 12.39 4.60
C VAL D 165 32.71 13.91 4.47
N CYS D 166 33.43 14.33 3.43
CA CYS D 166 33.57 15.77 3.12
C CYS D 166 32.20 16.44 2.93
N PHE D 167 31.38 15.86 2.08
CA PHE D 167 30.06 16.42 1.83
C PHE D 167 29.20 16.42 3.07
N SER D 168 29.18 15.30 3.80
CA SER D 168 28.44 15.21 5.05
C SER D 168 28.85 16.26 6.08
N LEU D 169 30.16 16.49 6.20
CA LEU D 169 30.64 17.54 7.10
C LEU D 169 30.12 18.90 6.66
N GLY D 170 30.13 19.15 5.35
CA GLY D 170 29.55 20.36 4.79
C GLY D 170 28.07 20.50 5.13
N LEU D 171 27.33 19.41 4.98
CA LEU D 171 25.89 19.41 5.31
C LEU D 171 25.61 19.74 6.76
N ILE D 172 26.31 19.12 7.69
CA ILE D 172 26.00 19.33 9.10
C ILE D 172 26.49 20.70 9.59
N THR D 173 27.66 21.14 9.15
CA THR D 173 28.19 22.43 9.60
C THR D 173 27.31 23.57 9.12
N THR D 174 26.89 23.52 7.86
CA THR D 174 26.03 24.56 7.30
C THR D 174 24.62 24.51 7.92
N LYS D 175 24.14 23.31 8.22
CA LYS D 175 22.85 23.14 8.93
C LYS D 175 22.89 23.81 10.30
N MET D 176 24.03 23.74 10.98
CA MET D 176 24.15 24.30 12.33
C MET D 176 24.56 25.77 12.34
N GLY D 177 24.72 26.39 11.17
CA GLY D 177 25.02 27.81 11.06
C GLY D 177 26.49 28.17 11.17
N MET D 178 27.36 27.20 10.88
CA MET D 178 28.80 27.39 10.99
C MET D 178 29.38 27.84 9.66
N ASN D 179 30.69 28.04 9.62
CA ASN D 179 31.40 28.42 8.41
C ASN D 179 32.24 27.28 7.89
N PHE D 180 31.95 26.80 6.68
CA PHE D 180 32.56 25.59 6.13
C PHE D 180 33.43 25.90 4.92
N VAL D 181 34.58 25.23 4.83
CA VAL D 181 35.44 25.34 3.66
C VAL D 181 35.87 23.94 3.21
N HIS D 182 35.74 23.67 1.92
CA HIS D 182 36.44 22.53 1.31
C HIS D 182 37.63 23.05 0.56
N PHE D 183 38.81 22.76 1.13
CA PHE D 183 40.09 23.05 0.47
C PHE D 183 40.50 21.79 -0.27
N GLY D 184 40.35 21.81 -1.59
CA GLY D 184 40.67 20.66 -2.44
C GLY D 184 41.05 21.05 -3.86
N PRO D 185 41.72 20.14 -4.58
CA PRO D 185 42.24 20.48 -5.92
C PRO D 185 41.16 20.36 -7.00
N GLU D 186 41.34 21.12 -8.08
CA GLU D 186 40.46 21.08 -9.24
C GLU D 186 40.27 19.63 -9.70
N GLY D 187 39.01 19.28 -9.92
CA GLY D 187 38.59 17.96 -10.33
C GLY D 187 38.26 17.05 -9.16
N PHE D 188 38.60 17.49 -7.96
CA PHE D 188 38.27 16.73 -6.76
C PHE D 188 37.51 17.52 -5.68
N GLN D 189 36.98 18.66 -6.09
CA GLN D 189 36.15 19.50 -5.23
C GLN D 189 34.69 19.06 -5.19
N LEU D 190 33.98 19.47 -4.15
CA LEU D 190 32.52 19.30 -4.10
C LEU D 190 31.94 19.90 -5.38
N ASN D 191 31.02 19.17 -6.00
CA ASN D 191 30.47 19.56 -7.30
C ASN D 191 29.31 20.56 -7.18
N GLU D 192 28.77 20.96 -8.33
CA GLU D 192 27.72 21.96 -8.40
C GLU D 192 26.46 21.57 -7.60
N GLU D 193 26.05 20.32 -7.70
CA GLU D 193 24.89 19.82 -6.95
C GLU D 193 25.16 19.87 -5.43
N HIS D 194 26.34 19.45 -5.02
CA HIS D 194 26.78 19.55 -3.61
C HIS D 194 26.68 20.96 -3.11
N GLN D 195 27.23 21.90 -3.87
CA GLN D 195 27.29 23.29 -3.46
C GLN D 195 25.90 23.96 -3.39
N ALA D 196 25.00 23.58 -4.30
CA ALA D 196 23.62 24.09 -4.26
C ALA D 196 22.91 23.67 -2.96
N LYS D 197 23.17 22.44 -2.51
CA LYS D 197 22.61 21.97 -1.25
C LYS D 197 23.20 22.72 -0.05
N LEU D 198 24.51 22.99 -0.09
CA LEU D 198 25.15 23.78 0.97
C LEU D 198 24.59 25.20 0.98
N ALA D 199 24.41 25.78 -0.20
CA ALA D 199 23.84 27.14 -0.33
C ALA D 199 22.43 27.21 0.26
N LYS D 200 21.60 26.21 -0.05
CA LYS D 200 20.23 26.08 0.53
C LYS D 200 20.29 26.06 2.07
N ASN D 201 21.18 25.27 2.64
CA ASN D 201 21.38 25.24 4.10
C ASN D 201 21.75 26.60 4.68
N CYS D 202 22.68 27.30 4.01
CA CYS D 202 23.17 28.59 4.50
C CYS D 202 22.11 29.69 4.44
N GLU D 203 21.24 29.63 3.43
CA GLU D 203 20.14 30.59 3.31
C GLU D 203 19.17 30.50 4.52
N VAL D 204 19.09 29.33 5.13
CA VAL D 204 18.27 29.13 6.33
C VAL D 204 19.05 29.43 7.61
N SER D 205 20.32 28.98 7.66
CA SER D 205 21.07 28.99 8.92
C SER D 205 21.89 30.24 9.22
N GLY D 206 22.21 31.02 8.18
CA GLY D 206 23.12 32.15 8.33
C GLY D 206 24.58 31.75 8.33
N GLY D 207 24.87 30.48 8.07
CA GLY D 207 26.25 30.01 7.95
C GLY D 207 26.84 30.37 6.59
N SER D 208 28.01 29.82 6.28
CA SER D 208 28.65 30.07 4.99
C SER D 208 29.41 28.85 4.51
N PHE D 209 29.70 28.81 3.21
CA PHE D 209 30.52 27.75 2.64
C PHE D 209 31.44 28.32 1.54
N LEU D 210 32.56 27.64 1.34
CA LEU D 210 33.51 28.00 0.27
C LEU D 210 34.19 26.73 -0.21
N VAL D 211 34.33 26.60 -1.53
CA VAL D 211 35.07 25.48 -2.14
C VAL D 211 36.18 26.09 -2.97
N THR D 212 37.43 25.73 -2.66
CA THR D 212 38.58 26.43 -3.23
C THR D 212 39.86 25.59 -3.21
N ASP D 213 40.80 25.93 -4.07
CA ASP D 213 42.14 25.31 -4.06
C ASP D 213 43.21 26.28 -3.54
N ASP D 214 42.76 27.32 -2.84
CA ASP D 214 43.64 28.34 -2.28
C ASP D 214 44.11 27.90 -0.90
N ALA D 215 45.44 27.70 -0.77
CA ALA D 215 46.03 27.21 0.48
C ALA D 215 45.79 28.11 1.68
N SER D 216 45.55 29.41 1.44
CA SER D 216 45.28 30.36 2.53
C SER D 216 43.91 30.17 3.19
N SER D 217 43.04 29.38 2.56
CA SER D 217 41.67 29.15 3.07
C SER D 217 41.62 28.42 4.41
N VAL D 218 42.72 27.75 4.78
CA VAL D 218 42.81 27.07 6.07
C VAL D 218 42.94 28.06 7.24
N GLU D 219 43.40 29.28 6.95
CA GLU D 219 43.68 30.28 7.99
C GLU D 219 42.44 30.62 8.80
N GLY D 220 42.56 30.63 10.13
CA GLY D 220 41.45 30.92 11.02
C GLY D 220 40.54 29.74 11.36
N ALA D 221 40.87 28.54 10.87
CA ALA D 221 40.07 27.35 11.17
C ALA D 221 40.11 26.98 12.67
N ASP D 222 38.95 26.62 13.23
CA ASP D 222 38.87 26.08 14.60
C ASP D 222 38.95 24.55 14.59
N PHE D 223 38.47 23.94 13.51
CA PHE D 223 38.59 22.51 13.28
C PHE D 223 39.10 22.27 11.87
N LEU D 224 40.11 21.41 11.74
CA LEU D 224 40.68 21.03 10.45
C LEU D 224 40.49 19.53 10.32
N TYR D 225 39.81 19.12 9.25
CA TYR D 225 39.34 17.74 9.07
C TYR D 225 39.91 17.17 7.78
N THR D 226 40.30 15.91 7.77
CA THR D 226 40.68 15.25 6.50
C THR D 226 40.21 13.78 6.44
N ASP D 227 40.49 13.13 5.30
CA ASP D 227 40.04 11.77 5.01
C ASP D 227 41.03 11.19 4.00
N VAL D 228 40.93 9.90 3.72
CA VAL D 228 41.83 9.23 2.78
C VAL D 228 41.70 9.76 1.35
N TRP D 229 42.68 9.41 0.51
CA TRP D 229 42.75 9.89 -0.86
C TRP D 229 42.40 8.82 -1.89
N TYR D 230 42.23 7.57 -1.46
CA TYR D 230 42.11 6.47 -2.43
C TYR D 230 40.69 6.27 -2.97
N GLY D 231 39.75 7.14 -2.60
CA GLY D 231 38.44 7.15 -3.22
C GLY D 231 37.52 6.04 -2.71
N LEU D 232 36.69 5.52 -3.61
CA LEU D 232 35.61 4.60 -3.23
C LEU D 232 36.11 3.16 -3.05
N TYR D 233 35.50 2.46 -2.09
CA TYR D 233 35.79 1.07 -1.76
C TYR D 233 35.91 0.16 -2.98
N GLU D 234 34.93 0.24 -3.88
CA GLU D 234 34.87 -0.64 -5.05
C GLU D 234 35.85 -0.26 -6.19
N ALA D 235 36.36 0.98 -6.19
CA ALA D 235 37.22 1.47 -7.29
C ALA D 235 38.29 2.44 -6.78
N GLU D 236 39.25 1.92 -6.02
CA GLU D 236 40.28 2.75 -5.39
C GLU D 236 41.26 3.36 -6.41
N LEU D 237 41.71 4.59 -6.13
CA LEU D 237 42.81 5.21 -6.87
C LEU D 237 44.15 4.62 -6.38
N SER D 238 45.04 4.32 -7.31
CA SER D 238 46.35 3.76 -6.97
C SER D 238 47.20 4.77 -6.20
N GLU D 239 48.23 4.27 -5.52
CA GLU D 239 49.15 5.11 -4.74
C GLU D 239 49.78 6.18 -5.65
N GLU D 240 50.28 5.76 -6.79
CA GLU D 240 50.94 6.68 -7.74
C GLU D 240 49.98 7.77 -8.22
N GLU D 241 48.74 7.38 -8.56
CA GLU D 241 47.74 8.32 -9.06
C GLU D 241 47.34 9.34 -7.99
N ARG D 242 47.08 8.87 -6.77
CA ARG D 242 46.62 9.79 -5.72
C ARG D 242 47.71 10.71 -5.19
N MET D 243 48.95 10.23 -5.16
CA MET D 243 50.07 11.10 -4.80
C MET D 243 50.19 12.24 -5.83
N LYS D 244 50.03 11.90 -7.11
CA LYS D 244 50.03 12.88 -8.18
C LYS D 244 48.97 13.96 -8.02
N VAL D 245 47.77 13.55 -7.60
CA VAL D 245 46.66 14.50 -7.38
C VAL D 245 46.84 15.38 -6.13
N PHE D 246 47.25 14.77 -5.00
CA PHE D 246 47.14 15.42 -3.69
C PHE D 246 48.44 15.82 -2.98
N TYR D 247 49.56 15.17 -3.32
CA TYR D 247 50.78 15.32 -2.53
C TYR D 247 51.77 16.29 -3.17
N PRO D 248 52.41 17.18 -2.38
CA PRO D 248 52.30 17.37 -0.93
C PRO D 248 51.31 18.45 -0.46
N LYS D 249 50.68 19.17 -1.38
CA LYS D 249 49.87 20.34 -1.04
C LYS D 249 48.73 20.05 -0.05
N TYR D 250 48.09 18.89 -0.20
CA TYR D 250 46.94 18.55 0.65
C TYR D 250 47.29 17.63 1.82
N GLN D 251 48.57 17.41 2.07
CA GLN D 251 48.94 16.67 3.26
C GLN D 251 48.84 17.55 4.50
N VAL D 252 48.03 17.14 5.46
CA VAL D 252 47.90 17.89 6.70
C VAL D 252 49.13 17.62 7.56
N ASN D 253 50.05 18.57 7.56
CA ASN D 253 51.26 18.49 8.37
C ASN D 253 51.24 19.61 9.43
N GLN D 254 52.27 19.67 10.24
CA GLN D 254 52.33 20.69 11.31
C GLN D 254 52.35 22.11 10.75
N GLU D 255 52.98 22.30 9.60
CA GLU D 255 52.97 23.61 8.91
C GLU D 255 51.53 24.07 8.62
N MET D 256 50.71 23.17 8.09
CA MET D 256 49.31 23.51 7.80
C MET D 256 48.52 23.80 9.08
N MET D 257 48.72 23.00 10.11
CA MET D 257 48.03 23.23 11.39
C MET D 257 48.40 24.59 11.98
N ASP D 258 49.70 24.93 11.93
CA ASP D 258 50.17 26.23 12.40
C ASP D 258 49.59 27.38 11.57
N ARG D 259 49.47 27.17 10.26
CA ARG D 259 48.84 28.15 9.38
C ARG D 259 47.35 28.33 9.71
N ALA D 260 46.67 27.24 10.08
CA ALA D 260 45.27 27.32 10.52
C ALA D 260 45.15 28.11 11.82
N GLY D 261 45.98 27.77 12.80
CA GLY D 261 46.02 28.48 14.08
C GLY D 261 46.54 27.59 15.17
N ALA D 262 47.13 28.20 16.19
CA ALA D 262 47.73 27.47 17.32
C ALA D 262 46.73 26.59 18.05
N ASN D 263 45.46 27.02 18.10
CA ASN D 263 44.41 26.29 18.82
C ASN D 263 43.53 25.40 17.94
N CYS D 264 43.79 25.36 16.64
CA CYS D 264 42.99 24.55 15.72
C CYS D 264 43.08 23.06 16.07
N LYS D 265 41.93 22.39 16.15
CA LYS D 265 41.87 20.96 16.46
C LYS D 265 41.85 20.13 15.19
N PHE D 266 42.51 18.96 15.22
CA PHE D 266 42.56 18.08 14.06
C PHE D 266 41.57 16.90 14.18
N MET D 267 40.82 16.68 13.10
CA MET D 267 39.80 15.64 13.03
C MET D 267 40.03 14.77 11.80
N HIS D 268 39.64 13.50 11.91
CA HIS D 268 39.74 12.53 10.81
C HIS D 268 38.77 11.43 11.11
N CYS D 269 37.98 11.00 10.12
CA CYS D 269 36.95 9.98 10.35
C CYS D 269 37.51 8.58 10.63
N LEU D 270 38.74 8.33 10.16
CA LEU D 270 39.45 7.05 10.29
C LEU D 270 38.83 5.96 9.43
N PRO D 271 39.63 4.96 9.01
CA PRO D 271 41.06 4.81 9.20
C PRO D 271 41.86 5.85 8.40
N ALA D 272 43.04 6.20 8.93
CA ALA D 272 43.92 7.20 8.30
C ALA D 272 45.11 6.51 7.64
N THR D 273 45.58 7.06 6.53
CA THR D 273 46.79 6.60 5.90
C THR D 273 47.90 7.55 6.29
N ARG D 274 48.56 7.25 7.40
CA ARG D 274 49.65 8.08 7.88
C ARG D 274 50.71 8.22 6.79
N GLY D 275 51.19 9.44 6.59
CA GLY D 275 52.18 9.71 5.58
C GLY D 275 51.59 10.13 4.25
N GLU D 276 50.26 10.09 4.15
CA GLU D 276 49.59 10.63 2.99
C GLU D 276 48.79 11.88 3.36
N GLU D 277 47.53 11.71 3.73
CA GLU D 277 46.68 12.86 4.05
C GLU D 277 47.02 13.50 5.39
N VAL D 278 47.79 12.82 6.22
CA VAL D 278 48.18 13.36 7.51
C VAL D 278 49.49 12.75 8.01
N THR D 279 50.29 13.55 8.71
CA THR D 279 51.55 13.06 9.26
C THR D 279 51.34 12.54 10.68
N ASP D 280 52.24 11.66 11.11
CA ASP D 280 52.23 11.13 12.48
C ASP D 280 52.21 12.26 13.51
N GLU D 281 53.03 13.28 13.28
CA GLU D 281 53.13 14.43 14.18
C GLU D 281 51.79 15.07 14.49
N VAL D 282 50.95 15.22 13.47
CA VAL D 282 49.64 15.88 13.64
C VAL D 282 48.63 14.97 14.31
N ILE D 283 48.47 13.76 13.78
CA ILE D 283 47.43 12.85 14.28
C ILE D 283 47.67 12.40 15.72
N ASP D 284 48.93 12.29 16.13
CA ASP D 284 49.30 11.93 17.51
C ASP D 284 49.59 13.14 18.39
N GLY D 285 49.49 14.35 17.84
CA GLY D 285 49.84 15.57 18.58
C GLY D 285 48.79 16.03 19.58
N LYS D 286 49.13 17.08 20.33
CA LYS D 286 48.29 17.57 21.43
C LYS D 286 46.94 18.14 20.98
N ASN D 287 46.85 18.60 19.73
CA ASN D 287 45.61 19.18 19.22
C ASN D 287 44.78 18.22 18.37
N SER D 288 45.17 16.95 18.30
CA SER D 288 44.35 15.93 17.64
C SER D 288 43.19 15.51 18.55
N ILE D 289 41.98 15.49 18.01
CA ILE D 289 40.83 14.98 18.76
C ILE D 289 40.17 13.80 18.06
N CYS D 290 40.89 13.16 17.13
CA CYS D 290 40.23 12.16 16.28
C CYS D 290 39.86 10.87 17.02
N PHE D 291 40.49 10.59 18.16
CA PHE D 291 40.12 9.41 18.95
C PHE D 291 38.92 9.66 19.88
N ASP D 292 38.78 10.88 20.37
CA ASP D 292 37.52 11.31 20.99
C ASP D 292 36.40 11.24 19.96
N GLU D 293 36.71 11.68 18.74
CA GLU D 293 35.77 11.62 17.62
C GLU D 293 35.30 10.19 17.33
N ALA D 294 36.24 9.24 17.33
CA ALA D 294 35.92 7.82 17.14
C ALA D 294 35.01 7.31 18.23
N GLU D 295 35.30 7.66 19.48
CA GLU D 295 34.40 7.28 20.57
C GLU D 295 32.99 7.80 20.35
N ASN D 296 32.88 9.00 19.78
CA ASN D 296 31.57 9.61 19.61
C ASN D 296 30.75 9.02 18.46
N ARG D 297 31.33 8.09 17.69
CA ARG D 297 30.53 7.28 16.78
C ARG D 297 29.53 6.44 17.58
N LEU D 298 29.99 5.86 18.70
CA LEU D 298 29.11 5.10 19.60
C LEU D 298 28.14 6.03 20.31
N THR D 299 28.64 7.16 20.80
CA THR D 299 27.80 8.16 21.43
C THR D 299 26.58 8.53 20.59
N SER D 300 26.81 8.89 19.33
CA SER D 300 25.76 9.35 18.44
C SER D 300 24.82 8.22 18.01
N ILE D 301 25.38 7.03 17.76
CA ILE D 301 24.57 5.89 17.39
C ILE D 301 23.57 5.49 18.49
N ARG D 302 23.99 5.53 19.75
CA ARG D 302 23.08 5.27 20.87
C ARG D 302 21.92 6.26 20.89
N GLY D 303 22.22 7.54 20.71
CA GLY D 303 21.19 8.56 20.67
C GLY D 303 20.21 8.39 19.52
N LEU D 304 20.73 8.07 18.34
CA LEU D 304 19.89 7.84 17.15
C LEU D 304 18.93 6.67 17.32
N LEU D 305 19.46 5.54 17.80
CA LEU D 305 18.66 4.34 17.99
C LEU D 305 17.49 4.63 18.94
N VAL D 306 17.80 5.29 20.05
CA VAL D 306 16.77 5.62 21.04
C VAL D 306 15.75 6.57 20.47
N TYR D 307 16.21 7.63 19.79
CA TYR D 307 15.31 8.59 19.20
C TYR D 307 14.34 7.92 18.22
N LEU D 308 14.87 7.13 17.29
CA LEU D 308 14.04 6.53 16.25
C LEU D 308 13.05 5.49 16.80
N MET D 309 13.48 4.73 17.80
CA MET D 309 12.59 3.73 18.41
C MET D 309 11.54 4.38 19.29
N ASN D 310 11.89 5.44 20.02
CA ASN D 310 10.92 6.21 20.79
C ASN D 310 9.87 6.82 19.86
N ASP D 311 10.31 7.34 18.72
CA ASP D 311 9.41 7.89 17.70
C ASP D 311 8.46 6.81 17.19
N TYR D 312 9.01 5.64 16.86
CA TYR D 312 8.21 4.53 16.37
C TYR D 312 7.13 4.11 17.39
N GLU D 313 7.52 3.95 18.65
CA GLU D 313 6.58 3.55 19.70
C GLU D 313 5.50 4.62 19.98
N ALA D 314 5.88 5.89 19.91
CA ALA D 314 4.92 6.97 20.08
C ALA D 314 3.85 6.94 18.97
N LYS D 315 4.27 6.63 17.74
CA LYS D 315 3.34 6.51 16.61
C LYS D 315 2.57 5.20 16.59
N ASN D 316 3.09 4.18 17.26
CA ASN D 316 2.49 2.85 17.27
C ASN D 316 2.41 2.30 18.69
N PRO D 317 1.64 2.96 19.56
CA PRO D 317 1.65 2.60 20.98
C PRO D 317 1.06 1.23 21.29
N TYR D 318 1.54 0.59 22.35
CA TYR D 318 0.99 -0.69 22.80
C TYR D 318 -0.30 -0.48 23.59
N ASP D 319 -1.27 -1.36 23.35
CA ASP D 319 -2.52 -1.38 24.09
C ASP D 319 -2.31 -2.22 25.35
N LEU D 320 -2.26 -1.57 26.51
CA LEU D 320 -1.90 -2.25 27.76
C LEU D 320 -2.95 -3.25 28.26
N ILE D 321 -4.21 -3.04 27.89
CA ILE D 321 -5.27 -4.03 28.24
C ILE D 321 -5.11 -5.30 27.41
N LYS D 322 -4.84 -5.17 26.11
CA LYS D 322 -4.59 -6.34 25.26
C LYS D 322 -3.27 -7.02 25.61
N GLN D 323 -2.30 -6.24 26.05
CA GLN D 323 -1.03 -6.79 26.51
C GLN D 323 -1.24 -7.69 27.75
N ALA D 324 -1.98 -7.17 28.72
CA ALA D 324 -2.31 -7.94 29.93
C ALA D 324 -3.09 -9.21 29.62
N GLU D 325 -4.06 -9.12 28.71
CA GLU D 325 -4.84 -10.30 28.28
C GLU D 325 -3.94 -11.33 27.61
N ALA D 326 -3.05 -10.88 26.73
CA ALA D 326 -2.15 -11.79 25.99
C ALA D 326 -1.19 -12.51 26.93
N LYS D 327 -0.66 -11.77 27.89
CA LYS D 327 0.25 -12.35 28.89
C LYS D 327 -0.47 -13.42 29.71
N LYS D 328 -1.68 -13.12 30.16
CA LYS D 328 -2.47 -14.07 30.94
C LYS D 328 -2.80 -15.34 30.14
N GLU D 329 -3.25 -15.17 28.90
CA GLU D 329 -3.57 -16.32 28.05
C GLU D 329 -2.35 -17.22 27.81
N LEU D 330 -1.18 -16.62 27.59
CA LEU D 330 0.04 -17.41 27.41
C LEU D 330 0.36 -18.20 28.70
N GLU D 331 0.30 -17.53 29.85
CA GLU D 331 0.58 -18.17 31.13
C GLU D 331 -0.37 -19.32 31.45
N VAL D 332 -1.66 -19.14 31.18
CA VAL D 332 -2.65 -20.21 31.34
C VAL D 332 -2.35 -21.39 30.42
N PHE D 333 -1.99 -21.10 29.16
CA PHE D 333 -1.65 -22.14 28.20
C PHE D 333 -0.44 -22.97 28.67
N LEU D 334 0.56 -22.30 29.20
CA LEU D 334 1.78 -22.96 29.64
C LEU D 334 1.64 -23.54 31.04
N ASP D 335 0.48 -23.31 31.67
CA ASP D 335 0.26 -23.77 33.03
C ASP D 335 1.30 -23.16 33.96
N THR D 336 1.60 -21.89 33.74
CA THR D 336 2.62 -21.21 34.53
C THR D 336 2.07 -20.90 35.91
N GLN D 337 2.73 -21.41 36.93
CA GLN D 337 2.34 -21.10 38.30
C GLN D 337 2.89 -19.72 38.66
N SER D 338 2.35 -19.11 39.71
CA SER D 338 2.79 -17.77 40.09
C SER D 338 4.29 -17.80 40.46
N ILE D 339 4.95 -16.65 40.29
CA ILE D 339 6.37 -16.51 40.64
C ILE D 339 6.55 -16.72 42.15
N SER D 340 5.57 -16.29 42.93
CA SER D 340 5.51 -16.58 44.38
C SER D 340 5.45 -18.08 44.66
N ALA D 341 4.43 -18.74 44.11
CA ALA D 341 4.25 -20.20 44.30
C ALA D 341 5.52 -20.96 43.95
N ALA D 342 6.12 -20.64 42.80
CA ALA D 342 7.39 -21.23 42.39
C ALA D 342 8.48 -21.00 43.45
N LYS D 343 8.63 -19.74 43.87
CA LYS D 343 9.64 -19.37 44.88
C LYS D 343 9.41 -20.13 46.19
N LEU D 344 8.17 -20.16 46.69
CA LEU D 344 7.92 -20.85 47.95
C LEU D 344 8.18 -22.36 47.80
N ALA D 345 7.71 -22.94 46.70
CA ALA D 345 7.89 -24.37 46.43
C ALA D 345 9.38 -24.73 46.38
N ALA D 346 10.17 -23.91 45.68
CA ALA D 346 11.63 -24.06 45.65
C ALA D 346 12.27 -24.08 47.06
N ALA D 347 11.87 -23.13 47.89
CA ALA D 347 12.40 -23.04 49.26
C ALA D 347 11.95 -24.21 50.16
N LEU D 348 10.86 -24.90 49.79
CA LEU D 348 10.34 -26.00 50.61
C LEU D 348 10.89 -27.36 50.19
N GLU D 349 11.36 -27.48 48.95
CA GLU D 349 11.97 -28.73 48.48
C GLU D 349 13.18 -29.08 49.34
N MET E 1 43.66 1.86 34.72
CA MET E 1 44.62 0.74 34.52
C MET E 1 43.83 -0.54 34.31
N LYS E 2 44.49 -1.50 33.68
CA LYS E 2 43.94 -2.84 33.48
C LYS E 2 44.93 -3.95 33.76
N ARG E 3 44.41 -5.17 33.79
CA ARG E 3 45.25 -6.35 33.75
C ARG E 3 44.90 -7.16 32.51
N ASP E 4 45.90 -7.84 31.94
CA ASP E 4 45.70 -8.69 30.77
C ASP E 4 45.90 -10.16 31.11
N TYR E 5 45.51 -11.02 30.17
CA TYR E 5 45.74 -12.45 30.27
C TYR E 5 46.34 -12.93 28.95
N VAL E 6 47.62 -12.61 28.79
CA VAL E 6 48.38 -12.94 27.60
C VAL E 6 49.23 -14.19 27.84
N THR E 7 49.78 -14.30 29.04
CA THR E 7 50.54 -15.49 29.45
C THR E 7 50.38 -15.73 30.95
N THR E 8 50.35 -17.01 31.34
CA THR E 8 50.31 -17.38 32.77
C THR E 8 51.63 -17.07 33.48
N GLU E 9 52.65 -16.68 32.71
CA GLU E 9 53.93 -16.27 33.29
C GLU E 9 53.82 -15.06 34.22
N THR E 10 52.78 -14.24 34.04
CA THR E 10 52.54 -13.09 34.90
C THR E 10 51.54 -13.36 36.03
N TYR E 11 51.20 -14.63 36.24
CA TYR E 11 50.26 -15.04 37.29
C TYR E 11 50.96 -16.00 38.27
N THR E 12 50.70 -15.83 39.56
CA THR E 12 51.25 -16.72 40.59
C THR E 12 50.38 -17.97 40.76
N LYS E 13 50.93 -18.97 41.43
CA LYS E 13 50.19 -20.19 41.76
C LYS E 13 48.91 -19.84 42.51
N GLU E 14 48.99 -18.92 43.46
CA GLU E 14 47.85 -18.51 44.26
C GLU E 14 46.77 -17.84 43.40
N GLU E 15 47.18 -17.03 42.43
CA GLU E 15 46.23 -16.39 41.50
C GLU E 15 45.56 -17.41 40.58
N MET E 16 46.31 -18.41 40.13
CA MET E 16 45.72 -19.47 39.31
C MET E 16 44.72 -20.30 40.12
N HIS E 17 45.03 -20.58 41.38
CA HIS E 17 44.08 -21.25 42.28
C HIS E 17 42.81 -20.48 42.45
N TYR E 18 42.92 -19.16 42.58
CA TYR E 18 41.74 -18.30 42.69
C TYR E 18 40.87 -18.39 41.43
N LEU E 19 41.51 -18.35 40.26
CA LEU E 19 40.80 -18.46 38.99
C LEU E 19 40.06 -19.80 38.85
N VAL E 20 40.72 -20.88 39.27
CA VAL E 20 40.10 -22.20 39.25
C VAL E 20 38.88 -22.22 40.17
N ASP E 21 39.04 -21.73 41.40
CA ASP E 21 37.96 -21.74 42.38
C ASP E 21 36.76 -20.92 41.90
N LEU E 22 37.03 -19.74 41.35
CA LEU E 22 35.98 -18.88 40.79
C LEU E 22 35.26 -19.58 39.64
N SER E 23 36.03 -20.15 38.72
CA SER E 23 35.47 -20.84 37.56
C SER E 23 34.58 -22.00 38.00
N LEU E 24 35.03 -22.79 38.96
CA LEU E 24 34.26 -23.97 39.38
C LEU E 24 32.99 -23.60 40.15
N LYS E 25 33.02 -22.50 40.89
CA LYS E 25 31.82 -22.06 41.59
C LYS E 25 30.76 -21.51 40.63
N ILE E 26 31.21 -20.79 39.59
CA ILE E 26 30.28 -20.35 38.55
C ILE E 26 29.71 -21.55 37.82
N LYS E 27 30.56 -22.54 37.54
CA LYS E 27 30.12 -23.76 36.87
C LYS E 27 29.01 -24.49 37.65
N GLU E 28 29.17 -24.59 38.96
CA GLU E 28 28.19 -25.30 39.80
C GLU E 28 26.86 -24.53 39.90
N ALA E 29 26.92 -23.20 39.87
CA ALA E 29 25.72 -22.37 39.81
C ALA E 29 24.94 -22.63 38.52
N ILE E 30 25.62 -22.50 37.38
CA ILE E 30 24.99 -22.67 36.07
C ILE E 30 24.49 -24.10 35.84
N LYS E 31 25.28 -25.08 36.28
CA LYS E 31 24.87 -26.49 36.19
C LYS E 31 23.51 -26.71 36.84
N ASN E 32 23.24 -25.99 37.92
CA ASN E 32 21.99 -26.15 38.66
C ASN E 32 20.95 -25.07 38.33
N GLY E 33 21.21 -24.31 37.27
CA GLY E 33 20.23 -23.38 36.72
C GLY E 33 20.23 -21.96 37.25
N TYR E 34 21.27 -21.55 37.99
CA TYR E 34 21.41 -20.16 38.37
C TYR E 34 22.50 -19.51 37.54
N TYR E 35 22.11 -18.49 36.75
CA TYR E 35 23.04 -17.76 35.90
C TYR E 35 23.42 -16.44 36.57
N PRO E 36 24.62 -16.34 37.11
CA PRO E 36 24.99 -15.08 37.78
C PRO E 36 25.29 -13.97 36.77
N GLN E 37 24.56 -12.85 36.87
CA GLN E 37 24.68 -11.78 35.90
C GLN E 37 25.82 -10.83 36.28
N LEU E 38 27.04 -11.32 36.17
CA LEU E 38 28.22 -10.59 36.62
C LEU E 38 28.83 -9.67 35.56
N LEU E 39 28.38 -9.79 34.30
CA LEU E 39 28.87 -8.94 33.19
C LEU E 39 27.72 -8.23 32.51
N LYS E 40 26.76 -7.76 33.31
CA LYS E 40 25.54 -7.16 32.77
C LYS E 40 25.84 -5.95 31.87
N ASN E 41 25.33 -6.00 30.63
CA ASN E 41 25.50 -4.96 29.62
C ASN E 41 26.93 -4.72 29.12
N LYS E 42 27.84 -5.65 29.39
CA LYS E 42 29.23 -5.52 28.96
C LYS E 42 29.43 -6.16 27.58
N SER E 43 30.34 -5.56 26.78
CA SER E 43 30.60 -6.02 25.42
C SER E 43 32.03 -6.49 25.26
N LEU E 44 32.18 -7.69 24.69
CA LEU E 44 33.48 -8.29 24.40
C LEU E 44 33.71 -8.25 22.90
N GLY E 45 34.83 -7.66 22.48
CA GLY E 45 35.26 -7.75 21.09
C GLY E 45 36.05 -9.04 20.91
N MET E 46 35.66 -9.88 19.95
CA MET E 46 36.33 -11.16 19.71
C MET E 46 37.01 -11.16 18.33
N ILE E 47 38.32 -10.93 18.33
CA ILE E 47 39.09 -10.87 17.09
C ILE E 47 39.69 -12.23 16.77
N PHE E 48 39.26 -12.81 15.65
CA PHE E 48 39.81 -14.09 15.22
C PHE E 48 40.55 -13.96 13.89
N GLN E 49 41.88 -14.13 13.91
CA GLN E 49 42.68 -14.15 12.68
C GLN E 49 42.73 -15.54 12.05
N GLN E 50 42.28 -16.55 12.79
CA GLN E 50 42.23 -17.94 12.33
C GLN E 50 40.91 -18.58 12.77
N SER E 51 40.59 -19.74 12.21
CA SER E 51 39.34 -20.43 12.55
C SER E 51 39.36 -20.94 14.00
N SER E 52 38.16 -21.14 14.54
CA SER E 52 37.99 -21.67 15.89
C SER E 52 36.55 -22.14 16.08
N THR E 53 36.37 -23.26 16.78
CA THR E 53 35.05 -23.70 17.22
C THR E 53 34.94 -23.55 18.73
N GLY E 54 35.78 -24.28 19.47
CA GLY E 54 35.70 -24.32 20.92
C GLY E 54 35.91 -22.98 21.60
N THR E 55 36.99 -22.30 21.23
CA THR E 55 37.33 -21.03 21.86
C THR E 55 36.28 -19.97 21.52
N ARG E 56 35.93 -19.87 20.25
CA ARG E 56 34.94 -18.87 19.81
C ARG E 56 33.57 -19.08 20.47
N VAL E 57 33.06 -20.31 20.43
CA VAL E 57 31.73 -20.60 21.02
C VAL E 57 31.75 -20.39 22.53
N SER E 58 32.85 -20.77 23.18
CA SER E 58 32.98 -20.57 24.62
C SER E 58 32.87 -19.11 25.04
N PHE E 59 33.57 -18.23 24.34
CA PHE E 59 33.52 -16.79 24.63
C PHE E 59 32.13 -16.23 24.39
N GLU E 60 31.48 -16.61 23.30
CA GLU E 60 30.19 -16.06 22.93
C GLU E 60 29.10 -16.54 23.92
N THR E 61 29.14 -17.82 24.26
CA THR E 61 28.22 -18.40 25.25
C THR E 61 28.46 -17.84 26.64
N ALA E 62 29.73 -17.71 27.04
CA ALA E 62 30.06 -17.16 28.35
C ALA E 62 29.45 -15.77 28.55
N MET E 63 29.60 -14.90 27.54
CA MET E 63 29.07 -13.56 27.65
C MET E 63 27.56 -13.56 27.84
N GLU E 64 26.84 -14.35 27.05
CA GLU E 64 25.38 -14.47 27.20
C GLU E 64 24.97 -14.97 28.59
N GLN E 65 25.65 -16.00 29.08
CA GLN E 65 25.32 -16.59 30.38
C GLN E 65 25.51 -15.60 31.53
N LEU E 66 26.47 -14.68 31.38
CA LEU E 66 26.84 -13.75 32.43
C LEU E 66 26.19 -12.36 32.25
N GLY E 67 25.33 -12.23 31.23
CA GLY E 67 24.52 -11.02 31.07
C GLY E 67 25.06 -9.96 30.10
N GLY E 68 26.12 -10.31 29.38
CA GLY E 68 26.72 -9.42 28.38
C GLY E 68 26.60 -9.98 26.96
N HIS E 69 27.52 -9.59 26.09
CA HIS E 69 27.47 -9.97 24.67
C HIS E 69 28.85 -10.00 24.06
N GLY E 70 29.10 -11.01 23.25
CA GLY E 70 30.35 -11.15 22.49
C GLY E 70 30.13 -10.83 21.02
N GLU E 71 31.00 -9.99 20.46
CA GLU E 71 30.94 -9.59 19.06
C GLU E 71 32.03 -10.35 18.28
N TYR E 72 31.62 -11.16 17.31
CA TYR E 72 32.56 -11.95 16.52
C TYR E 72 33.12 -11.15 15.35
N LEU E 73 34.40 -10.85 15.41
CA LEU E 73 35.09 -10.11 14.34
C LEU E 73 35.94 -11.12 13.55
N ALA E 74 35.43 -11.54 12.41
CA ALA E 74 35.97 -12.68 11.66
C ALA E 74 37.34 -12.38 11.01
N PRO E 75 38.06 -13.44 10.58
CA PRO E 75 39.34 -13.25 9.88
C PRO E 75 39.21 -12.29 8.70
N GLY E 76 40.06 -11.25 8.69
CA GLY E 76 40.04 -10.25 7.63
C GLY E 76 39.23 -9.00 7.93
N GLN E 77 38.40 -9.04 8.97
CA GLN E 77 37.53 -7.91 9.31
C GLN E 77 38.27 -6.77 10.01
N ILE E 78 39.23 -7.11 10.85
CA ILE E 78 40.07 -6.13 11.53
C ILE E 78 41.51 -6.27 11.06
N GLU E 84 46.55 0.42 8.57
CA GLU E 84 46.13 0.86 9.90
C GLU E 84 46.98 0.25 11.02
N THR E 85 47.63 1.09 11.82
CA THR E 85 48.56 0.62 12.85
C THR E 85 47.82 -0.05 14.03
N ILE E 86 48.56 -0.88 14.75
CA ILE E 86 48.05 -1.55 15.96
C ILE E 86 47.69 -0.50 17.03
N GLU E 87 48.47 0.57 17.13
CA GLU E 87 48.19 1.66 18.08
C GLU E 87 46.83 2.30 17.79
N ASP E 88 46.55 2.59 16.52
CA ASP E 88 45.29 3.23 16.14
C ASP E 88 44.10 2.31 16.39
N THR E 89 44.21 1.05 16.00
CA THR E 89 43.15 0.07 16.20
C THR E 89 42.86 -0.14 17.69
N SER E 90 43.92 -0.23 18.48
CA SER E 90 43.79 -0.42 19.93
C SER E 90 43.06 0.73 20.58
N ARG E 91 43.39 1.95 20.17
CA ARG E 91 42.77 3.14 20.74
C ARG E 91 41.30 3.26 20.33
N VAL E 92 40.97 2.88 19.10
CA VAL E 92 39.58 2.90 18.65
C VAL E 92 38.74 1.85 19.42
N LEU E 93 39.20 0.59 19.42
CA LEU E 93 38.47 -0.48 20.08
C LEU E 93 38.32 -0.27 21.59
N SER E 94 39.33 0.33 22.22
CA SER E 94 39.29 0.60 23.66
C SER E 94 38.14 1.52 24.05
N ARG E 95 37.65 2.33 23.10
CA ARG E 95 36.51 3.22 23.38
C ARG E 95 35.16 2.58 23.05
N LEU E 96 35.17 1.44 22.38
CA LEU E 96 33.96 0.85 21.82
C LEU E 96 33.50 -0.47 22.45
N VAL E 97 34.40 -1.18 23.12
CA VAL E 97 34.03 -2.40 23.88
C VAL E 97 34.67 -2.34 25.28
N ASP E 98 34.25 -3.23 26.18
CA ASP E 98 34.72 -3.22 27.56
C ASP E 98 35.92 -4.14 27.78
N ILE E 99 36.05 -5.15 26.92
CA ILE E 99 37.09 -6.14 27.05
C ILE E 99 37.31 -6.76 25.68
N LEU E 100 38.51 -7.28 25.45
CA LEU E 100 38.92 -7.74 24.15
C LEU E 100 39.56 -9.13 24.25
N MET E 101 39.29 -9.99 23.27
CA MET E 101 40.13 -11.17 23.07
C MET E 101 40.57 -11.25 21.63
N ALA E 102 41.66 -11.97 21.37
CA ALA E 102 42.15 -12.15 20.02
C ALA E 102 42.90 -13.48 19.88
N ARG E 103 42.58 -14.22 18.84
CA ARG E 103 43.36 -15.37 18.40
C ARG E 103 44.20 -14.86 17.24
N VAL E 104 45.52 -14.96 17.37
CA VAL E 104 46.44 -14.33 16.40
C VAL E 104 47.41 -15.33 15.78
N GLU E 105 47.86 -15.01 14.58
CA GLU E 105 48.84 -15.82 13.85
C GLU E 105 50.23 -15.74 14.53
N ARG E 106 50.62 -14.54 14.92
CA ARG E 106 51.93 -14.30 15.53
C ARG E 106 51.77 -13.67 16.90
N HIS E 107 52.50 -14.19 17.88
CA HIS E 107 52.38 -13.74 19.27
C HIS E 107 52.58 -12.26 19.47
N HIS E 108 53.50 -11.63 18.73
CA HIS E 108 53.72 -10.19 18.88
C HIS E 108 52.46 -9.37 18.70
N SER E 109 51.53 -9.84 17.87
CA SER E 109 50.27 -9.13 17.67
C SER E 109 49.43 -9.01 18.94
N ILE E 110 49.33 -10.09 19.71
CA ILE E 110 48.54 -10.05 20.96
C ILE E 110 49.29 -9.25 22.03
N VAL E 111 50.62 -9.36 22.05
CA VAL E 111 51.42 -8.54 22.98
C VAL E 111 51.21 -7.04 22.69
N ASP E 112 51.23 -6.68 21.40
CA ASP E 112 51.09 -5.26 21.01
C ASP E 112 49.68 -4.74 21.32
N LEU E 113 48.67 -5.55 21.03
CA LEU E 113 47.28 -5.20 21.34
C LEU E 113 47.11 -4.93 22.83
N ALA E 114 47.63 -5.83 23.66
CA ALA E 114 47.57 -5.70 25.11
C ALA E 114 48.33 -4.46 25.61
N ASN E 115 49.49 -4.19 25.02
CA ASN E 115 50.30 -3.04 25.41
C ASN E 115 49.63 -1.71 25.09
N CYS E 116 48.94 -1.64 23.95
CA CYS E 116 48.32 -0.38 23.49
C CYS E 116 46.89 -0.16 24.02
N ALA E 117 46.12 -1.23 24.18
CA ALA E 117 44.72 -1.13 24.62
C ALA E 117 44.67 -0.71 26.08
N THR E 118 43.69 0.11 26.43
CA THR E 118 43.50 0.53 27.82
C THR E 118 42.42 -0.31 28.53
N ILE E 119 41.92 -1.34 27.85
CA ILE E 119 40.97 -2.30 28.43
C ILE E 119 41.66 -3.68 28.50
N PRO E 120 41.13 -4.61 29.33
CA PRO E 120 41.75 -5.94 29.41
C PRO E 120 41.78 -6.68 28.07
N VAL E 121 42.87 -7.39 27.82
CA VAL E 121 43.05 -8.17 26.59
C VAL E 121 43.39 -9.63 26.95
N ILE E 122 42.69 -10.55 26.30
CA ILE E 122 42.85 -11.98 26.50
C ILE E 122 43.39 -12.64 25.22
N ASN E 123 44.41 -13.46 25.38
CA ASN E 123 45.03 -14.23 24.30
C ASN E 123 44.20 -15.51 24.07
N GLY E 124 43.57 -15.61 22.90
CA GLY E 124 42.75 -16.75 22.53
C GLY E 124 43.49 -17.83 21.75
N MET E 125 44.82 -17.73 21.79
CA MET E 125 45.81 -18.65 21.20
C MET E 125 46.69 -17.89 20.21
N SER E 126 47.99 -18.15 20.30
CA SER E 126 48.97 -17.62 19.34
C SER E 126 49.85 -18.78 18.90
N ASP E 127 50.89 -18.48 18.12
CA ASP E 127 51.87 -19.51 17.78
C ASP E 127 52.78 -19.87 18.97
N TYR E 128 52.72 -19.08 20.04
CA TYR E 128 53.62 -19.25 21.19
C TYR E 128 52.96 -19.98 22.38
N ASN E 129 51.74 -19.59 22.73
CA ASN E 129 51.05 -20.21 23.87
C ASN E 129 49.54 -20.21 23.71
N HIS E 130 48.84 -20.73 24.71
CA HIS E 130 47.37 -20.87 24.66
C HIS E 130 46.86 -20.85 26.09
N PRO E 131 46.86 -19.67 26.72
CA PRO E 131 46.66 -19.61 28.16
C PRO E 131 45.24 -19.90 28.67
N THR E 132 44.20 -19.73 27.84
CA THR E 132 42.84 -20.12 28.25
C THR E 132 42.73 -21.65 28.28
N GLN E 133 43.43 -22.32 27.35
CA GLN E 133 43.53 -23.78 27.37
C GLN E 133 44.19 -24.25 28.68
N GLU E 134 45.23 -23.56 29.12
CA GLU E 134 45.91 -23.88 30.39
C GLU E 134 44.95 -23.90 31.56
N LEU E 135 44.15 -22.85 31.70
CA LEU E 135 43.22 -22.74 32.83
C LEU E 135 42.14 -23.81 32.75
N GLY E 136 41.61 -24.05 31.55
CA GLY E 136 40.63 -25.11 31.36
C GLY E 136 41.18 -26.49 31.69
N ASP E 137 42.41 -26.76 31.26
CA ASP E 137 43.06 -28.04 31.55
C ASP E 137 43.34 -28.21 33.04
N LEU E 138 43.72 -27.13 33.70
CA LEU E 138 43.91 -27.16 35.15
C LEU E 138 42.59 -27.47 35.89
N CYS E 139 41.51 -26.81 35.50
CA CYS E 139 40.19 -27.09 36.07
C CYS E 139 39.85 -28.57 35.92
N THR E 140 40.16 -29.12 34.75
CA THR E 140 39.85 -30.52 34.44
C THR E 140 40.65 -31.49 35.30
N MET E 141 41.95 -31.21 35.47
CA MET E 141 42.80 -32.05 36.29
C MET E 141 42.37 -32.01 37.76
N VAL E 142 41.97 -30.83 38.24
CA VAL E 142 41.46 -30.69 39.60
C VAL E 142 40.20 -31.54 39.79
N GLU E 143 39.31 -31.52 38.80
CA GLU E 143 38.08 -32.32 38.88
C GLU E 143 38.32 -33.82 38.78
N HIS E 144 39.45 -34.22 38.21
CA HIS E 144 39.76 -35.63 37.99
C HIS E 144 41.01 -36.09 38.70
N LEU E 145 41.31 -35.50 39.87
CA LEU E 145 42.46 -35.94 40.66
C LEU E 145 42.39 -37.43 41.00
N PRO E 146 43.52 -38.16 40.86
CA PRO E 146 43.55 -39.55 41.31
C PRO E 146 43.23 -39.68 42.80
N GLU E 147 42.61 -40.80 43.18
CA GLU E 147 42.25 -41.06 44.56
C GLU E 147 43.45 -40.88 45.49
N GLY E 148 43.31 -39.96 46.45
CA GLY E 148 44.32 -39.78 47.50
C GLY E 148 45.58 -39.05 47.08
N LYS E 149 45.58 -38.41 45.91
CA LYS E 149 46.73 -37.62 45.45
C LYS E 149 46.41 -36.13 45.45
N LYS E 150 47.40 -35.33 45.82
CA LYS E 150 47.33 -33.89 45.65
C LYS E 150 47.77 -33.53 44.24
N LEU E 151 47.34 -32.36 43.77
CA LEU E 151 47.72 -31.86 42.43
C LEU E 151 49.23 -31.94 42.21
N GLU E 152 50.00 -31.46 43.18
CA GLU E 152 51.46 -31.41 43.05
C GLU E 152 52.13 -32.80 43.07
N ASP E 153 51.41 -33.84 43.48
CA ASP E 153 51.92 -35.21 43.39
C ASP E 153 51.73 -35.85 42.02
N CYS E 154 51.04 -35.17 41.10
CA CYS E 154 50.68 -35.78 39.83
C CYS E 154 51.76 -35.63 38.76
N LYS E 155 51.78 -36.60 37.85
CA LYS E 155 52.65 -36.59 36.68
C LYS E 155 51.81 -36.42 35.42
N VAL E 156 52.19 -35.43 34.60
CA VAL E 156 51.47 -35.11 33.38
C VAL E 156 52.43 -35.25 32.22
N VAL E 157 52.11 -36.13 31.28
CA VAL E 157 52.98 -36.39 30.15
C VAL E 157 52.31 -35.94 28.86
N PHE E 158 52.94 -35.01 28.16
CA PHE E 158 52.49 -34.61 26.83
C PHE E 158 53.26 -35.44 25.80
N VAL E 159 52.53 -36.04 24.86
CA VAL E 159 53.10 -36.88 23.84
C VAL E 159 53.03 -36.20 22.47
N GLY E 160 54.16 -36.15 21.76
CA GLY E 160 54.17 -35.74 20.36
C GLY E 160 54.90 -34.45 20.06
N ASP E 161 54.29 -33.62 19.23
CA ASP E 161 54.85 -32.37 18.73
C ASP E 161 54.91 -31.26 19.78
N ALA E 162 55.90 -30.39 19.69
CA ALA E 162 56.04 -29.29 20.64
C ALA E 162 55.17 -28.10 20.21
N THR E 163 53.85 -28.29 20.28
CA THR E 163 52.88 -27.27 19.92
C THR E 163 52.76 -26.21 21.01
N GLN E 164 52.12 -25.09 20.68
CA GLN E 164 51.86 -24.05 21.68
C GLN E 164 51.11 -24.62 22.88
N VAL E 165 50.24 -25.60 22.64
CA VAL E 165 49.51 -26.28 23.71
C VAL E 165 50.45 -27.14 24.58
N CYS E 166 51.42 -27.81 23.96
CA CYS E 166 52.45 -28.53 24.71
C CYS E 166 53.20 -27.59 25.66
N PHE E 167 53.68 -26.46 25.14
CA PHE E 167 54.41 -25.50 25.97
C PHE E 167 53.53 -24.94 27.08
N SER E 168 52.31 -24.54 26.73
CA SER E 168 51.36 -24.04 27.72
C SER E 168 51.07 -25.04 28.84
N LEU E 169 50.91 -26.31 28.50
CA LEU E 169 50.70 -27.36 29.52
C LEU E 169 51.91 -27.44 30.44
N GLY E 170 53.11 -27.36 29.85
CA GLY E 170 54.33 -27.29 30.63
C GLY E 170 54.35 -26.10 31.58
N LEU E 171 53.95 -24.93 31.07
CA LEU E 171 53.92 -23.71 31.90
C LEU E 171 52.97 -23.83 33.09
N ILE E 172 51.76 -24.31 32.87
CA ILE E 172 50.78 -24.36 33.96
C ILE E 172 51.09 -25.47 34.97
N THR E 173 51.51 -26.64 34.48
CA THR E 173 51.80 -27.77 35.39
C THR E 173 52.99 -27.45 36.31
N THR E 174 54.05 -26.85 35.74
CA THR E 174 55.21 -26.45 36.52
C THR E 174 54.87 -25.29 37.47
N LYS E 175 54.03 -24.36 37.03
CA LYS E 175 53.56 -23.26 37.89
C LYS E 175 52.81 -23.79 39.12
N MET E 176 52.05 -24.87 38.95
CA MET E 176 51.27 -25.45 40.06
C MET E 176 52.04 -26.48 40.90
N GLY E 177 53.31 -26.70 40.57
CA GLY E 177 54.16 -27.60 41.36
C GLY E 177 54.06 -29.07 40.99
N MET E 178 53.61 -29.36 39.78
CA MET E 178 53.41 -30.73 39.32
C MET E 178 54.66 -31.23 38.60
N ASN E 179 54.60 -32.48 38.12
CA ASN E 179 55.71 -33.08 37.39
C ASN E 179 55.33 -33.22 35.93
N PHE E 180 56.08 -32.54 35.06
CA PHE E 180 55.75 -32.46 33.63
C PHE E 180 56.78 -33.19 32.77
N VAL E 181 56.31 -33.89 31.75
CA VAL E 181 57.18 -34.53 30.78
C VAL E 181 56.69 -34.22 29.38
N HIS E 182 57.61 -33.79 28.51
CA HIS E 182 57.35 -33.81 27.07
C HIS E 182 58.05 -34.99 26.49
N PHE E 183 57.28 -35.99 26.09
CA PHE E 183 57.77 -37.14 25.36
C PHE E 183 57.59 -36.84 23.87
N GLY E 184 58.70 -36.50 23.20
CA GLY E 184 58.66 -36.15 21.78
C GLY E 184 59.98 -36.46 21.07
N PRO E 185 59.94 -36.57 19.73
CA PRO E 185 61.13 -36.96 18.98
C PRO E 185 62.10 -35.79 18.77
N GLU E 186 63.38 -36.12 18.58
CA GLU E 186 64.41 -35.14 18.29
C GLU E 186 64.00 -34.28 17.10
N GLY E 187 64.19 -32.98 17.26
CA GLY E 187 63.84 -31.99 16.27
C GLY E 187 62.42 -31.45 16.45
N PHE E 188 61.66 -32.08 17.33
CA PHE E 188 60.31 -31.62 17.65
C PHE E 188 60.02 -31.44 19.13
N GLN E 189 61.06 -31.44 19.94
CA GLN E 189 60.95 -31.19 21.38
C GLN E 189 60.89 -29.71 21.75
N LEU E 190 60.38 -29.43 22.95
CA LEU E 190 60.45 -28.07 23.51
C LEU E 190 61.92 -27.62 23.46
N ASN E 191 62.14 -26.39 23.02
CA ASN E 191 63.51 -25.87 22.80
C ASN E 191 64.14 -25.31 24.07
N GLU E 192 65.38 -24.83 23.95
CA GLU E 192 66.15 -24.34 25.08
C GLU E 192 65.48 -23.18 25.82
N GLU E 193 64.91 -22.24 25.07
CA GLU E 193 64.18 -21.11 25.67
C GLU E 193 62.93 -21.59 26.43
N HIS E 194 62.18 -22.52 25.85
CA HIS E 194 61.04 -23.15 26.53
C HIS E 194 61.46 -23.76 27.84
N GLN E 195 62.54 -24.55 27.80
CA GLN E 195 62.98 -25.29 28.98
C GLN E 195 63.49 -24.39 30.09
N ALA E 196 64.15 -23.29 29.73
CA ALA E 196 64.60 -22.30 30.70
C ALA E 196 63.43 -21.68 31.47
N LYS E 197 62.33 -21.44 30.77
CA LYS E 197 61.11 -20.94 31.41
C LYS E 197 60.48 -21.98 32.34
N LEU E 198 60.48 -23.24 31.93
CA LEU E 198 59.99 -24.32 32.78
C LEU E 198 60.88 -24.48 34.02
N ALA E 199 62.19 -24.39 33.83
CA ALA E 199 63.15 -24.46 34.94
C ALA E 199 62.90 -23.34 35.97
N LYS E 200 62.70 -22.12 35.48
CA LYS E 200 62.39 -20.99 36.36
C LYS E 200 61.12 -21.24 37.19
N ASN E 201 60.07 -21.76 36.55
CA ASN E 201 58.85 -22.14 37.26
C ASN E 201 59.11 -23.17 38.36
N CYS E 202 59.89 -24.19 38.05
CA CYS E 202 60.18 -25.27 39.01
C CYS E 202 61.02 -24.82 40.21
N GLU E 203 61.91 -23.86 39.99
CA GLU E 203 62.70 -23.28 41.09
C GLU E 203 61.82 -22.60 42.14
N VAL E 204 60.67 -22.11 41.71
CA VAL E 204 59.71 -21.48 42.62
C VAL E 204 58.72 -22.50 43.19
N SER E 205 58.26 -23.42 42.36
CA SER E 205 57.13 -24.29 42.72
C SER E 205 57.49 -25.61 43.38
N GLY E 206 58.72 -26.09 43.19
CA GLY E 206 59.11 -27.42 43.65
C GLY E 206 58.66 -28.54 42.72
N GLY E 207 58.12 -28.18 41.56
CA GLY E 207 57.74 -29.16 40.54
C GLY E 207 58.96 -29.62 39.76
N SER E 208 58.72 -30.37 38.68
CA SER E 208 59.81 -30.86 37.85
C SER E 208 59.39 -30.90 36.39
N PHE E 209 60.37 -30.94 35.50
CA PHE E 209 60.12 -31.09 34.07
C PHE E 209 61.18 -31.97 33.44
N LEU E 210 60.79 -32.65 32.35
CA LEU E 210 61.71 -33.47 31.58
C LEU E 210 61.29 -33.43 30.11
N VAL E 211 62.25 -33.30 29.22
CA VAL E 211 62.01 -33.38 27.78
C VAL E 211 62.86 -34.54 27.24
N THR E 212 62.22 -35.52 26.61
CA THR E 212 62.90 -36.78 26.26
C THR E 212 62.20 -37.52 25.12
N ASP E 213 62.96 -38.39 24.44
CA ASP E 213 62.39 -39.29 23.43
C ASP E 213 62.38 -40.75 23.91
N ASP E 214 62.46 -40.93 25.23
CA ASP E 214 62.46 -42.25 25.85
C ASP E 214 61.02 -42.71 26.09
N ALA E 215 60.62 -43.80 25.44
CA ALA E 215 59.25 -44.33 25.52
C ALA E 215 58.81 -44.74 26.93
N SER E 216 59.76 -45.06 27.81
CA SER E 216 59.46 -45.42 29.19
C SER E 216 59.01 -44.23 30.05
N SER E 217 59.20 -43.00 29.55
CA SER E 217 58.85 -41.79 30.29
C SER E 217 57.35 -41.64 30.57
N VAL E 218 56.51 -42.38 29.82
CA VAL E 218 55.07 -42.36 30.05
C VAL E 218 54.67 -43.10 31.33
N GLU E 219 55.53 -44.00 31.80
CA GLU E 219 55.22 -44.84 32.96
C GLU E 219 54.96 -44.00 34.22
N GLY E 220 53.87 -44.31 34.92
CA GLY E 220 53.48 -43.57 36.12
C GLY E 220 52.68 -42.29 35.87
N ALA E 221 52.35 -41.99 34.61
CA ALA E 221 51.59 -40.78 34.28
C ALA E 221 50.17 -40.87 34.85
N ASP E 222 49.70 -39.77 35.42
CA ASP E 222 48.31 -39.67 35.89
C ASP E 222 47.42 -39.07 34.80
N PHE E 223 48.01 -38.21 33.98
CA PHE E 223 47.35 -37.63 32.82
C PHE E 223 48.27 -37.74 31.63
N LEU E 224 47.75 -38.26 30.53
CA LEU E 224 48.48 -38.38 29.28
C LEU E 224 47.76 -37.52 28.25
N TYR E 225 48.49 -36.56 27.68
CA TYR E 225 47.92 -35.48 26.87
C TYR E 225 48.57 -35.51 25.49
N THR E 226 47.79 -35.27 24.44
CA THR E 226 48.37 -35.11 23.10
C THR E 226 47.65 -34.05 22.27
N ASP E 227 48.16 -33.82 21.06
CA ASP E 227 47.69 -32.77 20.16
C ASP E 227 48.01 -33.25 18.74
N VAL E 228 47.50 -32.53 17.74
CA VAL E 228 47.73 -32.89 16.34
C VAL E 228 49.21 -32.79 15.95
N TRP E 229 49.54 -33.38 14.81
CA TRP E 229 50.91 -33.45 14.31
C TRP E 229 51.17 -32.51 13.16
N TYR E 230 50.14 -31.87 12.62
CA TYR E 230 50.30 -31.12 11.38
C TYR E 230 50.83 -29.68 11.56
N GLY E 231 51.15 -29.29 12.79
CA GLY E 231 51.84 -28.02 13.03
C GLY E 231 50.93 -26.80 12.97
N LEU E 232 51.47 -25.69 12.47
CA LEU E 232 50.78 -24.39 12.52
C LEU E 232 49.75 -24.20 11.40
N TYR E 233 48.68 -23.48 11.75
CA TYR E 233 47.56 -23.16 10.85
C TYR E 233 48.02 -22.70 9.47
N GLU E 234 48.94 -21.73 9.44
CA GLU E 234 49.39 -21.13 8.19
C GLU E 234 50.36 -22.00 7.36
N ALA E 235 50.98 -23.00 7.99
CA ALA E 235 52.02 -23.81 7.33
C ALA E 235 52.01 -25.26 7.81
N GLU E 236 50.96 -26.00 7.47
CA GLU E 236 50.79 -27.38 7.94
C GLU E 236 51.82 -28.36 7.34
N LEU E 237 52.23 -29.36 8.13
CA LEU E 237 53.03 -30.50 7.64
C LEU E 237 52.11 -31.48 6.93
N SER E 238 52.56 -32.02 5.80
CA SER E 238 51.75 -32.98 5.03
C SER E 238 51.57 -34.28 5.80
N GLU E 239 50.58 -35.08 5.38
CA GLU E 239 50.29 -36.38 5.99
C GLU E 239 51.51 -37.30 5.93
N GLU E 240 52.12 -37.40 4.76
CA GLU E 240 53.29 -38.24 4.56
C GLU E 240 54.45 -37.82 5.47
N GLU E 241 54.72 -36.52 5.53
CA GLU E 241 55.83 -36.01 6.34
C GLU E 241 55.62 -36.25 7.84
N ARG E 242 54.42 -35.97 8.32
CA ARG E 242 54.17 -36.07 9.76
C ARG E 242 54.08 -37.53 10.23
N MET E 243 53.56 -38.42 9.39
CA MET E 243 53.59 -39.86 9.71
C MET E 243 55.03 -40.34 9.83
N LYS E 244 55.90 -39.89 8.91
CA LYS E 244 57.32 -40.24 8.95
C LYS E 244 57.98 -39.83 10.26
N VAL E 245 57.64 -38.64 10.76
CA VAL E 245 58.23 -38.17 12.01
C VAL E 245 57.67 -38.83 13.26
N PHE E 246 56.34 -39.02 13.34
CA PHE E 246 55.69 -39.39 14.60
C PHE E 246 55.13 -40.82 14.71
N TYR E 247 54.84 -41.46 13.58
CA TYR E 247 54.12 -42.74 13.58
C TYR E 247 55.08 -43.92 13.46
N PRO E 248 54.86 -45.00 14.25
CA PRO E 248 53.82 -45.23 15.26
C PRO E 248 54.20 -44.90 16.69
N LYS E 249 55.46 -44.53 16.94
CA LYS E 249 55.99 -44.38 18.29
C LYS E 249 55.19 -43.39 19.16
N TYR E 250 54.73 -42.29 18.58
CA TYR E 250 54.03 -41.26 19.34
C TYR E 250 52.50 -41.32 19.23
N GLN E 251 51.98 -42.40 18.64
CA GLN E 251 50.53 -42.61 18.64
C GLN E 251 50.08 -43.05 20.02
N VAL E 252 49.15 -42.32 20.63
CA VAL E 252 48.57 -42.73 21.90
C VAL E 252 47.53 -43.81 21.64
N ASN E 253 47.92 -45.06 21.89
CA ASN E 253 47.05 -46.22 21.73
C ASN E 253 46.83 -46.88 23.09
N GLN E 254 46.04 -47.95 23.13
CA GLN E 254 45.73 -48.62 24.40
C GLN E 254 46.98 -49.20 25.05
N GLU E 255 47.93 -49.65 24.25
CA GLU E 255 49.22 -50.14 24.76
C GLU E 255 49.94 -49.06 25.56
N MET E 256 49.99 -47.84 25.02
CA MET E 256 50.63 -46.73 25.72
C MET E 256 49.88 -46.35 26.99
N MET E 257 48.56 -46.33 26.95
CA MET E 257 47.76 -46.01 28.14
C MET E 257 48.01 -47.05 29.24
N ASP E 258 48.03 -48.33 28.86
CA ASP E 258 48.33 -49.40 29.81
C ASP E 258 49.73 -49.27 30.39
N ARG E 259 50.70 -48.89 29.56
CA ARG E 259 52.06 -48.64 30.02
C ARG E 259 52.14 -47.47 31.01
N ALA E 260 51.32 -46.43 30.77
CA ALA E 260 51.22 -45.31 31.69
C ALA E 260 50.65 -45.76 33.04
N GLY E 261 49.54 -46.49 32.98
CA GLY E 261 48.90 -47.01 34.17
C GLY E 261 47.40 -47.22 33.96
N ALA E 262 46.83 -48.16 34.72
CA ALA E 262 45.42 -48.51 34.60
C ALA E 262 44.48 -47.33 34.86
N ASN E 263 44.90 -46.41 35.73
CA ASN E 263 44.09 -45.25 36.09
C ASN E 263 44.42 -43.96 35.32
N CYS E 264 45.40 -44.01 34.43
CA CYS E 264 45.82 -42.81 33.69
C CYS E 264 44.68 -42.28 32.83
N LYS E 265 44.43 -40.98 32.90
CA LYS E 265 43.38 -40.32 32.11
C LYS E 265 43.95 -39.75 30.81
N PHE E 266 43.16 -39.81 29.73
CA PHE E 266 43.58 -39.28 28.44
C PHE E 266 42.98 -37.89 28.16
N MET E 267 43.85 -36.96 27.75
CA MET E 267 43.46 -35.58 27.45
C MET E 267 43.93 -35.19 26.05
N HIS E 268 43.18 -34.29 25.42
CA HIS E 268 43.49 -33.76 24.08
C HIS E 268 42.77 -32.46 23.94
N CYS E 269 43.44 -31.42 23.45
CA CYS E 269 42.82 -30.09 23.34
C CYS E 269 41.71 -30.00 22.27
N LEU E 270 41.78 -30.90 21.29
CA LEU E 270 40.83 -30.99 20.16
C LEU E 270 41.00 -29.81 19.20
N PRO E 271 40.66 -30.00 17.91
CA PRO E 271 40.19 -31.23 17.27
C PRO E 271 41.31 -32.28 17.17
N ALA E 272 40.92 -33.55 17.16
CA ALA E 272 41.85 -34.68 17.08
C ALA E 272 41.80 -35.33 15.71
N THR E 273 42.95 -35.80 15.24
CA THR E 273 43.03 -36.63 14.03
C THR E 273 43.08 -38.11 14.43
N ARG E 274 41.92 -38.75 14.42
CA ARG E 274 41.83 -40.16 14.80
C ARG E 274 42.63 -41.03 13.82
N GLY E 275 43.38 -41.97 14.37
CA GLY E 275 44.30 -42.80 13.61
C GLY E 275 45.70 -42.23 13.46
N GLU E 276 45.93 -41.04 14.01
CA GLU E 276 47.28 -40.49 14.00
C GLU E 276 47.81 -40.37 15.42
N GLU E 277 47.59 -39.23 16.06
CA GLU E 277 48.04 -39.02 17.44
C GLU E 277 47.36 -39.96 18.43
N VAL E 278 46.09 -40.26 18.18
CA VAL E 278 45.29 -41.09 19.10
C VAL E 278 44.40 -42.05 18.31
N THR E 279 44.12 -43.22 18.90
CA THR E 279 43.20 -44.19 18.31
C THR E 279 41.79 -44.00 18.83
N ASP E 280 40.80 -44.45 18.05
CA ASP E 280 39.40 -44.43 18.45
C ASP E 280 39.20 -45.06 19.83
N GLU E 281 39.84 -46.22 20.04
CA GLU E 281 39.74 -46.96 21.30
C GLU E 281 40.05 -46.10 22.52
N VAL E 282 41.08 -45.28 22.43
CA VAL E 282 41.50 -44.46 23.56
C VAL E 282 40.58 -43.25 23.75
N ILE E 283 40.37 -42.48 22.68
CA ILE E 283 39.63 -41.22 22.79
C ILE E 283 38.17 -41.42 23.19
N ASP E 284 37.58 -42.56 22.78
CA ASP E 284 36.21 -42.92 23.16
C ASP E 284 36.13 -43.86 24.37
N GLY E 285 37.27 -44.24 24.94
CA GLY E 285 37.31 -45.21 26.04
C GLY E 285 36.94 -44.64 27.39
N LYS E 286 36.87 -45.53 28.39
CA LYS E 286 36.39 -45.19 29.73
C LYS E 286 37.32 -44.22 30.48
N ASN E 287 38.60 -44.16 30.09
CA ASN E 287 39.56 -43.25 30.75
C ASN E 287 39.83 -41.94 29.99
N SER E 288 39.09 -41.69 28.91
CA SER E 288 39.18 -40.42 28.20
C SER E 288 38.39 -39.34 28.95
N ILE E 289 39.01 -38.20 29.18
CA ILE E 289 38.31 -37.06 29.78
C ILE E 289 38.32 -35.84 28.86
N CYS E 290 38.58 -36.04 27.57
CA CYS E 290 38.79 -34.89 26.69
C CYS E 290 37.51 -34.10 26.36
N PHE E 291 36.34 -34.71 26.54
CA PHE E 291 35.09 -33.97 26.35
C PHE E 291 34.66 -33.19 27.59
N ASP E 292 34.99 -33.69 28.79
CA ASP E 292 34.93 -32.87 30.01
C ASP E 292 35.89 -31.69 29.89
N GLU E 293 37.08 -31.97 29.37
CA GLU E 293 38.09 -30.95 29.13
C GLU E 293 37.58 -29.85 28.18
N ALA E 294 36.89 -30.25 27.10
CA ALA E 294 36.32 -29.31 26.14
C ALA E 294 35.25 -28.45 26.81
N GLU E 295 34.41 -29.05 27.64
CA GLU E 295 33.44 -28.27 28.40
C GLU E 295 34.14 -27.23 29.28
N ASN E 296 35.29 -27.59 29.83
CA ASN E 296 36.00 -26.70 30.75
C ASN E 296 36.70 -25.52 30.07
N ARG E 297 36.71 -25.51 28.74
CA ARG E 297 37.09 -24.28 28.03
C ARG E 297 36.10 -23.17 28.38
N LEU E 298 34.81 -23.50 28.40
CA LEU E 298 33.76 -22.53 28.79
C LEU E 298 33.87 -22.21 30.27
N THR E 299 34.06 -23.24 31.09
CA THR E 299 34.26 -23.06 32.53
C THR E 299 35.32 -21.99 32.85
N SER E 300 36.50 -22.16 32.26
CA SER E 300 37.63 -21.28 32.55
C SER E 300 37.45 -19.88 31.96
N ILE E 301 36.87 -19.81 30.76
CA ILE E 301 36.63 -18.52 30.11
C ILE E 301 35.66 -17.66 30.93
N ARG E 302 34.61 -18.26 31.50
CA ARG E 302 33.70 -17.52 32.37
C ARG E 302 34.43 -16.93 33.59
N GLY E 303 35.26 -17.74 34.23
CA GLY E 303 36.02 -17.27 35.39
C GLY E 303 36.98 -16.14 35.05
N LEU E 304 37.67 -16.26 33.92
CA LEU E 304 38.60 -15.22 33.51
C LEU E 304 37.93 -13.89 33.18
N LEU E 305 36.84 -13.95 32.44
CA LEU E 305 36.09 -12.73 32.07
C LEU E 305 35.65 -11.99 33.33
N VAL E 306 35.10 -12.73 34.29
CA VAL E 306 34.65 -12.14 35.55
C VAL E 306 35.83 -11.56 36.34
N TYR E 307 36.92 -12.33 36.45
CA TYR E 307 38.10 -11.86 37.18
C TYR E 307 38.64 -10.55 36.59
N LEU E 308 38.86 -10.53 35.28
CA LEU E 308 39.43 -9.35 34.62
C LEU E 308 38.52 -8.11 34.69
N MET E 309 37.21 -8.30 34.57
CA MET E 309 36.27 -7.18 34.64
C MET E 309 36.10 -6.68 36.07
N ASN E 310 36.08 -7.59 37.04
CA ASN E 310 36.09 -7.19 38.44
C ASN E 310 37.35 -6.38 38.79
N ASP E 311 38.49 -6.83 38.28
CA ASP E 311 39.75 -6.12 38.46
C ASP E 311 39.67 -4.71 37.86
N TYR E 312 39.15 -4.63 36.63
CA TYR E 312 39.03 -3.35 35.94
C TYR E 312 38.16 -2.36 36.74
N GLU E 313 37.01 -2.84 37.21
CA GLU E 313 36.10 -1.99 37.99
C GLU E 313 36.70 -1.56 39.34
N ALA E 314 37.44 -2.45 39.99
CA ALA E 314 38.12 -2.10 41.24
C ALA E 314 39.16 -0.99 41.03
N LYS E 315 39.88 -1.03 39.91
CA LYS E 315 40.86 0.01 39.57
C LYS E 315 40.23 1.28 39.00
N ASN E 316 39.00 1.17 38.48
CA ASN E 316 38.32 2.29 37.84
C ASN E 316 36.89 2.38 38.35
N PRO E 317 36.72 2.67 39.65
CA PRO E 317 35.39 2.59 40.26
C PRO E 317 34.44 3.67 39.75
N TYR E 318 33.15 3.35 39.74
CA TYR E 318 32.14 4.34 39.37
C TYR E 318 31.85 5.28 40.55
N ASP E 319 31.68 6.56 40.24
CA ASP E 319 31.30 7.56 41.23
C ASP E 319 29.78 7.53 41.38
N LEU E 320 29.30 7.04 42.52
CA LEU E 320 27.86 6.81 42.70
C LEU E 320 27.03 8.10 42.76
N ILE E 321 27.63 9.20 43.20
CA ILE E 321 26.95 10.49 43.19
C ILE E 321 26.72 10.98 41.76
N LYS E 322 27.76 10.91 40.94
CA LYS E 322 27.65 11.31 39.54
C LYS E 322 26.75 10.36 38.75
N GLN E 323 26.76 9.08 39.13
CA GLN E 323 25.87 8.10 38.54
C GLN E 323 24.41 8.46 38.80
N ALA E 324 24.09 8.75 40.05
CA ALA E 324 22.73 9.15 40.44
C ALA E 324 22.29 10.42 39.71
N GLU E 325 23.19 11.39 39.61
CA GLU E 325 22.89 12.65 38.91
C GLU E 325 22.62 12.41 37.42
N ALA E 326 23.47 11.58 36.80
CA ALA E 326 23.35 11.30 35.37
C ALA E 326 22.06 10.55 35.07
N LYS E 327 21.69 9.60 35.92
CA LYS E 327 20.44 8.86 35.75
C LYS E 327 19.23 9.77 35.83
N LYS E 328 19.22 10.66 36.84
CA LYS E 328 18.11 11.60 37.02
C LYS E 328 17.99 12.54 35.82
N GLU E 329 19.12 13.10 35.39
CA GLU E 329 19.12 14.02 34.25
C GLU E 329 18.59 13.36 32.97
N LEU E 330 18.99 12.11 32.73
CA LEU E 330 18.50 11.39 31.55
C LEU E 330 16.98 11.17 31.65
N GLU E 331 16.50 10.73 32.81
CA GLU E 331 15.08 10.49 33.01
C GLU E 331 14.23 11.75 32.84
N VAL E 332 14.71 12.86 33.37
CA VAL E 332 14.03 14.16 33.20
C VAL E 332 14.00 14.57 31.73
N PHE E 333 15.12 14.38 31.03
CA PHE E 333 15.19 14.71 29.61
C PHE E 333 14.18 13.90 28.79
N LEU E 334 14.07 12.62 29.09
CA LEU E 334 13.18 11.73 28.34
C LEU E 334 11.70 11.95 28.68
N ASP E 335 11.44 12.53 29.85
CA ASP E 335 10.06 12.88 30.24
C ASP E 335 9.63 14.17 29.56
N THR E 336 10.56 15.15 29.60
CA THR E 336 10.37 16.47 28.95
C THR E 336 11.43 16.76 27.87
N MET F 1 18.34 -36.66 28.13
CA MET F 1 17.35 -37.02 27.07
C MET F 1 16.85 -35.73 26.43
N LYS F 2 16.72 -35.76 25.11
CA LYS F 2 16.18 -34.65 24.35
C LYS F 2 15.18 -35.06 23.30
N ARG F 3 14.51 -34.07 22.72
CA ARG F 3 13.75 -34.27 21.50
C ARG F 3 14.30 -33.36 20.41
N ASP F 4 14.23 -33.81 19.16
CA ASP F 4 14.67 -33.03 18.01
C ASP F 4 13.51 -32.61 17.12
N TYR F 5 13.80 -31.68 16.21
CA TYR F 5 12.85 -31.27 15.18
C TYR F 5 13.58 -31.31 13.83
N VAL F 6 13.75 -32.53 13.33
CA VAL F 6 14.41 -32.80 12.06
C VAL F 6 13.38 -33.04 10.95
N THR F 7 12.30 -33.73 11.30
CA THR F 7 11.18 -33.93 10.38
C THR F 7 9.86 -34.00 11.16
N THR F 8 8.79 -33.49 10.55
CA THR F 8 7.45 -33.60 11.12
C THR F 8 6.93 -35.03 11.10
N GLU F 9 7.64 -35.94 10.44
CA GLU F 9 7.31 -37.35 10.44
C GLU F 9 7.31 -37.98 11.84
N THR F 10 8.06 -37.41 12.77
CA THR F 10 8.08 -37.88 14.17
C THR F 10 7.12 -37.11 15.09
N TYR F 11 6.24 -36.30 14.51
CA TYR F 11 5.25 -35.52 15.27
C TYR F 11 3.84 -35.90 14.86
N THR F 12 2.93 -36.03 15.84
CA THR F 12 1.53 -36.32 15.56
C THR F 12 0.76 -35.05 15.22
N LYS F 13 -0.43 -35.23 14.65
CA LYS F 13 -1.34 -34.12 14.38
C LYS F 13 -1.61 -33.29 15.65
N GLU F 14 -1.83 -33.96 16.76
CA GLU F 14 -2.10 -33.29 18.03
C GLU F 14 -0.90 -32.46 18.50
N GLU F 15 0.31 -32.99 18.31
CA GLU F 15 1.54 -32.25 18.66
C GLU F 15 1.75 -31.02 17.77
N MET F 16 1.41 -31.14 16.48
CA MET F 16 1.52 -29.99 15.59
C MET F 16 0.49 -28.91 15.96
N HIS F 17 -0.73 -29.31 16.34
CA HIS F 17 -1.73 -28.37 16.86
C HIS F 17 -1.25 -27.62 18.07
N TYR F 18 -0.58 -28.32 18.98
CA TYR F 18 -0.02 -27.69 20.18
C TYR F 18 1.04 -26.65 19.82
N LEU F 19 1.91 -26.99 18.87
CA LEU F 19 2.96 -26.06 18.41
C LEU F 19 2.36 -24.80 17.78
N VAL F 20 1.32 -24.97 16.98
CA VAL F 20 0.61 -23.83 16.40
C VAL F 20 0.02 -22.93 17.49
N ASP F 21 -0.68 -23.53 18.44
CA ASP F 21 -1.32 -22.78 19.52
C ASP F 21 -0.29 -22.01 20.36
N LEU F 22 0.81 -22.68 20.70
CA LEU F 22 1.90 -22.04 21.45
C LEU F 22 2.51 -20.87 20.67
N SER F 23 2.80 -21.10 19.40
CA SER F 23 3.37 -20.07 18.54
C SER F 23 2.47 -18.85 18.43
N LEU F 24 1.17 -19.07 18.25
CA LEU F 24 0.24 -17.95 18.09
C LEU F 24 0.04 -17.16 19.38
N LYS F 25 0.11 -17.84 20.53
CA LYS F 25 -0.04 -17.14 21.80
C LYS F 25 1.19 -16.28 22.12
N ILE F 26 2.38 -16.78 21.80
CA ILE F 26 3.60 -15.97 21.94
C ILE F 26 3.52 -14.78 20.98
N LYS F 27 3.03 -15.01 19.76
CA LYS F 27 2.90 -13.93 18.77
C LYS F 27 2.01 -12.80 19.28
N GLU F 28 0.87 -13.15 19.88
CA GLU F 28 -0.06 -12.15 20.38
C GLU F 28 0.51 -11.37 21.58
N ALA F 29 1.30 -12.04 22.42
CA ALA F 29 1.99 -11.36 23.53
C ALA F 29 2.96 -10.30 23.01
N ILE F 30 3.84 -10.72 22.11
CA ILE F 30 4.87 -9.82 21.53
C ILE F 30 4.25 -8.69 20.69
N LYS F 31 3.20 -9.01 19.93
CA LYS F 31 2.49 -8.01 19.14
C LYS F 31 2.01 -6.85 20.02
N ASN F 32 1.60 -7.17 21.25
CA ASN F 32 1.10 -6.16 22.19
C ASN F 32 2.14 -5.70 23.21
N GLY F 33 3.40 -6.05 22.97
CA GLY F 33 4.52 -5.49 23.71
C GLY F 33 4.94 -6.22 24.96
N TYR F 34 4.48 -7.45 25.15
CA TYR F 34 4.98 -8.29 26.24
C TYR F 34 5.89 -9.36 25.67
N TYR F 35 7.16 -9.32 26.07
CA TYR F 35 8.15 -10.28 25.62
C TYR F 35 8.37 -11.33 26.70
N PRO F 36 7.84 -12.54 26.50
CA PRO F 36 8.00 -13.55 27.56
C PRO F 36 9.42 -14.10 27.58
N GLN F 37 10.09 -13.98 28.71
CA GLN F 37 11.50 -14.36 28.81
C GLN F 37 11.65 -15.85 29.12
N LEU F 38 11.27 -16.68 28.17
CA LEU F 38 11.20 -18.12 28.36
C LEU F 38 12.52 -18.85 28.07
N LEU F 39 13.48 -18.15 27.48
CA LEU F 39 14.80 -18.73 27.17
C LEU F 39 15.93 -17.89 27.81
N LYS F 40 15.70 -17.42 29.02
CA LYS F 40 16.62 -16.50 29.69
C LYS F 40 18.03 -17.11 29.85
N ASN F 41 19.03 -16.39 29.33
CA ASN F 41 20.45 -16.80 29.36
C ASN F 41 20.80 -18.08 28.59
N LYS F 42 19.90 -18.52 27.71
CA LYS F 42 20.15 -19.71 26.88
C LYS F 42 20.82 -19.34 25.56
N SER F 43 21.66 -20.26 25.07
CA SER F 43 22.44 -20.03 23.86
C SER F 43 22.09 -21.03 22.79
N LEU F 44 21.82 -20.52 21.58
CA LEU F 44 21.54 -21.32 20.40
C LEU F 44 22.74 -21.25 19.45
N GLY F 45 23.28 -22.41 19.09
CA GLY F 45 24.28 -22.49 18.02
C GLY F 45 23.57 -22.57 16.68
N MET F 46 23.88 -21.65 15.76
CA MET F 46 23.23 -21.60 14.44
C MET F 46 24.24 -21.93 13.34
N ILE F 47 24.20 -23.17 12.87
CA ILE F 47 25.14 -23.62 11.84
C ILE F 47 24.51 -23.43 10.46
N PHE F 48 25.12 -22.59 9.63
CA PHE F 48 24.63 -22.38 8.27
C PHE F 48 25.68 -22.82 7.25
N GLN F 49 25.39 -23.90 6.52
CA GLN F 49 26.26 -24.34 5.44
C GLN F 49 25.94 -23.62 4.12
N GLN F 50 24.81 -22.91 4.08
CA GLN F 50 24.38 -22.14 2.92
C GLN F 50 23.83 -20.79 3.37
N SER F 51 23.63 -19.88 2.43
CA SER F 51 23.07 -18.57 2.75
C SER F 51 21.60 -18.65 3.23
N SER F 52 21.19 -17.64 3.98
CA SER F 52 19.83 -17.53 4.46
C SER F 52 19.55 -16.10 4.93
N THR F 53 18.35 -15.61 4.66
CA THR F 53 17.90 -14.35 5.24
C THR F 53 16.81 -14.62 6.26
N GLY F 54 15.69 -15.16 5.78
CA GLY F 54 14.52 -15.36 6.64
C GLY F 54 14.73 -16.29 7.82
N THR F 55 15.32 -17.46 7.56
CA THR F 55 15.53 -18.44 8.60
C THR F 55 16.56 -17.94 9.62
N ARG F 56 17.67 -17.44 9.12
CA ARG F 56 18.74 -16.93 10.00
C ARG F 56 18.26 -15.77 10.88
N VAL F 57 17.63 -14.76 10.29
CA VAL F 57 17.18 -13.60 11.05
C VAL F 57 16.08 -14.00 12.05
N SER F 58 15.19 -14.90 11.64
CA SER F 58 14.13 -15.39 12.54
C SER F 58 14.70 -16.05 13.81
N PHE F 59 15.70 -16.92 13.65
CA PHE F 59 16.33 -17.57 14.80
C PHE F 59 17.04 -16.56 15.71
N GLU F 60 17.76 -15.62 15.13
CA GLU F 60 18.54 -14.67 15.91
C GLU F 60 17.63 -13.69 16.65
N THR F 61 16.59 -13.22 15.97
CA THR F 61 15.58 -12.36 16.58
C THR F 61 14.78 -13.10 17.67
N ALA F 62 14.38 -14.35 17.37
CA ALA F 62 13.62 -15.16 18.35
C ALA F 62 14.35 -15.29 19.67
N MET F 63 15.64 -15.61 19.60
CA MET F 63 16.43 -15.75 20.81
C MET F 63 16.48 -14.45 21.63
N GLU F 64 16.70 -13.31 20.98
CA GLU F 64 16.71 -12.02 21.67
C GLU F 64 15.36 -11.72 22.33
N GLN F 65 14.27 -11.96 21.60
CA GLN F 65 12.93 -11.68 22.11
C GLN F 65 12.59 -12.52 23.34
N LEU F 66 13.12 -13.73 23.40
CA LEU F 66 12.80 -14.67 24.48
C LEU F 66 13.84 -14.69 25.59
N GLY F 67 14.84 -13.79 25.50
CA GLY F 67 15.79 -13.58 26.60
C GLY F 67 17.13 -14.29 26.48
N GLY F 68 17.36 -14.94 25.35
CA GLY F 68 18.61 -15.66 25.09
C GLY F 68 19.42 -15.04 23.96
N HIS F 69 20.23 -15.85 23.29
CA HIS F 69 21.14 -15.36 22.24
C HIS F 69 21.43 -16.44 21.24
N GLY F 70 21.44 -16.05 19.96
CA GLY F 70 21.80 -16.94 18.86
C GLY F 70 23.19 -16.62 18.34
N GLU F 71 24.02 -17.65 18.17
CA GLU F 71 25.38 -17.51 17.67
C GLU F 71 25.43 -17.96 16.22
N TYR F 72 25.78 -17.04 15.31
CA TYR F 72 25.81 -17.34 13.89
C TYR F 72 27.14 -17.96 13.51
N LEU F 73 27.11 -19.22 13.12
CA LEU F 73 28.30 -19.95 12.68
C LEU F 73 28.23 -20.08 11.16
N ALA F 74 28.97 -19.21 10.47
CA ALA F 74 28.82 -19.01 9.02
C ALA F 74 29.33 -20.21 8.21
N PRO F 75 28.97 -20.26 6.91
CA PRO F 75 29.46 -21.31 6.03
C PRO F 75 30.98 -21.43 6.05
N GLY F 76 31.50 -22.62 6.34
CA GLY F 76 32.94 -22.86 6.40
C GLY F 76 33.54 -22.77 7.79
N GLN F 77 32.79 -22.24 8.76
CA GLN F 77 33.31 -22.05 10.12
C GLN F 77 33.36 -23.34 10.92
N ILE F 78 32.39 -24.22 10.70
CA ILE F 78 32.37 -25.56 11.33
C ILE F 78 32.44 -26.69 10.29
N GLU F 84 37.70 -33.64 11.31
CA GLU F 84 36.91 -33.75 12.55
C GLU F 84 35.54 -34.41 12.30
N THR F 85 35.29 -35.52 12.99
CA THR F 85 34.04 -36.29 12.79
C THR F 85 32.82 -35.55 13.33
N ILE F 86 31.66 -35.93 12.81
CA ILE F 86 30.37 -35.40 13.27
C ILE F 86 30.14 -35.75 14.75
N GLU F 87 30.56 -36.95 15.16
CA GLU F 87 30.45 -37.35 16.57
C GLU F 87 31.23 -36.42 17.48
N ASP F 88 32.47 -36.10 17.10
CA ASP F 88 33.31 -35.24 17.94
C ASP F 88 32.76 -33.82 18.01
N THR F 89 32.34 -33.27 16.88
CA THR F 89 31.77 -31.92 16.84
C THR F 89 30.47 -31.83 17.64
N SER F 90 29.63 -32.84 17.52
CA SER F 90 28.37 -32.91 18.26
C SER F 90 28.61 -32.93 19.77
N ARG F 91 29.59 -33.72 20.21
CA ARG F 91 29.89 -33.82 21.63
C ARG F 91 30.50 -32.54 22.19
N VAL F 92 31.31 -31.84 21.39
CA VAL F 92 31.87 -30.56 21.81
C VAL F 92 30.77 -29.50 21.93
N LEU F 93 29.99 -29.32 20.87
CA LEU F 93 28.94 -28.31 20.87
C LEU F 93 27.86 -28.55 21.93
N SER F 94 27.57 -29.83 22.21
CA SER F 94 26.59 -30.19 23.24
C SER F 94 26.97 -29.68 24.63
N ARG F 95 28.27 -29.44 24.87
CA ARG F 95 28.72 -28.90 26.16
C ARG F 95 28.77 -27.38 26.19
N LEU F 96 28.64 -26.75 25.03
CA LEU F 96 28.90 -25.31 24.90
C LEU F 96 27.69 -24.45 24.60
N VAL F 97 26.62 -25.04 24.06
CA VAL F 97 25.34 -24.33 23.83
C VAL F 97 24.19 -25.18 24.37
N ASP F 98 23.00 -24.60 24.45
CA ASP F 98 21.83 -25.29 25.02
C ASP F 98 20.96 -25.95 23.96
N ILE F 99 21.05 -25.45 22.73
CA ILE F 99 20.22 -25.94 21.64
C ILE F 99 20.94 -25.59 20.34
N LEU F 100 20.65 -26.36 19.29
CA LEU F 100 21.38 -26.26 18.03
C LEU F 100 20.40 -26.22 16.87
N MET F 101 20.70 -25.41 15.86
CA MET F 101 20.05 -25.57 14.57
C MET F 101 21.11 -25.62 13.47
N ALA F 102 20.75 -26.19 12.33
CA ALA F 102 21.65 -26.25 11.19
C ALA F 102 20.87 -26.26 9.88
N ARG F 103 21.33 -25.43 8.94
CA ARG F 103 20.90 -25.51 7.54
C ARG F 103 22.02 -26.23 6.82
N VAL F 104 21.71 -27.36 6.21
CA VAL F 104 22.73 -28.25 5.67
C VAL F 104 22.53 -28.52 4.18
N GLU F 105 23.62 -28.82 3.50
CA GLU F 105 23.58 -29.17 2.08
C GLU F 105 22.93 -30.53 1.85
N ARG F 106 23.31 -31.51 2.68
CA ARG F 106 22.82 -32.89 2.56
C ARG F 106 22.11 -33.31 3.84
N HIS F 107 20.93 -33.90 3.70
CA HIS F 107 20.09 -34.26 4.84
C HIS F 107 20.76 -35.15 5.87
N HIS F 108 21.60 -36.09 5.44
CA HIS F 108 22.29 -36.97 6.39
C HIS F 108 23.09 -36.21 7.44
N SER F 109 23.58 -35.02 7.10
CA SER F 109 24.32 -34.21 8.07
C SER F 109 23.47 -33.77 9.26
N ILE F 110 22.23 -33.35 9.03
CA ILE F 110 21.36 -32.92 10.13
C ILE F 110 20.88 -34.15 10.92
N VAL F 111 20.63 -35.26 10.23
CA VAL F 111 20.27 -36.50 10.91
C VAL F 111 21.40 -36.94 11.85
N ASP F 112 22.64 -36.88 11.38
CA ASP F 112 23.80 -37.30 12.18
C ASP F 112 24.02 -36.37 13.37
N LEU F 113 23.92 -35.06 13.13
CA LEU F 113 24.03 -34.07 14.20
C LEU F 113 23.01 -34.33 15.31
N ALA F 114 21.76 -34.55 14.92
CA ALA F 114 20.68 -34.83 15.87
C ALA F 114 20.92 -36.13 16.64
N ASN F 115 21.39 -37.16 15.93
CA ASN F 115 21.65 -38.45 16.55
C ASN F 115 22.77 -38.39 17.60
N CYS F 116 23.80 -37.61 17.33
CA CYS F 116 24.99 -37.56 18.19
C CYS F 116 24.91 -36.52 19.31
N ALA F 117 24.25 -35.39 19.05
CA ALA F 117 24.12 -34.33 20.04
C ALA F 117 23.21 -34.78 21.19
N THR F 118 23.54 -34.35 22.40
CA THR F 118 22.72 -34.64 23.58
C THR F 118 21.78 -33.49 23.92
N ILE F 119 21.77 -32.46 23.08
CA ILE F 119 20.86 -31.31 23.21
C ILE F 119 19.92 -31.30 22.00
N PRO F 120 18.79 -30.59 22.08
CA PRO F 120 17.85 -30.54 20.95
C PRO F 120 18.48 -29.96 19.67
N VAL F 121 18.13 -30.55 18.53
CA VAL F 121 18.62 -30.13 17.23
C VAL F 121 17.44 -29.84 16.28
N ILE F 122 17.50 -28.68 15.62
CA ILE F 122 16.49 -28.22 14.69
C ILE F 122 17.06 -28.14 13.27
N ASN F 123 16.30 -28.68 12.32
CA ASN F 123 16.64 -28.64 10.90
C ASN F 123 16.19 -27.32 10.30
N GLY F 124 17.14 -26.50 9.87
CA GLY F 124 16.85 -25.19 9.27
C GLY F 124 16.74 -25.19 7.76
N MET F 125 16.61 -26.41 7.21
CA MET F 125 16.43 -26.74 5.80
C MET F 125 17.57 -27.64 5.31
N SER F 126 17.20 -28.68 4.59
CA SER F 126 18.15 -29.55 3.92
C SER F 126 17.72 -29.70 2.46
N ASP F 127 18.40 -30.56 1.72
CA ASP F 127 17.94 -30.91 0.38
C ASP F 127 16.68 -31.79 0.39
N TYR F 128 16.29 -32.31 1.55
CA TYR F 128 15.17 -33.24 1.66
C TYR F 128 13.87 -32.59 2.15
N ASN F 129 13.95 -31.78 3.21
CA ASN F 129 12.77 -31.13 3.76
C ASN F 129 13.08 -29.79 4.41
N HIS F 130 12.05 -29.15 4.97
CA HIS F 130 12.17 -27.81 5.54
C HIS F 130 11.11 -27.66 6.60
N PRO F 131 11.31 -28.32 7.75
CA PRO F 131 10.21 -28.47 8.72
C PRO F 131 9.80 -27.19 9.48
N THR F 132 10.68 -26.21 9.60
CA THR F 132 10.28 -24.93 10.24
C THR F 132 9.38 -24.15 9.28
N GLN F 133 9.63 -24.27 7.99
CA GLN F 133 8.73 -23.72 6.97
C GLN F 133 7.33 -24.35 7.09
N GLU F 134 7.27 -25.67 7.31
CA GLU F 134 5.99 -26.38 7.48
C GLU F 134 5.16 -25.77 8.59
N LEU F 135 5.77 -25.57 9.76
CA LEU F 135 5.04 -25.03 10.92
C LEU F 135 4.60 -23.59 10.67
N GLY F 136 5.48 -22.78 10.07
CA GLY F 136 5.12 -21.41 9.72
C GLY F 136 3.96 -21.34 8.73
N ASP F 137 4.00 -22.22 7.75
CA ASP F 137 2.93 -22.27 6.74
C ASP F 137 1.61 -22.74 7.36
N LEU F 138 1.69 -23.69 8.29
CA LEU F 138 0.51 -24.17 9.01
C LEU F 138 -0.12 -23.04 9.84
N CYS F 139 0.72 -22.30 10.56
CA CYS F 139 0.25 -21.13 11.32
C CYS F 139 -0.48 -20.15 10.41
N THR F 140 0.08 -19.94 9.22
CA THR F 140 -0.47 -19.00 8.26
C THR F 140 -1.83 -19.46 7.72
N MET F 141 -1.94 -20.74 7.39
CA MET F 141 -3.21 -21.30 6.90
C MET F 141 -4.30 -21.24 7.99
N VAL F 142 -3.92 -21.51 9.24
CA VAL F 142 -4.86 -21.40 10.36
C VAL F 142 -5.37 -19.96 10.48
N GLU F 143 -4.48 -18.98 10.33
CA GLU F 143 -4.86 -17.57 10.43
C GLU F 143 -5.71 -17.10 9.25
N HIS F 144 -5.65 -17.81 8.13
CA HIS F 144 -6.36 -17.42 6.91
C HIS F 144 -7.33 -18.46 6.42
N LEU F 145 -7.94 -19.22 7.35
CA LEU F 145 -8.95 -20.22 6.98
C LEU F 145 -10.11 -19.58 6.20
N PRO F 146 -10.57 -20.23 5.12
CA PRO F 146 -11.76 -19.75 4.41
C PRO F 146 -12.99 -19.72 5.34
N GLU F 147 -13.89 -18.77 5.12
CA GLU F 147 -15.12 -18.62 5.93
C GLU F 147 -15.84 -19.96 6.04
N GLY F 148 -16.01 -20.43 7.27
CA GLY F 148 -16.83 -21.62 7.55
C GLY F 148 -16.20 -22.95 7.19
N LYS F 149 -14.90 -22.98 6.91
CA LYS F 149 -14.20 -24.23 6.61
C LYS F 149 -13.25 -24.62 7.74
N LYS F 150 -13.18 -25.91 8.02
CA LYS F 150 -12.17 -26.45 8.91
C LYS F 150 -10.91 -26.72 8.10
N LEU F 151 -9.78 -26.79 8.80
CA LEU F 151 -8.49 -27.05 8.18
C LEU F 151 -8.55 -28.29 7.27
N GLU F 152 -9.13 -29.37 7.78
CA GLU F 152 -9.18 -30.64 7.03
C GLU F 152 -10.11 -30.61 5.81
N ASP F 153 -10.95 -29.58 5.71
CA ASP F 153 -11.78 -29.39 4.51
C ASP F 153 -11.06 -28.67 3.39
N CYS F 154 -9.84 -28.17 3.64
CA CYS F 154 -9.14 -27.33 2.68
C CYS F 154 -8.33 -28.10 1.64
N LYS F 155 -8.18 -27.50 0.47
CA LYS F 155 -7.35 -28.04 -0.60
C LYS F 155 -6.15 -27.12 -0.81
N VAL F 156 -4.96 -27.72 -0.80
CA VAL F 156 -3.71 -26.98 -0.96
C VAL F 156 -2.99 -27.50 -2.18
N VAL F 157 -2.73 -26.62 -3.15
CA VAL F 157 -2.09 -27.02 -4.39
C VAL F 157 -0.72 -26.35 -4.50
N PHE F 158 0.33 -27.16 -4.57
CA PHE F 158 1.67 -26.65 -4.85
C PHE F 158 1.91 -26.73 -6.36
N VAL F 159 2.38 -25.63 -6.94
CA VAL F 159 2.63 -25.54 -8.39
C VAL F 159 4.13 -25.48 -8.66
N GLY F 160 4.61 -26.35 -9.57
CA GLY F 160 5.97 -26.23 -10.11
C GLY F 160 6.90 -27.38 -9.75
N ASP F 161 8.12 -27.02 -9.37
CA ASP F 161 9.19 -27.98 -9.10
C ASP F 161 8.99 -28.73 -7.78
N ALA F 162 9.48 -29.97 -7.72
CA ALA F 162 9.39 -30.75 -6.51
C ALA F 162 10.53 -30.43 -5.54
N THR F 163 10.50 -29.21 -5.00
CA THR F 163 11.50 -28.74 -4.05
C THR F 163 11.29 -29.35 -2.67
N GLN F 164 12.29 -29.24 -1.81
CA GLN F 164 12.14 -29.68 -0.42
C GLN F 164 10.92 -29.02 0.25
N VAL F 165 10.63 -27.78 -0.14
CA VAL F 165 9.44 -27.07 0.35
C VAL F 165 8.14 -27.70 -0.16
N CYS F 166 8.13 -28.11 -1.43
CA CYS F 166 6.99 -28.86 -1.98
C CYS F 166 6.70 -30.11 -1.15
N PHE F 167 7.74 -30.92 -0.92
CA PHE F 167 7.57 -32.14 -0.16
C PHE F 167 7.12 -31.86 1.28
N SER F 168 7.78 -30.91 1.92
CA SER F 168 7.40 -30.50 3.28
C SER F 168 5.95 -30.03 3.39
N LEU F 169 5.48 -29.26 2.42
CA LEU F 169 4.08 -28.84 2.39
C LEU F 169 3.16 -30.07 2.28
N GLY F 170 3.54 -31.02 1.43
CA GLY F 170 2.83 -32.29 1.33
C GLY F 170 2.78 -33.03 2.66
N LEU F 171 3.92 -33.11 3.34
CA LEU F 171 3.99 -33.78 4.64
C LEU F 171 3.06 -33.15 5.70
N ILE F 172 3.08 -31.82 5.83
CA ILE F 172 2.29 -31.18 6.89
C ILE F 172 0.80 -31.17 6.57
N THR F 173 0.44 -30.95 5.30
CA THR F 173 -0.98 -30.92 4.92
C THR F 173 -1.63 -32.29 5.09
N THR F 174 -0.93 -33.35 4.67
CA THR F 174 -1.44 -34.71 4.82
C THR F 174 -1.46 -35.16 6.29
N LYS F 175 -0.47 -34.72 7.07
CA LYS F 175 -0.46 -34.95 8.52
C LYS F 175 -1.70 -34.35 9.21
N MET F 176 -2.13 -33.18 8.74
CA MET F 176 -3.26 -32.48 9.36
C MET F 176 -4.62 -32.88 8.79
N GLY F 177 -4.63 -33.82 7.85
CA GLY F 177 -5.87 -34.34 7.29
C GLY F 177 -6.45 -33.52 6.16
N MET F 178 -5.61 -32.73 5.49
CA MET F 178 -6.04 -31.86 4.41
C MET F 178 -5.91 -32.58 3.06
N ASN F 179 -6.27 -31.88 1.98
CA ASN F 179 -6.15 -32.41 0.62
C ASN F 179 -5.03 -31.72 -0.13
N PHE F 180 -4.02 -32.48 -0.53
CA PHE F 180 -2.80 -31.92 -1.11
C PHE F 180 -2.65 -32.31 -2.59
N VAL F 181 -2.21 -31.36 -3.41
CA VAL F 181 -1.92 -31.64 -4.82
C VAL F 181 -0.57 -31.04 -5.17
N HIS F 182 0.29 -31.84 -5.80
CA HIS F 182 1.45 -31.29 -6.51
C HIS F 182 1.14 -31.27 -7.98
N PHE F 183 0.94 -30.06 -8.50
CA PHE F 183 0.78 -29.83 -9.93
C PHE F 183 2.17 -29.49 -10.47
N GLY F 184 2.78 -30.45 -11.16
CA GLY F 184 4.12 -30.28 -11.72
C GLY F 184 4.37 -31.12 -12.96
N PRO F 185 5.36 -30.75 -13.78
CA PRO F 185 5.63 -31.45 -15.03
C PRO F 185 6.38 -32.77 -14.83
N GLU F 186 6.19 -33.69 -15.77
CA GLU F 186 6.90 -34.96 -15.78
C GLU F 186 8.40 -34.71 -15.67
N GLY F 187 9.03 -35.48 -14.79
CA GLY F 187 10.45 -35.39 -14.51
C GLY F 187 10.77 -34.43 -13.37
N PHE F 188 9.78 -33.66 -12.96
CA PHE F 188 9.93 -32.74 -11.83
C PHE F 188 8.90 -32.92 -10.72
N GLN F 189 8.18 -34.03 -10.74
CA GLN F 189 7.17 -34.37 -9.73
C GLN F 189 7.75 -35.04 -8.47
N LEU F 190 7.02 -34.99 -7.37
CA LEU F 190 7.38 -35.77 -6.19
C LEU F 190 7.53 -37.24 -6.60
N ASN F 191 8.59 -37.88 -6.12
CA ASN F 191 8.94 -39.23 -6.55
C ASN F 191 8.20 -40.32 -5.75
N GLU F 192 8.46 -41.58 -6.09
CA GLU F 192 7.76 -42.72 -5.49
C GLU F 192 7.94 -42.80 -3.96
N GLU F 193 9.15 -42.54 -3.49
CA GLU F 193 9.43 -42.52 -2.04
C GLU F 193 8.66 -41.40 -1.34
N HIS F 194 8.64 -40.20 -1.94
CA HIS F 194 7.84 -39.09 -1.44
C HIS F 194 6.39 -39.47 -1.30
N GLN F 195 5.85 -40.05 -2.36
CA GLN F 195 4.42 -40.37 -2.42
C GLN F 195 4.01 -41.45 -1.42
N ALA F 196 4.90 -42.42 -1.19
CA ALA F 196 4.67 -43.46 -0.20
C ALA F 196 4.54 -42.88 1.21
N LYS F 197 5.36 -41.86 1.50
CA LYS F 197 5.29 -41.16 2.79
C LYS F 197 3.99 -40.35 2.91
N LEU F 198 3.58 -39.69 1.82
CA LEU F 198 2.30 -39.00 1.81
C LEU F 198 1.12 -39.97 1.99
N ALA F 199 1.19 -41.12 1.32
CA ALA F 199 0.17 -42.16 1.45
C ALA F 199 0.04 -42.65 2.89
N LYS F 200 1.18 -42.92 3.53
CA LYS F 200 1.19 -43.33 4.93
C LYS F 200 0.52 -42.30 5.85
N ASN F 201 0.83 -41.01 5.64
CA ASN F 201 0.16 -39.93 6.39
C ASN F 201 -1.35 -39.96 6.20
N CYS F 202 -1.80 -40.13 4.95
CA CYS F 202 -3.23 -40.10 4.63
C CYS F 202 -4.00 -41.30 5.21
N GLU F 203 -3.34 -42.45 5.30
CA GLU F 203 -3.93 -43.64 5.93
C GLU F 203 -4.25 -43.42 7.41
N VAL F 204 -3.50 -42.53 8.05
CA VAL F 204 -3.77 -42.16 9.44
C VAL F 204 -4.74 -40.99 9.55
N SER F 205 -4.60 -39.99 8.69
CA SER F 205 -5.28 -38.71 8.87
C SER F 205 -6.64 -38.58 8.20
N GLY F 206 -6.89 -39.40 7.17
CA GLY F 206 -8.09 -39.25 6.35
C GLY F 206 -7.97 -38.17 5.27
N GLY F 207 -6.78 -37.59 5.11
CA GLY F 207 -6.53 -36.60 4.07
C GLY F 207 -6.32 -37.28 2.73
N SER F 208 -5.89 -36.51 1.72
CA SER F 208 -5.61 -37.07 0.40
C SER F 208 -4.43 -36.37 -0.25
N PHE F 209 -3.86 -37.01 -1.26
CA PHE F 209 -2.80 -36.41 -2.06
C PHE F 209 -2.92 -36.81 -3.53
N LEU F 210 -2.43 -35.95 -4.41
CA LEU F 210 -2.40 -36.21 -5.85
C LEU F 210 -1.17 -35.54 -6.43
N VAL F 211 -0.48 -36.26 -7.31
CA VAL F 211 0.66 -35.70 -8.04
C VAL F 211 0.32 -35.83 -9.53
N THR F 212 0.30 -34.70 -10.24
CA THR F 212 -0.24 -34.66 -11.61
C THR F 212 0.29 -33.49 -12.44
N ASP F 213 0.23 -33.61 -13.76
CA ASP F 213 0.55 -32.50 -14.68
C ASP F 213 -0.70 -31.96 -15.37
N ASP F 214 -1.87 -32.24 -14.79
CA ASP F 214 -3.15 -31.78 -15.30
C ASP F 214 -3.47 -30.39 -14.77
N ALA F 215 -3.57 -29.42 -15.67
CA ALA F 215 -3.81 -28.01 -15.31
C ALA F 215 -5.11 -27.77 -14.54
N SER F 216 -6.10 -28.65 -14.71
CA SER F 216 -7.38 -28.53 -14.03
C SER F 216 -7.30 -28.85 -12.52
N SER F 217 -6.19 -29.44 -12.09
CA SER F 217 -6.00 -29.83 -10.69
C SER F 217 -5.98 -28.65 -9.72
N VAL F 218 -5.75 -27.44 -10.22
CA VAL F 218 -5.75 -26.24 -9.39
C VAL F 218 -7.17 -25.83 -8.98
N GLU F 219 -8.18 -26.30 -9.72
CA GLU F 219 -9.57 -25.91 -9.48
C GLU F 219 -10.04 -26.31 -8.07
N GLY F 220 -10.66 -25.37 -7.37
CA GLY F 220 -11.13 -25.60 -6.00
C GLY F 220 -10.09 -25.40 -4.90
N ALA F 221 -8.87 -24.98 -5.26
CA ALA F 221 -7.81 -24.78 -4.25
C ALA F 221 -8.16 -23.62 -3.32
N ASP F 222 -7.93 -23.81 -2.03
CA ASP F 222 -8.08 -22.73 -1.04
C ASP F 222 -6.76 -21.99 -0.84
N PHE F 223 -5.65 -22.72 -0.99
CA PHE F 223 -4.31 -22.14 -0.96
C PHE F 223 -3.54 -22.64 -2.18
N LEU F 224 -2.92 -21.72 -2.90
CA LEU F 224 -2.08 -22.04 -4.04
C LEU F 224 -0.67 -21.58 -3.71
N TYR F 225 0.28 -22.51 -3.75
CA TYR F 225 1.62 -22.31 -3.22
C TYR F 225 2.63 -22.56 -4.33
N THR F 226 3.69 -21.75 -4.41
CA THR F 226 4.77 -22.04 -5.34
C THR F 226 6.17 -21.70 -4.76
N ASP F 227 7.20 -21.99 -5.55
CA ASP F 227 8.59 -21.85 -5.12
C ASP F 227 9.39 -21.61 -6.41
N VAL F 228 10.67 -21.27 -6.25
CA VAL F 228 11.56 -21.02 -7.37
C VAL F 228 11.77 -22.27 -8.23
N TRP F 229 12.30 -22.05 -9.43
CA TRP F 229 12.52 -23.10 -10.41
C TRP F 229 13.96 -23.49 -10.57
N TYR F 230 14.88 -22.76 -9.94
CA TYR F 230 16.30 -22.96 -10.22
C TYR F 230 16.95 -24.10 -9.42
N GLY F 231 16.17 -24.84 -8.63
CA GLY F 231 16.67 -26.04 -7.99
C GLY F 231 17.54 -25.80 -6.76
N LEU F 232 18.55 -26.65 -6.57
CA LEU F 232 19.36 -26.65 -5.36
C LEU F 232 20.46 -25.59 -5.37
N TYR F 233 20.74 -25.04 -4.18
CA TYR F 233 21.78 -24.04 -3.95
C TYR F 233 23.12 -24.34 -4.66
N GLU F 234 23.61 -25.56 -4.48
CA GLU F 234 24.92 -25.95 -5.02
C GLU F 234 24.94 -26.17 -6.54
N ALA F 235 23.77 -26.41 -7.14
CA ALA F 235 23.70 -26.81 -8.54
C ALA F 235 22.44 -26.27 -9.22
N GLU F 236 22.38 -24.95 -9.39
CA GLU F 236 21.21 -24.29 -9.93
C GLU F 236 21.00 -24.61 -11.41
N LEU F 237 19.73 -24.69 -11.82
CA LEU F 237 19.35 -24.77 -13.25
C LEU F 237 19.42 -23.38 -13.85
N SER F 238 19.97 -23.27 -15.06
CA SER F 238 20.09 -21.98 -15.74
C SER F 238 18.71 -21.40 -16.08
N GLU F 239 18.68 -20.10 -16.35
CA GLU F 239 17.44 -19.42 -16.73
C GLU F 239 16.82 -20.05 -17.97
N GLU F 240 17.64 -20.26 -19.01
CA GLU F 240 17.18 -20.85 -20.26
C GLU F 240 16.59 -22.26 -20.05
N GLU F 241 17.27 -23.09 -19.26
CA GLU F 241 16.83 -24.45 -19.00
C GLU F 241 15.51 -24.50 -18.22
N ARG F 242 15.41 -23.69 -17.17
CA ARG F 242 14.23 -23.74 -16.31
C ARG F 242 12.99 -23.11 -16.96
N MET F 243 13.18 -22.09 -17.79
CA MET F 243 12.08 -21.55 -18.59
C MET F 243 11.55 -22.62 -19.54
N LYS F 244 12.45 -23.35 -20.19
CA LYS F 244 12.06 -24.45 -21.09
C LYS F 244 11.18 -25.48 -20.38
N VAL F 245 11.53 -25.83 -19.14
CA VAL F 245 10.77 -26.84 -18.41
C VAL F 245 9.44 -26.35 -17.86
N PHE F 246 9.39 -25.13 -17.32
CA PHE F 246 8.24 -24.67 -16.53
C PHE F 246 7.36 -23.58 -17.17
N TYR F 247 7.91 -22.80 -18.09
CA TYR F 247 7.22 -21.63 -18.60
C TYR F 247 6.53 -21.91 -19.94
N PRO F 248 5.26 -21.42 -20.12
CA PRO F 248 4.43 -20.64 -19.20
C PRO F 248 3.45 -21.44 -18.33
N LYS F 249 3.34 -22.75 -18.56
CA LYS F 249 2.29 -23.57 -17.93
C LYS F 249 2.26 -23.49 -16.41
N TYR F 250 3.44 -23.44 -15.78
CA TYR F 250 3.53 -23.46 -14.32
C TYR F 250 3.74 -22.08 -13.70
N GLN F 251 3.62 -21.03 -14.50
CA GLN F 251 3.66 -19.67 -13.94
C GLN F 251 2.34 -19.37 -13.25
N VAL F 252 2.41 -19.02 -11.97
CA VAL F 252 1.21 -18.63 -11.25
C VAL F 252 0.86 -17.19 -11.63
N ASN F 253 -0.12 -17.06 -12.52
CA ASN F 253 -0.61 -15.75 -12.96
C ASN F 253 -2.06 -15.56 -12.53
N GLN F 254 -2.66 -14.42 -12.86
CA GLN F 254 -4.03 -14.14 -12.44
C GLN F 254 -5.03 -15.13 -13.03
N GLU F 255 -4.76 -15.60 -14.25
CA GLU F 255 -5.60 -16.62 -14.89
C GLU F 255 -5.65 -17.89 -14.04
N MET F 256 -4.50 -18.34 -13.55
CA MET F 256 -4.44 -19.54 -12.70
C MET F 256 -5.15 -19.32 -11.37
N MET F 257 -4.96 -18.16 -10.76
CA MET F 257 -5.64 -17.85 -9.49
C MET F 257 -7.17 -17.84 -9.67
N ASP F 258 -7.63 -17.24 -10.76
CA ASP F 258 -9.06 -17.23 -11.08
C ASP F 258 -9.59 -18.64 -11.32
N ARG F 259 -8.80 -19.47 -11.99
CA ARG F 259 -9.16 -20.87 -12.20
C ARG F 259 -9.25 -21.65 -10.88
N ALA F 260 -8.36 -21.34 -9.94
CA ALA F 260 -8.41 -21.95 -8.61
C ALA F 260 -9.68 -21.54 -7.89
N GLY F 261 -9.95 -20.24 -7.88
CA GLY F 261 -11.16 -19.70 -7.25
C GLY F 261 -10.95 -18.26 -6.81
N ALA F 262 -12.05 -17.51 -6.74
CA ALA F 262 -12.02 -16.10 -6.38
C ALA F 262 -11.42 -15.86 -4.99
N ASN F 263 -11.58 -16.81 -4.07
CA ASN F 263 -11.10 -16.67 -2.70
C ASN F 263 -9.75 -17.36 -2.41
N CYS F 264 -9.17 -18.02 -3.41
CA CYS F 264 -7.93 -18.74 -3.23
C CYS F 264 -6.80 -17.79 -2.83
N LYS F 265 -6.06 -18.14 -1.79
CA LYS F 265 -4.93 -17.34 -1.30
C LYS F 265 -3.62 -17.81 -1.94
N PHE F 266 -2.73 -16.87 -2.23
CA PHE F 266 -1.41 -17.19 -2.81
C PHE F 266 -0.30 -17.22 -1.75
N MET F 267 0.49 -18.29 -1.77
CA MET F 267 1.60 -18.50 -0.83
C MET F 267 2.90 -18.78 -1.59
N HIS F 268 4.02 -18.41 -0.99
CA HIS F 268 5.35 -18.61 -1.55
C HIS F 268 6.33 -18.51 -0.42
N CYS F 269 7.26 -19.45 -0.31
CA CYS F 269 8.23 -19.48 0.80
C CYS F 269 9.23 -18.32 0.79
N LEU F 270 9.47 -17.76 -0.40
CA LEU F 270 10.40 -16.66 -0.64
C LEU F 270 11.85 -17.12 -0.49
N PRO F 271 12.80 -16.44 -1.18
CA PRO F 271 12.61 -15.35 -2.14
C PRO F 271 11.94 -15.84 -3.42
N ALA F 272 11.21 -14.95 -4.08
CA ALA F 272 10.50 -15.26 -5.32
C ALA F 272 11.23 -14.62 -6.52
N THR F 273 11.21 -15.31 -7.66
CA THR F 273 11.66 -14.76 -8.93
C THR F 273 10.46 -14.25 -9.72
N ARG F 274 10.20 -12.95 -9.61
CA ARG F 274 9.07 -12.32 -10.32
C ARG F 274 9.26 -12.45 -11.83
N GLY F 275 8.19 -12.81 -12.51
CA GLY F 275 8.22 -13.09 -13.93
C GLY F 275 8.54 -14.53 -14.28
N GLU F 276 8.78 -15.35 -13.27
CA GLU F 276 8.98 -16.79 -13.50
C GLU F 276 7.85 -17.61 -12.88
N GLU F 277 8.04 -18.05 -11.64
CA GLU F 277 7.02 -18.84 -10.95
C GLU F 277 5.74 -18.03 -10.70
N VAL F 278 5.87 -16.73 -10.49
CA VAL F 278 4.75 -15.86 -10.20
C VAL F 278 4.89 -14.51 -10.89
N THR F 279 3.75 -13.90 -11.20
CA THR F 279 3.73 -12.56 -11.75
C THR F 279 3.60 -11.51 -10.64
N ASP F 280 4.04 -10.29 -10.92
CA ASP F 280 3.88 -9.17 -10.00
C ASP F 280 2.42 -9.02 -9.56
N GLU F 281 1.49 -9.13 -10.52
CA GLU F 281 0.06 -8.98 -10.26
C GLU F 281 -0.44 -9.89 -9.14
N VAL F 282 0.03 -11.14 -9.12
CA VAL F 282 -0.42 -12.11 -8.13
C VAL F 282 0.26 -11.89 -6.77
N ILE F 283 1.58 -11.79 -6.75
CA ILE F 283 2.32 -11.70 -5.49
C ILE F 283 2.02 -10.41 -4.72
N ASP F 284 1.73 -9.32 -5.44
CA ASP F 284 1.37 -8.04 -4.82
C ASP F 284 -0.16 -7.83 -4.72
N GLY F 285 -0.95 -8.79 -5.19
CA GLY F 285 -2.41 -8.65 -5.22
C GLY F 285 -3.10 -8.85 -3.88
N LYS F 286 -4.41 -8.63 -3.86
CA LYS F 286 -5.20 -8.64 -2.63
C LYS F 286 -5.27 -10.02 -1.96
N ASN F 287 -5.10 -11.08 -2.74
CA ASN F 287 -5.18 -12.45 -2.21
C ASN F 287 -3.83 -13.09 -1.93
N SER F 288 -2.75 -12.32 -2.03
CA SER F 288 -1.43 -12.80 -1.62
C SER F 288 -1.29 -12.73 -0.12
N ILE F 289 -0.85 -13.82 0.50
CA ILE F 289 -0.55 -13.82 1.94
C ILE F 289 0.91 -14.17 2.23
N CYS F 290 1.77 -14.04 1.21
CA CYS F 290 3.14 -14.54 1.37
C CYS F 290 4.01 -13.70 2.32
N PHE F 291 3.64 -12.45 2.57
CA PHE F 291 4.38 -11.64 3.55
C PHE F 291 3.93 -11.89 5.00
N ASP F 292 2.64 -12.20 5.19
CA ASP F 292 2.20 -12.76 6.47
C ASP F 292 2.89 -14.09 6.73
N GLU F 293 3.00 -14.88 5.67
CA GLU F 293 3.70 -16.17 5.74
C GLU F 293 5.18 -16.02 6.17
N ALA F 294 5.85 -15.02 5.61
CA ALA F 294 7.25 -14.73 5.97
C ALA F 294 7.36 -14.33 7.44
N GLU F 295 6.45 -13.49 7.90
CA GLU F 295 6.43 -13.12 9.31
C GLU F 295 6.29 -14.38 10.18
N ASN F 296 5.51 -15.35 9.71
CA ASN F 296 5.23 -16.54 10.52
C ASN F 296 6.38 -17.54 10.58
N ARG F 297 7.45 -17.28 9.83
CA ARG F 297 8.71 -18.00 10.05
C ARG F 297 9.23 -17.71 11.45
N LEU F 298 9.16 -16.45 11.86
CA LEU F 298 9.55 -16.05 13.22
C LEU F 298 8.54 -16.57 14.24
N THR F 299 7.26 -16.45 13.94
CA THR F 299 6.20 -16.99 14.79
C THR F 299 6.43 -18.45 15.18
N SER F 300 6.66 -19.29 14.18
CA SER F 300 6.82 -20.72 14.39
C SER F 300 8.15 -21.07 15.07
N ILE F 301 9.22 -20.36 14.70
CA ILE F 301 10.53 -20.60 15.30
C ILE F 301 10.53 -20.30 16.81
N ARG F 302 9.86 -19.22 17.22
CA ARG F 302 9.70 -18.94 18.66
C ARG F 302 8.99 -20.09 19.38
N GLY F 303 7.89 -20.59 18.80
CA GLY F 303 7.16 -21.70 19.41
C GLY F 303 7.97 -22.98 19.52
N LEU F 304 8.72 -23.29 18.46
CA LEU F 304 9.59 -24.48 18.44
C LEU F 304 10.68 -24.43 19.50
N LEU F 305 11.37 -23.29 19.57
CA LEU F 305 12.44 -23.12 20.56
C LEU F 305 11.93 -23.31 21.98
N VAL F 306 10.80 -22.68 22.30
CA VAL F 306 10.20 -22.79 23.62
C VAL F 306 9.76 -24.23 23.89
N TYR F 307 9.09 -24.87 22.92
CA TYR F 307 8.64 -26.26 23.09
C TYR F 307 9.80 -27.21 23.38
N LEU F 308 10.85 -27.13 22.56
CA LEU F 308 12.00 -28.03 22.71
C LEU F 308 12.78 -27.80 24.01
N MET F 309 12.92 -26.54 24.43
CA MET F 309 13.63 -26.25 25.66
C MET F 309 12.79 -26.59 26.89
N ASN F 310 11.48 -26.38 26.84
CA ASN F 310 10.57 -26.84 27.91
C ASN F 310 10.64 -28.36 28.05
N ASP F 311 10.64 -29.05 26.91
CA ASP F 311 10.77 -30.51 26.91
C ASP F 311 12.09 -30.95 27.54
N TYR F 312 13.18 -30.28 27.14
CA TYR F 312 14.50 -30.60 27.68
C TYR F 312 14.54 -30.44 29.20
N GLU F 313 14.02 -29.32 29.69
CA GLU F 313 14.03 -29.04 31.13
C GLU F 313 13.14 -30.02 31.92
N ALA F 314 12.00 -30.41 31.35
CA ALA F 314 11.12 -31.40 31.99
C ALA F 314 11.83 -32.74 32.14
N LYS F 315 12.61 -33.13 31.12
CA LYS F 315 13.39 -34.37 31.18
C LYS F 315 14.67 -34.27 31.99
N ASN F 316 15.17 -33.05 32.19
CA ASN F 316 16.43 -32.81 32.89
C ASN F 316 16.26 -31.68 33.91
N PRO F 317 15.41 -31.90 34.92
CA PRO F 317 15.05 -30.81 35.83
C PRO F 317 16.22 -30.32 36.70
N TYR F 318 16.20 -29.05 37.06
CA TYR F 318 17.16 -28.50 38.01
C TYR F 318 16.80 -28.86 39.45
N ASP F 319 17.82 -29.18 40.24
CA ASP F 319 17.65 -29.40 41.67
C ASP F 319 17.71 -28.05 42.39
N LEU F 320 16.56 -27.57 42.87
CA LEU F 320 16.47 -26.20 43.41
C LEU F 320 17.21 -26.02 44.74
N ILE F 321 17.39 -27.10 45.50
CA ILE F 321 18.18 -27.07 46.73
C ILE F 321 19.66 -26.86 46.39
N LYS F 322 20.16 -27.63 45.43
CA LYS F 322 21.56 -27.51 45.01
C LYS F 322 21.81 -26.18 44.28
N GLN F 323 20.79 -25.69 43.58
CA GLN F 323 20.86 -24.37 42.95
C GLN F 323 21.04 -23.27 44.00
N ALA F 324 20.20 -23.31 45.05
CA ALA F 324 20.28 -22.36 46.15
C ALA F 324 21.63 -22.41 46.87
N GLU F 325 22.12 -23.62 47.11
CA GLU F 325 23.43 -23.82 47.74
C GLU F 325 24.56 -23.25 46.86
N ALA F 326 24.50 -23.51 45.55
CA ALA F 326 25.54 -23.05 44.62
C ALA F 326 25.56 -21.52 44.52
N LYS F 327 24.38 -20.91 44.49
CA LYS F 327 24.27 -19.45 44.46
C LYS F 327 24.88 -18.83 45.71
N LYS F 328 24.55 -19.39 46.88
CA LYS F 328 25.08 -18.89 48.15
C LYS F 328 26.61 -19.02 48.20
N GLU F 329 27.13 -20.17 47.81
CA GLU F 329 28.58 -20.41 47.83
C GLU F 329 29.32 -19.42 46.90
N LEU F 330 28.76 -19.15 45.73
CA LEU F 330 29.37 -18.19 44.80
C LEU F 330 29.37 -16.78 45.43
N GLU F 331 28.25 -16.37 45.98
CA GLU F 331 28.13 -15.04 46.62
C GLU F 331 29.10 -14.86 47.79
N VAL F 332 29.24 -15.90 48.63
CA VAL F 332 30.20 -15.86 49.73
C VAL F 332 31.63 -15.76 49.21
N PHE F 333 31.94 -16.51 48.17
CA PHE F 333 33.27 -16.48 47.57
C PHE F 333 33.62 -15.10 47.02
N LEU F 334 32.66 -14.46 46.36
CA LEU F 334 32.89 -13.15 45.76
C LEU F 334 32.90 -12.02 46.79
N ASP F 335 32.29 -12.25 47.95
CA ASP F 335 32.29 -11.24 49.02
C ASP F 335 33.59 -11.33 49.81
N THR F 336 34.05 -12.57 50.03
CA THR F 336 35.35 -12.85 50.66
C THR F 336 36.40 -13.35 49.66
#